data_7N08
#
_entry.id   7N08
#
_cell.length_a   77.825
_cell.length_b   77.825
_cell.length_c   218.972
_cell.angle_alpha   90.000
_cell.angle_beta   90.000
_cell.angle_gamma   120.000
#
_symmetry.space_group_name_H-M   'P 32'
#
loop_
_entity.id
_entity.type
_entity.pdbx_description
1 polymer 'HIV-1 gp41 immunodominant region'
2 polymer 'Fab 3D6 heavy chain'
3 polymer 'Fab 3D6 light chain'
4 water water
#
loop_
_entity_poly.entity_id
_entity_poly.type
_entity_poly.pdbx_seq_one_letter_code
_entity_poly.pdbx_strand_id
1 'polypeptide(L)' WGSSGKLISTTAVPW G,F,E
2 'polypeptide(L)'
;EVQLVESGGGLVQPGRSLRLSCAASGFTFNDYAMHWVRQAPGKGLEWVSGISWDSSSIGYADSVKGRFTISRDNAKNSLY
LQMNSLRAEDMALYYCVKGRDYYDSGGYFTVAFDIWGQGTMVTVSSASTKGPSVFPLAPSSKSTSGGTAALGCLVKDYFP
EPVTVSWNSGALTSGVHTFPAVLQSSGLYSLSSVVTVPSSSLGTQTYICNVNHKPSNTKVDKKVEPKSCGRLVPRGSHHH
HHHHHHH
;
H,A,C
3 'polypeptide(L)'
;DIQMTQSPSTLSASVGDRVTITCRASQSISRWLAWYQQKPGKVPKLLIYKASSLESGVPSRFSGSGSGTEFTLTISSLQP
DDFATYYCQQYNSYSFGPGTKVDIKRTVAAPSVFIFPPSDEQLKSGTASVVCLLNNFYPREAKVQWKVDNALQSGNSQES
VTEQDSKDSTYSLSSTLTLSKADYEKHKVYACEVTHQGLSSPVTKSFNRGEC
;
L,B,D
#
# COMPACT_ATOMS: atom_id res chain seq x y z
N GLY A 5 51.92 6.27 -13.52
CA GLY A 5 51.51 6.28 -12.13
C GLY A 5 50.15 6.95 -11.95
N LYS A 6 49.69 7.67 -12.95
CA LYS A 6 48.46 8.47 -12.85
C LYS A 6 47.27 7.74 -13.47
N LEU A 7 46.17 7.64 -12.72
CA LEU A 7 44.97 7.04 -13.29
C LEU A 7 44.40 7.90 -14.41
N ILE A 8 44.44 9.22 -14.23
CA ILE A 8 43.94 10.15 -15.24
C ILE A 8 45.01 11.20 -15.47
N SER A 9 45.51 11.27 -16.71
CA SER A 9 46.47 12.30 -17.08
C SER A 9 46.51 12.42 -18.60
N THR A 10 46.97 13.58 -19.07
CA THR A 10 47.20 13.83 -20.48
C THR A 10 48.49 14.60 -20.64
N THR A 11 49.15 14.38 -21.78
CA THR A 11 50.34 15.15 -22.13
C THR A 11 50.01 16.55 -22.61
N ALA A 12 48.76 16.79 -22.97
CA ALA A 12 48.33 18.05 -23.55
C ALA A 12 48.02 19.01 -22.42
N VAL A 13 48.32 20.29 -22.63
CA VAL A 13 48.12 21.34 -21.64
C VAL A 13 47.22 22.43 -22.22
N PRO A 14 46.33 23.02 -21.42
CA PRO A 14 45.37 23.97 -21.98
C PRO A 14 45.97 25.32 -22.34
N TRP A 15 47.17 25.65 -21.90
CA TRP A 15 47.79 26.87 -22.38
C TRP A 15 48.46 26.56 -23.71
N VAL B 2 -12.54 2.48 14.66
CA VAL B 2 -13.77 2.41 13.84
C VAL B 2 -13.49 2.87 12.38
N GLN B 3 -13.71 1.98 11.42
CA GLN B 3 -13.09 2.15 10.11
C GLN B 3 -13.82 1.38 9.03
N LEU B 4 -13.75 1.92 7.81
CA LEU B 4 -14.23 1.27 6.60
C LEU B 4 -13.11 1.36 5.58
N VAL B 5 -12.57 0.22 5.16
CA VAL B 5 -11.41 0.19 4.28
C VAL B 5 -11.82 -0.48 2.98
N GLU B 6 -11.86 0.31 1.91
CA GLU B 6 -12.16 -0.18 0.57
C GLU B 6 -10.95 -0.79 -0.12
N SER B 7 -11.21 -1.79 -0.95
CA SER B 7 -10.21 -2.19 -1.92
C SER B 7 -10.92 -2.70 -3.17
N GLY B 8 -10.12 -2.98 -4.17
CA GLY B 8 -10.59 -3.53 -5.44
C GLY B 8 -10.56 -2.53 -6.57
N GLY B 9 -10.39 -1.24 -6.29
CA GLY B 9 -10.34 -0.24 -7.33
C GLY B 9 -9.05 -0.32 -8.11
N GLY B 10 -9.06 0.38 -9.25
CA GLY B 10 -7.90 0.44 -10.11
C GLY B 10 -8.31 0.85 -11.51
N LEU B 11 -7.38 0.62 -12.43
CA LEU B 11 -7.57 0.91 -13.84
C LEU B 11 -8.28 -0.27 -14.45
N VAL B 12 -9.36 0.00 -15.19
CA VAL B 12 -10.15 -1.05 -15.84
C VAL B 12 -10.60 -0.50 -17.17
N GLN B 13 -10.67 -1.38 -18.19
CA GLN B 13 -11.11 -0.91 -19.51
C GLN B 13 -12.63 -0.86 -19.59
N PRO B 14 -13.18 0.04 -20.42
CA PRO B 14 -14.64 0.06 -20.62
C PRO B 14 -15.14 -1.31 -21.07
N GLY B 15 -16.28 -1.72 -20.51
CA GLY B 15 -16.86 -3.01 -20.81
C GLY B 15 -16.38 -4.14 -19.91
N ARG B 16 -15.33 -3.92 -19.11
CA ARG B 16 -14.90 -4.94 -18.18
C ARG B 16 -15.58 -4.74 -16.82
N SER B 17 -15.26 -5.63 -15.88
CA SER B 17 -15.89 -5.62 -14.57
C SER B 17 -14.82 -5.47 -13.50
N LEU B 18 -15.26 -4.96 -12.34
CA LEU B 18 -14.47 -4.94 -11.11
C LEU B 18 -15.36 -5.35 -9.94
N ARG B 19 -14.72 -5.85 -8.89
CA ARG B 19 -15.41 -6.14 -7.64
C ARG B 19 -14.78 -5.32 -6.52
N LEU B 20 -15.54 -4.40 -5.95
CA LEU B 20 -15.03 -3.63 -4.81
C LEU B 20 -15.35 -4.37 -3.53
N SER B 21 -14.47 -4.22 -2.53
CA SER B 21 -14.66 -4.80 -1.19
C SER B 21 -14.51 -3.70 -0.16
N CYS B 22 -15.12 -3.92 1.01
CA CYS B 22 -14.99 -2.98 2.12
C CYS B 22 -14.99 -3.75 3.44
N ALA B 23 -13.93 -3.57 4.21
CA ALA B 23 -13.75 -4.27 5.48
C ALA B 23 -14.05 -3.29 6.60
N ALA B 24 -15.05 -3.64 7.41
CA ALA B 24 -15.54 -2.80 8.48
C ALA B 24 -14.98 -3.28 9.82
N SER B 25 -14.65 -2.33 10.69
CA SER B 25 -14.23 -2.69 12.03
C SER B 25 -14.63 -1.58 12.99
N GLY B 26 -14.72 -1.95 14.27
CA GLY B 26 -14.99 -1.00 15.32
C GLY B 26 -16.45 -0.76 15.59
N PHE B 27 -17.35 -1.41 14.88
CA PHE B 27 -18.76 -1.34 15.20
C PHE B 27 -19.42 -2.66 14.83
N THR B 28 -20.67 -2.82 15.25
CA THR B 28 -21.45 -4.01 14.96
C THR B 28 -22.01 -3.88 13.55
N PHE B 29 -21.23 -4.40 12.60
CA PHE B 29 -21.51 -4.20 11.18
C PHE B 29 -22.91 -4.68 10.83
N ASN B 30 -23.29 -5.84 11.33
CA ASN B 30 -24.58 -6.47 11.05
C ASN B 30 -25.77 -5.59 11.45
N ASP B 31 -25.58 -4.58 12.31
CA ASP B 31 -26.70 -3.79 12.83
C ASP B 31 -27.10 -2.63 11.92
N TYR B 32 -26.39 -2.39 10.81
CA TYR B 32 -26.53 -1.16 10.05
C TYR B 32 -26.72 -1.40 8.56
N ALA B 33 -27.63 -0.62 7.94
CA ALA B 33 -27.58 -0.51 6.50
C ALA B 33 -26.18 -0.02 6.11
N MET B 34 -25.72 -0.48 4.95
CA MET B 34 -24.42 -0.09 4.36
C MET B 34 -24.61 0.31 2.92
N HIS B 35 -23.77 1.25 2.46
CA HIS B 35 -23.99 1.94 1.20
C HIS B 35 -22.66 2.21 0.48
N TRP B 36 -22.79 2.45 -0.82
CA TRP B 36 -21.71 2.91 -1.69
C TRP B 36 -22.08 4.26 -2.29
N VAL B 37 -21.17 5.20 -2.16
CA VAL B 37 -21.29 6.54 -2.72
C VAL B 37 -20.04 6.77 -3.55
N ARG B 38 -20.19 7.43 -4.71
CA ARG B 38 -19.03 7.73 -5.56
C ARG B 38 -18.93 9.22 -5.84
N GLN B 39 -17.71 9.61 -6.23
CA GLN B 39 -17.40 11.01 -6.52
C GLN B 39 -16.39 11.08 -7.65
N ALA B 40 -16.79 11.63 -8.79
CA ALA B 40 -15.86 11.78 -9.89
C ALA B 40 -14.92 12.94 -9.59
N PRO B 41 -13.66 12.87 -10.03
CA PRO B 41 -12.72 13.94 -9.71
C PRO B 41 -13.28 15.29 -10.13
N GLY B 42 -13.25 16.24 -9.19
CA GLY B 42 -13.78 17.57 -9.41
C GLY B 42 -15.28 17.71 -9.37
N LYS B 43 -16.03 16.68 -9.02
CA LYS B 43 -17.48 16.74 -9.09
C LYS B 43 -18.10 16.49 -7.72
N GLY B 44 -19.44 16.44 -7.70
CA GLY B 44 -20.18 16.24 -6.48
C GLY B 44 -20.35 14.77 -6.14
N LEU B 45 -21.28 14.53 -5.23
CA LEU B 45 -21.51 13.20 -4.68
C LEU B 45 -22.66 12.51 -5.41
N GLU B 46 -22.52 11.22 -5.63
CA GLU B 46 -23.61 10.44 -6.21
C GLU B 46 -23.72 9.11 -5.46
N TRP B 47 -24.89 8.89 -4.89
CA TRP B 47 -25.21 7.59 -4.27
C TRP B 47 -25.36 6.53 -5.35
N VAL B 48 -24.79 5.37 -5.09
CA VAL B 48 -24.72 4.27 -6.05
C VAL B 48 -25.67 3.12 -5.69
N SER B 49 -25.62 2.66 -4.44
CA SER B 49 -26.26 1.43 -4.03
C SER B 49 -26.26 1.34 -2.51
N GLY B 50 -27.20 0.57 -1.98
CA GLY B 50 -27.30 0.32 -0.55
C GLY B 50 -28.00 -1.00 -0.26
N ILE B 51 -27.81 -1.47 0.97
CA ILE B 51 -28.39 -2.73 1.43
C ILE B 51 -28.72 -2.60 2.91
N SER B 52 -29.97 -2.95 3.29
CA SER B 52 -30.43 -2.83 4.66
C SER B 52 -29.63 -3.77 5.57
N TRP B 53 -29.75 -3.52 6.89
CA TRP B 53 -28.97 -4.29 7.87
C TRP B 53 -29.18 -5.79 7.72
N ASP B 54 -30.39 -6.21 7.37
CA ASP B 54 -30.78 -7.62 7.31
C ASP B 54 -30.73 -8.19 5.89
N SER B 55 -30.15 -7.44 4.96
CA SER B 55 -30.04 -7.81 3.55
C SER B 55 -31.37 -7.98 2.82
N SER B 56 -32.51 -7.69 3.46
CA SER B 56 -33.80 -7.92 2.79
C SER B 56 -34.16 -6.82 1.79
N SER B 57 -33.53 -5.66 1.87
CA SER B 57 -33.87 -4.56 0.99
C SER B 57 -32.60 -4.03 0.34
N ILE B 58 -32.60 -3.94 -0.99
CA ILE B 58 -31.45 -3.53 -1.80
C ILE B 58 -31.93 -2.46 -2.79
N GLY B 59 -31.09 -1.44 -3.03
CA GLY B 59 -31.44 -0.41 -3.99
C GLY B 59 -30.21 0.02 -4.78
N TYR B 60 -30.48 0.60 -5.96
CA TYR B 60 -29.45 1.12 -6.87
C TYR B 60 -29.89 2.43 -7.50
N ALA B 61 -28.92 3.30 -7.76
CA ALA B 61 -29.13 4.41 -8.67
C ALA B 61 -29.52 3.87 -10.03
N ASP B 62 -30.41 4.59 -10.71
CA ASP B 62 -30.84 4.18 -12.04
C ASP B 62 -29.67 3.98 -13.00
N SER B 63 -28.63 4.82 -12.87
CA SER B 63 -27.50 4.77 -13.81
C SER B 63 -26.70 3.49 -13.69
N VAL B 64 -26.85 2.73 -12.60
CA VAL B 64 -26.07 1.51 -12.41
C VAL B 64 -26.94 0.28 -12.32
N LYS B 65 -28.26 0.43 -12.30
CA LYS B 65 -29.15 -0.68 -12.02
C LYS B 65 -29.13 -1.66 -13.19
N GLY B 66 -29.14 -2.96 -12.87
CA GLY B 66 -28.89 -4.00 -13.84
C GLY B 66 -27.42 -4.35 -14.08
N ARG B 67 -26.48 -3.49 -13.68
CA ARG B 67 -25.06 -3.75 -13.88
C ARG B 67 -24.30 -3.97 -12.58
N PHE B 68 -24.72 -3.33 -11.50
CA PHE B 68 -24.05 -3.46 -10.23
C PHE B 68 -24.88 -4.34 -9.31
N THR B 69 -24.19 -5.07 -8.45
CA THR B 69 -24.80 -5.90 -7.42
C THR B 69 -24.09 -5.63 -6.09
N ILE B 70 -24.86 -5.17 -5.11
CA ILE B 70 -24.37 -4.98 -3.74
C ILE B 70 -24.66 -6.25 -2.96
N SER B 71 -23.78 -6.58 -2.03
CA SER B 71 -23.95 -7.73 -1.17
C SER B 71 -23.14 -7.49 0.09
N ARG B 72 -23.45 -8.25 1.14
CA ARG B 72 -22.63 -8.20 2.36
C ARG B 72 -22.42 -9.61 2.88
N ASP B 73 -21.30 -9.78 3.58
CA ASP B 73 -20.98 -10.99 4.31
C ASP B 73 -20.79 -10.59 5.77
N ASN B 74 -21.84 -10.75 6.58
CA ASN B 74 -21.78 -10.22 7.93
C ASN B 74 -20.70 -10.91 8.76
N ALA B 75 -20.53 -12.23 8.62
CA ALA B 75 -19.51 -12.96 9.37
C ALA B 75 -18.10 -12.43 9.08
N LYS B 76 -17.88 -11.83 7.89
CA LYS B 76 -16.59 -11.23 7.55
C LYS B 76 -16.60 -9.71 7.67
N ASN B 77 -17.68 -9.12 8.19
CA ASN B 77 -17.77 -7.68 8.37
C ASN B 77 -17.39 -6.96 7.08
N SER B 78 -17.93 -7.44 5.96
CA SER B 78 -17.52 -6.95 4.65
C SER B 78 -18.72 -6.60 3.80
N LEU B 79 -18.56 -5.55 3.01
CA LEU B 79 -19.53 -5.09 2.02
C LEU B 79 -18.87 -5.18 0.65
N TYR B 80 -19.66 -5.51 -0.38
CA TYR B 80 -19.12 -5.69 -1.73
C TYR B 80 -19.98 -4.95 -2.76
N LEU B 81 -19.34 -4.65 -3.89
CA LEU B 81 -20.01 -4.10 -5.05
C LEU B 81 -19.43 -4.76 -6.28
N GLN B 82 -20.24 -5.57 -6.93
CA GLN B 82 -19.91 -6.20 -8.20
C GLN B 82 -20.32 -5.25 -9.31
N MET B 83 -19.35 -4.83 -10.11
CA MET B 83 -19.57 -3.81 -11.13
C MET B 83 -19.32 -4.42 -12.49
N ASN B 84 -20.39 -4.65 -13.24
CA ASN B 84 -20.27 -5.21 -14.58
C ASN B 84 -20.38 -4.12 -15.63
N SER B 85 -19.86 -4.44 -16.81
CA SER B 85 -20.07 -3.64 -18.00
C SER B 85 -19.84 -2.15 -17.72
N LEU B 86 -18.68 -1.87 -17.15
CA LEU B 86 -18.33 -0.54 -16.71
C LEU B 86 -18.26 0.43 -17.88
N ARG B 87 -18.63 1.68 -17.58
CA ARG B 87 -18.66 2.76 -18.55
C ARG B 87 -17.65 3.83 -18.18
N ALA B 88 -17.34 4.67 -19.15
CA ALA B 88 -16.45 5.79 -18.86
C ALA B 88 -17.02 6.64 -17.74
N GLU B 89 -18.33 6.73 -17.76
CA GLU B 89 -19.11 7.55 -16.81
C GLU B 89 -19.11 6.96 -15.37
N ASP B 90 -18.64 5.74 -15.19
CA ASP B 90 -18.53 5.12 -13.86
C ASP B 90 -17.20 5.43 -13.18
N MET B 91 -16.31 6.11 -13.88
CA MET B 91 -15.04 6.55 -13.32
C MET B 91 -15.28 7.47 -12.13
N ALA B 92 -14.71 7.12 -10.98
CA ALA B 92 -14.96 7.84 -9.75
C ALA B 92 -14.24 7.17 -8.60
N LEU B 93 -14.07 7.93 -7.52
CA LEU B 93 -13.66 7.42 -6.22
C LEU B 93 -14.89 6.83 -5.56
N TYR B 94 -14.80 5.57 -5.13
CA TYR B 94 -15.96 4.87 -4.55
C TYR B 94 -15.76 4.72 -3.04
N TYR B 95 -16.68 5.31 -2.27
CA TYR B 95 -16.66 5.29 -0.81
C TYR B 95 -17.59 4.20 -0.29
N CYS B 96 -17.07 3.43 0.63
CA CYS B 96 -17.91 2.58 1.48
C CYS B 96 -18.40 3.41 2.67
N VAL B 97 -19.70 3.29 2.98
CA VAL B 97 -20.38 4.20 3.88
C VAL B 97 -21.31 3.45 4.81
N LYS B 98 -21.23 3.76 6.11
CA LYS B 98 -22.12 3.19 7.12
C LYS B 98 -23.35 4.05 7.25
N GLY B 99 -24.51 3.41 7.20
CA GLY B 99 -25.75 4.08 7.46
C GLY B 99 -26.10 4.13 8.95
N ARG B 100 -26.83 5.18 9.29
CA ARG B 100 -27.56 5.27 10.55
C ARG B 100 -29.04 5.27 10.23
N ASP B 101 -29.81 4.41 10.92
CA ASP B 101 -31.15 4.05 10.50
C ASP B 101 -32.19 4.51 11.54
N TYR B 102 -33.44 4.53 11.09
CA TYR B 102 -34.52 5.14 11.85
C TYR B 102 -35.83 4.48 11.46
N TYR B 103 -36.72 4.30 12.42
CA TYR B 103 -37.98 3.63 12.15
C TYR B 103 -39.10 4.66 12.05
N ASP B 104 -39.84 4.62 10.96
CA ASP B 104 -40.97 5.53 10.79
C ASP B 104 -41.97 4.96 9.79
N SER B 105 -43.26 5.10 10.13
CA SER B 105 -44.35 4.73 9.22
C SER B 105 -44.16 3.32 8.67
N GLY B 106 -43.92 2.37 9.56
CA GLY B 106 -43.86 0.97 9.19
C GLY B 106 -42.57 0.49 8.54
N GLY B 107 -41.52 1.30 8.53
CA GLY B 107 -40.28 0.90 7.87
C GLY B 107 -39.06 1.44 8.58
N TYR B 108 -37.95 0.68 8.46
CA TYR B 108 -36.65 1.01 9.04
C TYR B 108 -35.72 1.36 7.89
N PHE B 109 -35.20 2.59 7.90
CA PHE B 109 -34.49 3.11 6.74
C PHE B 109 -33.41 4.08 7.15
N THR B 110 -32.40 4.20 6.30
CA THR B 110 -31.27 5.08 6.56
C THR B 110 -31.68 6.55 6.54
N VAL B 111 -31.19 7.29 7.54
CA VAL B 111 -31.37 8.74 7.61
C VAL B 111 -30.06 9.50 7.59
N ALA B 112 -28.91 8.83 7.67
CA ALA B 112 -27.65 9.55 7.66
C ALA B 112 -26.55 8.59 7.25
N PHE B 113 -25.47 9.16 6.72
CA PHE B 113 -24.25 8.44 6.41
C PHE B 113 -23.21 8.96 7.40
N ASP B 114 -22.99 8.24 8.51
CA ASP B 114 -22.20 8.85 9.58
C ASP B 114 -20.73 8.48 9.58
N ILE B 115 -20.33 7.38 8.96
CA ILE B 115 -18.92 7.02 8.81
C ILE B 115 -18.62 6.73 7.34
N TRP B 116 -17.48 7.22 6.87
CA TRP B 116 -17.12 7.14 5.45
C TRP B 116 -15.72 6.56 5.32
N GLY B 117 -15.55 5.63 4.40
CA GLY B 117 -14.21 5.18 4.08
C GLY B 117 -13.47 6.25 3.32
N GLN B 118 -12.17 6.03 3.14
CA GLN B 118 -11.35 6.95 2.35
C GLN B 118 -11.63 6.83 0.86
N GLY B 119 -12.15 5.70 0.41
CA GLY B 119 -12.50 5.51 -0.97
C GLY B 119 -11.44 4.73 -1.73
N THR B 120 -11.89 4.03 -2.77
CA THR B 120 -11.00 3.35 -3.70
C THR B 120 -11.30 3.85 -5.10
N MET B 121 -10.26 4.16 -5.84
CA MET B 121 -10.40 4.86 -7.11
C MET B 121 -10.65 3.86 -8.24
N VAL B 122 -11.68 4.09 -9.02
CA VAL B 122 -12.01 3.27 -10.18
C VAL B 122 -11.80 4.14 -11.42
N THR B 123 -10.81 3.76 -12.23
CA THR B 123 -10.41 4.53 -13.41
C THR B 123 -10.83 3.68 -14.59
N VAL B 124 -11.79 4.15 -15.35
CA VAL B 124 -12.32 3.42 -16.49
C VAL B 124 -11.84 4.13 -17.74
N SER B 125 -10.89 3.50 -18.42
CA SER B 125 -10.29 4.14 -19.58
C SER B 125 -9.70 3.09 -20.51
N SER B 126 -9.77 3.38 -21.79
CA SER B 126 -9.07 2.59 -22.80
C SER B 126 -7.65 3.12 -23.07
N ALA B 127 -7.17 4.13 -22.35
CA ALA B 127 -5.84 4.68 -22.59
C ALA B 127 -4.75 3.73 -22.08
N SER B 128 -3.61 3.74 -22.77
CA SER B 128 -2.44 2.98 -22.34
C SER B 128 -1.60 3.79 -21.38
N THR B 129 -0.95 3.10 -20.45
CA THR B 129 -0.12 3.77 -19.45
C THR B 129 1.05 4.42 -20.16
N LYS B 130 1.29 5.71 -19.88
CA LYS B 130 2.28 6.51 -20.62
C LYS B 130 2.83 7.62 -19.74
N GLY B 131 4.16 7.78 -19.80
CA GLY B 131 4.83 8.85 -19.10
C GLY B 131 4.63 10.16 -19.85
N PRO B 132 4.74 11.26 -19.13
CA PRO B 132 4.57 12.57 -19.75
C PRO B 132 5.79 12.98 -20.55
N SER B 133 5.55 13.83 -21.54
CA SER B 133 6.58 14.74 -22.03
C SER B 133 6.49 16.02 -21.18
N VAL B 134 7.65 16.54 -20.81
CA VAL B 134 7.71 17.73 -19.95
C VAL B 134 8.29 18.88 -20.77
N PHE B 135 7.50 19.93 -20.96
CA PHE B 135 7.94 21.04 -21.80
C PHE B 135 8.07 22.33 -20.98
N PRO B 136 9.05 23.16 -21.29
CA PRO B 136 9.21 24.40 -20.52
C PRO B 136 8.10 25.40 -20.82
N LEU B 137 7.68 26.09 -19.79
CA LEU B 137 6.87 27.30 -19.91
C LEU B 137 7.89 28.42 -19.71
N ALA B 138 8.46 28.92 -20.86
CA ALA B 138 9.69 29.71 -20.77
C ALA B 138 9.37 31.13 -20.35
N PRO B 139 10.14 31.71 -19.42
CA PRO B 139 9.90 33.10 -19.05
C PRO B 139 10.43 34.03 -20.13
N SER B 140 9.63 35.03 -20.50
CA SER B 140 9.95 35.94 -21.58
C SER B 140 9.44 37.32 -21.21
N SER B 141 9.63 38.27 -22.11
CA SER B 141 9.10 39.61 -21.92
C SER B 141 7.57 39.59 -21.90
N LYS B 142 6.95 38.51 -22.35
CA LYS B 142 5.51 38.33 -22.27
C LYS B 142 5.04 37.63 -21.01
N SER B 143 5.95 37.23 -20.09
CA SER B 143 5.53 36.59 -18.83
C SER B 143 6.17 37.25 -17.61
N THR B 144 6.30 38.57 -17.65
CA THR B 144 6.78 39.35 -16.52
C THR B 144 5.76 40.42 -16.16
N SER B 145 5.83 40.87 -14.91
CA SER B 145 4.85 41.83 -14.39
C SER B 145 5.44 42.45 -13.13
N GLY B 146 5.91 43.69 -13.23
CA GLY B 146 6.47 44.40 -12.10
C GLY B 146 7.55 43.69 -11.30
N GLY B 147 8.72 43.52 -11.90
CA GLY B 147 9.84 42.86 -11.25
C GLY B 147 9.68 41.38 -10.96
N THR B 148 8.59 40.75 -11.38
CA THR B 148 8.46 39.31 -11.17
C THR B 148 8.30 38.67 -12.55
N ALA B 149 8.81 37.47 -12.67
CA ALA B 149 8.68 36.68 -13.88
C ALA B 149 7.95 35.39 -13.53
N ALA B 150 7.12 34.90 -14.42
CA ALA B 150 6.55 33.57 -14.28
C ALA B 150 7.22 32.60 -15.25
N LEU B 151 7.37 31.35 -14.79
CA LEU B 151 7.90 30.26 -15.59
C LEU B 151 7.25 28.97 -15.11
N GLY B 152 7.45 27.89 -15.86
CA GLY B 152 6.86 26.65 -15.39
C GLY B 152 7.20 25.48 -16.27
N CYS B 153 6.44 24.42 -16.06
CA CYS B 153 6.54 23.19 -16.80
C CYS B 153 5.14 22.71 -17.13
N LEU B 154 4.98 22.35 -18.40
CA LEU B 154 3.79 21.72 -18.93
C LEU B 154 4.08 20.22 -18.99
N VAL B 155 3.35 19.45 -18.20
CA VAL B 155 3.53 18.00 -18.03
C VAL B 155 2.41 17.36 -18.85
N LYS B 156 2.74 16.94 -20.06
CA LYS B 156 1.72 16.69 -21.06
C LYS B 156 1.68 15.24 -21.48
N ASP B 157 0.45 14.75 -21.65
CA ASP B 157 0.14 13.48 -22.29
C ASP B 157 0.63 12.29 -21.48
N TYR B 158 0.19 12.17 -20.24
CA TYR B 158 0.48 10.99 -19.44
C TYR B 158 -0.82 10.28 -19.05
N PHE B 159 -0.70 9.02 -18.68
CA PHE B 159 -1.81 8.20 -18.14
C PHE B 159 -1.23 7.06 -17.34
N PRO B 160 -1.83 6.75 -16.17
CA PRO B 160 -2.91 7.42 -15.42
C PRO B 160 -2.38 8.52 -14.48
N GLU B 161 -3.28 9.19 -13.75
CA GLU B 161 -2.92 10.01 -12.59
C GLU B 161 -2.25 9.14 -11.53
N PRO B 162 -1.39 9.71 -10.67
CA PRO B 162 -0.91 11.09 -10.59
C PRO B 162 0.50 11.22 -11.10
N VAL B 163 0.90 12.48 -11.28
CA VAL B 163 2.30 12.86 -11.41
C VAL B 163 2.59 13.70 -10.18
N THR B 164 3.85 13.71 -9.76
CA THR B 164 4.30 14.72 -8.80
C THR B 164 5.25 15.69 -9.48
N VAL B 165 5.25 16.92 -8.98
CA VAL B 165 6.13 17.97 -9.47
C VAL B 165 6.72 18.69 -8.27
N SER B 166 8.05 18.78 -8.25
CA SER B 166 8.76 19.70 -7.38
C SER B 166 9.66 20.61 -8.24
N TRP B 167 10.21 21.63 -7.59
CA TRP B 167 11.11 22.58 -8.24
C TRP B 167 12.40 22.61 -7.45
N ASN B 168 13.53 22.53 -8.17
CA ASN B 168 14.86 22.50 -7.58
C ASN B 168 14.94 21.51 -6.41
N SER B 169 14.44 20.29 -6.67
CA SER B 169 14.53 19.17 -5.75
C SER B 169 13.85 19.49 -4.41
N GLY B 170 12.86 20.39 -4.41
CA GLY B 170 12.17 20.80 -3.20
C GLY B 170 12.67 22.08 -2.58
N ALA B 171 13.78 22.63 -3.08
CA ALA B 171 14.30 23.85 -2.47
C ALA B 171 13.43 25.05 -2.78
N LEU B 172 12.67 25.02 -3.86
CA LEU B 172 11.85 26.15 -4.29
C LEU B 172 10.39 25.75 -4.12
N THR B 173 9.67 26.43 -3.20
CA THR B 173 8.27 26.11 -2.92
C THR B 173 7.42 27.39 -2.93
N SER B 174 8.02 28.50 -2.50
CA SER B 174 7.29 29.75 -2.43
C SER B 174 6.83 30.21 -3.81
N GLY B 175 5.55 30.51 -3.93
CA GLY B 175 5.04 31.00 -5.20
C GLY B 175 4.79 29.95 -6.24
N VAL B 176 4.90 28.67 -5.87
CA VAL B 176 4.62 27.57 -6.77
C VAL B 176 3.12 27.33 -6.80
N HIS B 177 2.57 27.20 -8.01
CA HIS B 177 1.22 26.73 -8.20
C HIS B 177 1.27 25.54 -9.14
N THR B 178 0.93 24.38 -8.62
CA THR B 178 0.75 23.19 -9.42
C THR B 178 -0.75 22.93 -9.56
N PHE B 179 -1.24 23.03 -10.80
CA PHE B 179 -2.66 22.99 -11.08
C PHE B 179 -3.20 21.55 -11.09
N PRO B 180 -4.49 21.37 -10.85
CA PRO B 180 -5.12 20.07 -11.11
C PRO B 180 -4.91 19.68 -12.56
N ALA B 181 -4.71 18.37 -12.77
CA ALA B 181 -4.61 17.83 -14.11
C ALA B 181 -5.94 17.98 -14.85
N VAL B 182 -5.86 18.01 -16.18
CA VAL B 182 -7.05 17.99 -17.05
C VAL B 182 -6.99 16.74 -17.90
N LEU B 183 -8.14 16.13 -18.13
CA LEU B 183 -8.27 14.99 -19.03
C LEU B 183 -8.56 15.50 -20.44
N GLN B 184 -7.67 15.21 -21.38
CA GLN B 184 -7.81 15.65 -22.75
C GLN B 184 -8.69 14.66 -23.52
N SER B 185 -9.20 15.11 -24.67
CA SER B 185 -10.05 14.25 -25.45
C SER B 185 -9.31 13.01 -25.92
N SER B 186 -7.99 13.05 -25.99
CA SER B 186 -7.22 11.85 -26.33
C SER B 186 -7.32 10.78 -25.25
N GLY B 187 -7.84 11.11 -24.08
CA GLY B 187 -7.82 10.21 -22.93
C GLY B 187 -6.56 10.32 -22.08
N LEU B 188 -5.59 11.15 -22.48
CA LEU B 188 -4.40 11.42 -21.69
C LEU B 188 -4.55 12.69 -20.87
N TYR B 189 -3.81 12.75 -19.78
CA TYR B 189 -3.81 13.90 -18.89
C TYR B 189 -2.71 14.90 -19.28
N SER B 190 -2.92 16.13 -18.85
CA SER B 190 -1.95 17.20 -18.87
C SER B 190 -2.08 18.01 -17.59
N LEU B 191 -0.95 18.48 -17.07
CA LEU B 191 -0.88 19.27 -15.86
C LEU B 191 0.18 20.34 -16.08
N SER B 192 -0.05 21.52 -15.53
CA SER B 192 0.90 22.62 -15.56
C SER B 192 1.34 22.94 -14.14
N SER B 193 2.61 23.26 -13.97
CA SER B 193 3.17 23.78 -12.72
C SER B 193 3.92 25.07 -13.01
N VAL B 194 3.63 26.13 -12.26
CA VAL B 194 4.24 27.43 -12.50
C VAL B 194 4.80 27.99 -11.19
N VAL B 195 5.67 28.98 -11.34
CA VAL B 195 6.22 29.69 -10.20
C VAL B 195 6.60 31.11 -10.61
N THR B 196 6.41 32.06 -9.70
CA THR B 196 6.83 33.43 -9.95
C THR B 196 8.07 33.70 -9.12
N VAL B 197 9.04 34.35 -9.76
CA VAL B 197 10.36 34.62 -9.19
C VAL B 197 10.74 36.06 -9.50
N PRO B 198 11.76 36.62 -8.86
CA PRO B 198 12.22 37.95 -9.27
C PRO B 198 12.73 37.89 -10.69
N SER B 199 12.32 38.88 -11.49
CA SER B 199 12.72 38.84 -12.89
C SER B 199 14.22 39.00 -13.04
N SER B 200 14.91 39.56 -12.02
CA SER B 200 16.36 39.70 -12.05
C SER B 200 17.07 38.38 -11.81
N SER B 201 16.36 37.32 -11.43
CA SER B 201 17.00 36.03 -11.22
C SER B 201 17.07 35.16 -12.47
N LEU B 202 16.41 35.55 -13.55
CA LEU B 202 16.35 34.71 -14.74
C LEU B 202 17.73 34.60 -15.37
N GLY B 203 18.18 33.37 -15.57
CA GLY B 203 19.50 33.15 -16.12
C GLY B 203 20.60 33.23 -15.10
N THR B 204 20.30 33.70 -13.90
CA THR B 204 21.24 33.62 -12.80
C THR B 204 20.94 32.46 -11.86
N GLN B 205 19.67 32.29 -11.49
CA GLN B 205 19.21 31.15 -10.71
C GLN B 205 18.72 30.07 -11.66
N THR B 206 19.16 28.84 -11.46
CA THR B 206 18.64 27.72 -12.24
C THR B 206 17.26 27.30 -11.72
N TYR B 207 16.33 27.04 -12.64
CA TYR B 207 15.00 26.54 -12.28
C TYR B 207 14.78 25.24 -13.03
N ILE B 208 14.67 24.15 -12.28
CA ILE B 208 14.44 22.81 -12.80
C ILE B 208 13.17 22.26 -12.16
N CYS B 209 12.22 21.81 -12.98
CA CYS B 209 11.07 21.08 -12.45
C CYS B 209 11.38 19.58 -12.47
N ASN B 210 11.10 18.91 -11.34
CA ASN B 210 11.33 17.47 -11.17
C ASN B 210 9.97 16.79 -11.24
N VAL B 211 9.74 16.03 -12.31
CA VAL B 211 8.45 15.42 -12.58
C VAL B 211 8.57 13.92 -12.44
N ASN B 212 7.65 13.32 -11.70
CA ASN B 212 7.62 11.88 -11.44
C ASN B 212 6.26 11.30 -11.81
N HIS B 213 6.28 10.21 -12.55
CA HIS B 213 5.07 9.47 -12.92
C HIS B 213 5.30 7.99 -12.56
N LYS B 214 4.93 7.58 -11.34
CA LYS B 214 5.24 6.23 -10.89
C LYS B 214 4.60 5.14 -11.73
N PRO B 215 3.36 5.27 -12.23
CA PRO B 215 2.80 4.16 -13.02
C PRO B 215 3.66 3.76 -14.21
N SER B 216 4.39 4.69 -14.82
CA SER B 216 5.26 4.37 -15.96
C SER B 216 6.73 4.32 -15.58
N ASN B 217 7.05 4.52 -14.30
CA ASN B 217 8.44 4.64 -13.89
C ASN B 217 9.18 5.70 -14.70
N THR B 218 8.50 6.81 -14.93
CA THR B 218 9.07 7.93 -15.67
C THR B 218 9.43 9.03 -14.69
N LYS B 219 10.70 9.46 -14.73
CA LYS B 219 11.15 10.63 -14.00
C LYS B 219 11.89 11.55 -14.98
N VAL B 220 11.62 12.84 -14.87
CA VAL B 220 12.17 13.85 -15.78
C VAL B 220 12.53 15.07 -14.96
N ASP B 221 13.74 15.59 -15.16
CA ASP B 221 14.13 16.88 -14.60
C ASP B 221 14.32 17.87 -15.75
N LYS B 222 13.51 18.92 -15.79
CA LYS B 222 13.52 19.83 -16.93
C LYS B 222 14.03 21.18 -16.48
N LYS B 223 15.18 21.58 -17.00
CA LYS B 223 15.68 22.91 -16.72
C LYS B 223 14.91 23.89 -17.59
N VAL B 224 14.37 24.96 -16.99
CA VAL B 224 13.50 25.88 -17.70
C VAL B 224 14.29 27.15 -17.98
N GLU B 225 14.56 27.39 -19.24
CA GLU B 225 15.39 28.50 -19.67
C GLU B 225 14.54 29.63 -20.22
N PRO B 226 15.06 30.87 -20.19
CA PRO B 226 14.32 31.99 -20.78
C PRO B 226 14.11 31.81 -22.27
N LYS B 227 13.18 32.60 -22.81
CA LYS B 227 12.86 32.60 -24.23
C LYS B 227 12.63 34.01 -24.70
N SER B 228 13.13 34.28 -25.90
CA SER B 228 12.90 35.54 -26.59
C SER B 228 11.51 35.52 -27.20
N CYS B 229 10.67 36.44 -26.74
CA CYS B 229 9.31 36.53 -27.24
C CYS B 229 8.98 38.02 -27.34
N GLY B 230 9.14 38.58 -28.52
CA GLY B 230 8.94 40.00 -28.70
C GLY B 230 10.03 40.85 -28.06
N ARG B 231 9.84 42.16 -28.22
CA ARG B 231 10.84 43.14 -27.82
C ARG B 231 10.79 43.39 -26.32
N LEU B 232 11.84 44.05 -25.83
CA LEU B 232 11.87 44.41 -24.42
C LEU B 232 10.80 45.47 -24.14
N VAL B 233 10.21 45.40 -22.95
CA VAL B 233 9.21 46.35 -22.45
C VAL B 233 9.82 47.11 -21.28
N PRO B 234 9.54 48.41 -21.11
CA PRO B 234 10.13 49.18 -20.00
C PRO B 234 10.09 48.50 -18.63
N GLY C 5 -42.46 7.19 0.30
CA GLY C 5 -41.96 5.99 -0.36
C GLY C 5 -40.44 5.80 -0.28
N LYS C 6 -40.02 4.74 0.41
CA LYS C 6 -38.60 4.48 0.64
C LYS C 6 -38.04 3.52 -0.40
N LEU C 7 -36.92 3.92 -1.02
CA LEU C 7 -36.24 3.02 -1.94
C LEU C 7 -35.66 1.82 -1.20
N ILE C 8 -35.09 2.04 -0.02
CA ILE C 8 -34.55 0.94 0.78
C ILE C 8 -35.13 1.04 2.19
N SER C 9 -35.85 0.01 2.60
CA SER C 9 -36.33 -0.08 3.96
C SER C 9 -36.73 -1.51 4.21
N THR C 10 -36.72 -1.88 5.50
CA THR C 10 -37.15 -3.19 5.95
C THR C 10 -38.06 -3.01 7.15
N THR C 11 -38.99 -3.96 7.30
CA THR C 11 -39.84 -3.95 8.47
C THR C 11 -39.12 -4.50 9.70
N ALA C 12 -38.01 -5.22 9.52
CA ALA C 12 -37.29 -5.83 10.63
C ALA C 12 -36.32 -4.83 11.23
N VAL C 13 -36.13 -4.94 12.54
CA VAL C 13 -35.27 -4.02 13.28
C VAL C 13 -34.19 -4.83 14.00
N PRO C 14 -32.98 -4.30 14.09
CA PRO C 14 -31.87 -5.09 14.65
C PRO C 14 -31.97 -5.33 16.13
N TRP C 15 -32.78 -4.55 16.84
CA TRP C 15 -32.96 -4.83 18.26
C TRP C 15 -33.99 -5.95 18.54
N GLY D 5 -40.54 -24.12 19.75
CA GLY D 5 -40.68 -25.47 20.25
C GLY D 5 -39.94 -26.45 19.34
N LYS D 6 -40.46 -27.66 19.18
CA LYS D 6 -39.77 -28.67 18.37
C LYS D 6 -40.41 -28.80 17.01
N LEU D 7 -39.59 -28.68 15.97
CA LEU D 7 -40.07 -28.88 14.61
C LEU D 7 -40.53 -30.30 14.40
N ILE D 8 -39.78 -31.25 14.93
CA ILE D 8 -40.11 -32.67 14.80
C ILE D 8 -40.17 -33.25 16.20
N SER D 9 -41.33 -33.73 16.59
CA SER D 9 -41.47 -34.34 17.91
C SER D 9 -42.74 -35.16 17.96
N THR D 10 -42.75 -36.16 18.85
CA THR D 10 -43.91 -37.00 19.07
C THR D 10 -44.11 -37.20 20.56
N THR D 11 -45.38 -37.39 20.98
CA THR D 11 -45.64 -37.73 22.38
C THR D 11 -45.39 -39.20 22.66
N ALA D 12 -45.34 -40.04 21.63
CA ALA D 12 -45.16 -41.48 21.80
C ALA D 12 -43.68 -41.81 21.89
N VAL D 13 -43.36 -42.81 22.72
CA VAL D 13 -41.99 -43.21 22.97
C VAL D 13 -41.81 -44.66 22.53
N PRO D 14 -40.65 -45.02 22.00
CA PRO D 14 -40.47 -46.37 21.45
C PRO D 14 -40.40 -47.46 22.49
N TRP D 15 -40.12 -47.14 23.75
CA TRP D 15 -40.13 -48.19 24.76
C TRP D 15 -41.55 -48.48 25.25
N ASP E 1 -35.48 11.52 -10.44
CA ASP E 1 -36.77 11.20 -9.74
C ASP E 1 -37.10 12.33 -8.77
N ILE E 2 -36.41 12.40 -7.63
CA ILE E 2 -36.47 13.58 -6.77
C ILE E 2 -35.19 14.38 -7.00
N GLN E 3 -35.36 15.59 -7.51
CA GLN E 3 -34.25 16.50 -7.78
C GLN E 3 -34.06 17.45 -6.61
N MET E 4 -32.81 17.50 -6.11
CA MET E 4 -32.40 18.40 -5.04
C MET E 4 -31.59 19.53 -5.64
N THR E 5 -31.97 20.77 -5.34
CA THR E 5 -31.20 21.93 -5.74
C THR E 5 -30.67 22.65 -4.50
N GLN E 6 -29.67 23.50 -4.71
CA GLN E 6 -29.06 24.21 -3.59
C GLN E 6 -28.78 25.63 -4.00
N SER E 7 -28.95 26.57 -3.07
CA SER E 7 -28.60 27.92 -3.38
C SER E 7 -28.09 28.67 -2.16
N PRO E 8 -27.16 29.60 -2.36
CA PRO E 8 -26.52 29.90 -3.65
C PRO E 8 -25.58 28.77 -4.05
N SER E 9 -25.11 28.70 -5.29
CA SER E 9 -24.11 27.68 -5.58
C SER E 9 -22.77 28.04 -4.97
N THR E 10 -22.45 29.35 -4.85
CA THR E 10 -21.27 29.81 -4.17
C THR E 10 -21.59 30.99 -3.29
N LEU E 11 -20.79 31.14 -2.22
CA LEU E 11 -20.93 32.16 -1.20
C LEU E 11 -19.54 32.53 -0.70
N SER E 12 -19.24 33.83 -0.69
CA SER E 12 -18.02 34.36 -0.10
C SER E 12 -18.35 35.01 1.24
N ALA E 13 -17.67 34.58 2.29
CA ALA E 13 -17.98 35.05 3.63
C ALA E 13 -16.70 35.25 4.43
N SER E 14 -16.86 35.89 5.59
CA SER E 14 -15.77 36.21 6.51
C SER E 14 -16.02 35.52 7.85
N VAL E 15 -14.92 35.16 8.53
CA VAL E 15 -15.03 34.64 9.89
C VAL E 15 -15.93 35.58 10.70
N GLY E 16 -16.90 35.00 11.43
CA GLY E 16 -17.83 35.76 12.22
C GLY E 16 -19.18 35.98 11.58
N ASP E 17 -19.30 35.83 10.26
CA ASP E 17 -20.57 36.00 9.57
C ASP E 17 -21.57 34.92 9.94
N ARG E 18 -22.84 35.29 9.88
CA ARG E 18 -23.93 34.33 9.88
C ARG E 18 -24.25 33.99 8.44
N VAL E 19 -24.19 32.69 8.10
CA VAL E 19 -24.48 32.24 6.74
C VAL E 19 -25.58 31.21 6.78
N THR E 20 -26.48 31.33 5.82
CA THR E 20 -27.59 30.40 5.65
C THR E 20 -27.61 29.96 4.19
N ILE E 21 -27.62 28.66 3.96
CA ILE E 21 -27.69 28.13 2.62
C ILE E 21 -28.92 27.24 2.51
N THR E 22 -29.46 27.14 1.30
CA THR E 22 -30.78 26.55 1.08
C THR E 22 -30.66 25.30 0.23
N CYS E 23 -31.56 24.36 0.50
CA CYS E 23 -31.68 23.12 -0.24
C CYS E 23 -33.16 22.91 -0.51
N ARG E 24 -33.50 22.57 -1.75
CA ARG E 24 -34.88 22.34 -2.16
C ARG E 24 -35.02 20.98 -2.83
N ALA E 25 -36.14 20.32 -2.52
CA ALA E 25 -36.54 19.04 -3.10
C ALA E 25 -37.70 19.27 -4.08
N SER E 26 -37.68 18.54 -5.20
CA SER E 26 -38.72 18.69 -6.22
C SER E 26 -40.07 18.17 -5.75
N GLN E 27 -40.10 17.30 -4.75
CA GLN E 27 -41.35 16.91 -4.10
C GLN E 27 -41.04 16.68 -2.63
N SER E 28 -42.10 16.50 -1.85
CA SER E 28 -41.96 16.41 -0.40
C SER E 28 -41.12 15.20 0.01
N ILE E 29 -40.15 15.45 0.88
CA ILE E 29 -39.34 14.41 1.50
C ILE E 29 -39.51 14.43 3.01
N SER E 30 -40.56 15.10 3.48
CA SER E 30 -40.81 15.23 4.91
C SER E 30 -39.56 15.79 5.57
N ARG E 31 -39.03 15.10 6.58
CA ARG E 31 -37.81 15.55 7.27
C ARG E 31 -36.58 14.71 6.94
N TRP E 32 -36.61 13.88 5.89
CA TRP E 32 -35.54 12.92 5.68
C TRP E 32 -34.44 13.56 4.84
N LEU E 33 -33.70 14.43 5.48
CA LEU E 33 -32.73 15.27 4.79
C LEU E 33 -31.53 15.40 5.71
N ALA E 34 -30.34 15.27 5.14
CA ALA E 34 -29.11 15.43 5.91
C ALA E 34 -28.16 16.36 5.15
N TRP E 35 -27.25 16.97 5.91
CA TRP E 35 -26.27 17.93 5.42
C TRP E 35 -24.86 17.43 5.69
N TYR E 36 -23.99 17.53 4.66
CA TYR E 36 -22.61 17.10 4.71
C TYR E 36 -21.69 18.25 4.33
N GLN E 37 -20.54 18.28 5.01
CA GLN E 37 -19.42 19.17 4.72
C GLN E 37 -18.33 18.40 3.99
N GLN E 38 -17.72 19.01 2.98
CA GLN E 38 -16.56 18.36 2.37
C GLN E 38 -15.51 19.38 1.97
N LYS E 39 -14.27 19.05 2.24
CA LYS E 39 -13.13 19.85 1.82
C LYS E 39 -12.30 19.11 0.79
N PRO E 40 -11.51 19.84 -0.01
CA PRO E 40 -10.71 19.20 -1.07
C PRO E 40 -9.84 18.10 -0.49
N GLY E 41 -9.87 16.93 -1.13
CA GLY E 41 -9.11 15.78 -0.69
C GLY E 41 -9.55 15.11 0.60
N LYS E 42 -10.72 15.46 1.16
CA LYS E 42 -11.19 14.83 2.40
C LYS E 42 -12.54 14.18 2.18
N VAL E 43 -12.91 13.26 3.08
CA VAL E 43 -14.17 12.54 2.93
C VAL E 43 -15.27 13.47 3.42
N PRO E 44 -16.50 13.36 2.91
CA PRO E 44 -17.61 14.14 3.47
C PRO E 44 -17.81 13.83 4.95
N LYS E 45 -18.34 14.81 5.67
CA LYS E 45 -18.52 14.78 7.11
C LYS E 45 -19.99 15.07 7.44
N LEU E 46 -20.62 14.19 8.19
CA LEU E 46 -22.03 14.40 8.56
C LEU E 46 -22.14 15.58 9.52
N LEU E 47 -23.09 16.46 9.23
CA LEU E 47 -23.38 17.62 10.06
C LEU E 47 -24.73 17.53 10.75
N ILE E 48 -25.79 17.36 9.97
CA ILE E 48 -27.18 17.43 10.40
C ILE E 48 -27.91 16.29 9.73
N TYR E 49 -28.88 15.68 10.42
CA TYR E 49 -29.75 14.72 9.75
C TYR E 49 -31.14 14.81 10.36
N LYS E 50 -32.10 14.12 9.71
CA LYS E 50 -33.51 14.33 10.03
C LYS E 50 -33.83 15.82 10.03
N ALA E 51 -33.21 16.55 9.09
CA ALA E 51 -33.45 17.97 8.84
C ALA E 51 -32.87 18.88 9.91
N SER E 52 -32.96 18.48 11.17
CA SER E 52 -32.62 19.40 12.25
C SER E 52 -31.81 18.80 13.40
N SER E 53 -31.47 17.52 13.37
CA SER E 53 -30.68 16.91 14.43
C SER E 53 -29.19 17.11 14.18
N LEU E 54 -28.52 17.76 15.11
CA LEU E 54 -27.10 18.03 15.02
C LEU E 54 -26.37 16.76 15.44
N GLU E 55 -25.48 16.28 14.57
CA GLU E 55 -24.71 15.07 14.81
C GLU E 55 -23.78 15.24 16.00
N SER E 56 -23.67 14.17 16.79
CA SER E 56 -22.84 14.20 17.97
C SER E 56 -21.44 14.70 17.65
N GLY E 57 -20.98 15.67 18.41
CA GLY E 57 -19.65 16.20 18.23
C GLY E 57 -19.55 17.34 17.24
N VAL E 58 -20.61 17.64 16.51
CA VAL E 58 -20.55 18.74 15.54
C VAL E 58 -20.85 20.03 16.28
N PRO E 59 -20.05 21.09 16.08
CA PRO E 59 -20.22 22.32 16.88
C PRO E 59 -21.62 22.91 16.74
N SER E 60 -22.06 23.54 17.84
CA SER E 60 -23.42 24.04 17.91
C SER E 60 -23.66 25.27 17.06
N ARG E 61 -22.62 25.89 16.48
CA ARG E 61 -22.86 26.96 15.51
C ARG E 61 -23.65 26.47 14.31
N PHE E 62 -23.62 25.16 14.04
CA PHE E 62 -24.37 24.56 12.93
C PHE E 62 -25.79 24.21 13.37
N SER E 63 -26.79 24.56 12.55
CA SER E 63 -28.17 24.12 12.77
C SER E 63 -28.89 23.95 11.43
N GLY E 64 -29.88 23.07 11.43
CA GLY E 64 -30.66 22.77 10.24
C GLY E 64 -32.14 22.99 10.51
N SER E 65 -32.85 23.40 9.46
CA SER E 65 -34.28 23.64 9.60
C SER E 65 -35.00 23.23 8.33
N GLY E 66 -36.33 23.08 8.43
CA GLY E 66 -37.14 22.79 7.27
C GLY E 66 -37.86 21.44 7.30
N SER E 67 -38.91 21.34 6.49
CA SER E 67 -39.67 20.10 6.29
C SER E 67 -40.49 20.23 5.00
N GLY E 68 -40.64 19.12 4.28
CA GLY E 68 -41.36 19.15 3.02
C GLY E 68 -40.43 19.32 1.83
N THR E 69 -40.28 20.58 1.34
CA THR E 69 -39.44 20.87 0.19
C THR E 69 -38.33 21.89 0.42
N GLU E 70 -38.43 22.76 1.43
CA GLU E 70 -37.43 23.81 1.65
C GLU E 70 -36.66 23.54 2.93
N PHE E 71 -35.33 23.51 2.82
CA PHE E 71 -34.47 23.23 3.97
C PHE E 71 -33.34 24.25 4.00
N THR E 72 -32.88 24.55 5.22
CA THR E 72 -31.80 25.50 5.41
C THR E 72 -30.75 24.94 6.36
N LEU E 73 -29.50 25.28 6.08
CA LEU E 73 -28.39 25.08 7.02
C LEU E 73 -27.87 26.45 7.42
N THR E 74 -27.70 26.67 8.71
CA THR E 74 -27.25 27.95 9.23
C THR E 74 -25.96 27.75 10.02
N ILE E 75 -24.97 28.61 9.77
CA ILE E 75 -23.77 28.72 10.58
C ILE E 75 -23.84 30.08 11.28
N SER E 76 -24.05 30.04 12.59
CA SER E 76 -24.34 31.26 13.33
C SER E 76 -23.16 32.23 13.33
N SER E 77 -21.93 31.71 13.27
CA SER E 77 -20.73 32.55 13.30
C SER E 77 -19.61 31.75 12.63
N LEU E 78 -19.37 32.03 11.36
CA LEU E 78 -18.44 31.25 10.55
C LEU E 78 -17.05 31.24 11.19
N GLN E 79 -16.44 30.07 11.24
CA GLN E 79 -15.08 29.91 11.73
C GLN E 79 -14.20 29.38 10.62
N PRO E 80 -12.88 29.52 10.75
CA PRO E 80 -12.02 29.13 9.62
C PRO E 80 -12.18 27.70 9.20
N ASP E 81 -12.51 26.80 10.14
CA ASP E 81 -12.75 25.41 9.78
C ASP E 81 -13.95 25.24 8.85
N ASP E 82 -14.82 26.26 8.71
CA ASP E 82 -16.09 26.09 8.00
C ASP E 82 -16.02 26.39 6.50
N PHE E 83 -14.91 26.89 5.99
CA PHE E 83 -14.80 27.08 4.55
C PHE E 83 -14.69 25.72 3.86
N ALA E 84 -15.63 25.42 2.98
CA ALA E 84 -15.86 24.05 2.56
C ALA E 84 -17.00 24.02 1.56
N THR E 85 -17.26 22.85 0.99
CA THR E 85 -18.47 22.66 0.21
C THR E 85 -19.51 21.88 1.05
N TYR E 86 -20.76 22.28 0.93
CA TYR E 86 -21.86 21.76 1.73
C TYR E 86 -22.89 21.18 0.78
N TYR E 87 -23.25 19.91 1.03
CA TYR E 87 -24.20 19.14 0.24
C TYR E 87 -25.35 18.72 1.14
N CYS E 88 -26.56 18.74 0.59
CA CYS E 88 -27.71 18.08 1.19
C CYS E 88 -28.00 16.76 0.47
N GLN E 89 -28.66 15.85 1.17
CA GLN E 89 -29.11 14.60 0.59
C GLN E 89 -30.47 14.22 1.17
N GLN E 90 -31.35 13.69 0.31
CA GLN E 90 -32.64 13.18 0.76
C GLN E 90 -32.60 11.66 0.85
N TYR E 91 -33.38 11.11 1.80
CA TYR E 91 -33.28 9.70 2.18
C TYR E 91 -34.48 8.87 1.78
N ASN E 92 -35.41 9.41 0.99
CA ASN E 92 -36.35 8.55 0.28
C ASN E 92 -35.66 7.74 -0.79
N SER E 93 -34.84 8.40 -1.63
CA SER E 93 -34.15 7.70 -2.70
C SER E 93 -32.74 8.25 -2.96
N TYR E 94 -32.18 9.02 -2.03
CA TYR E 94 -30.72 9.22 -1.87
C TYR E 94 -30.11 10.20 -2.87
N SER E 95 -30.88 10.99 -3.59
CA SER E 95 -30.29 11.99 -4.47
C SER E 95 -29.65 13.09 -3.64
N PHE E 96 -28.52 13.59 -4.12
CA PHE E 96 -27.78 14.68 -3.50
C PHE E 96 -28.09 16.00 -4.18
N GLY E 97 -27.98 17.08 -3.41
CA GLY E 97 -27.92 18.39 -4.00
C GLY E 97 -26.57 18.58 -4.70
N PRO E 98 -26.46 19.63 -5.53
CA PRO E 98 -25.20 19.87 -6.27
C PRO E 98 -24.10 20.55 -5.45
N GLY E 99 -24.42 21.02 -4.25
CA GLY E 99 -23.43 21.53 -3.33
C GLY E 99 -23.34 23.06 -3.35
N THR E 100 -22.93 23.62 -2.21
CA THR E 100 -22.69 25.05 -2.07
C THR E 100 -21.27 25.25 -1.55
N LYS E 101 -20.45 25.98 -2.31
CA LYS E 101 -19.08 26.22 -1.89
C LYS E 101 -18.99 27.53 -1.13
N VAL E 102 -18.46 27.49 0.07
CA VAL E 102 -18.25 28.69 0.88
C VAL E 102 -16.75 28.99 0.89
N ASP E 103 -16.34 30.11 0.31
CA ASP E 103 -14.93 30.52 0.33
C ASP E 103 -14.76 31.84 1.12
N ILE E 104 -13.51 32.28 1.20
CA ILE E 104 -13.10 33.39 2.05
C ILE E 104 -13.24 34.70 1.26
N LYS E 105 -14.00 35.63 1.81
CA LYS E 105 -14.09 36.97 1.26
C LYS E 105 -12.79 37.73 1.49
N ARG E 106 -12.34 38.44 0.46
CA ARG E 106 -11.26 39.41 0.55
C ARG E 106 -11.51 40.51 -0.48
N THR E 107 -10.67 41.51 -0.51
CA THR E 107 -10.84 42.56 -1.51
C THR E 107 -10.62 42.01 -2.93
N VAL E 108 -11.30 42.63 -3.89
CA VAL E 108 -11.10 42.27 -5.28
C VAL E 108 -9.63 42.43 -5.65
N ALA E 109 -9.10 41.47 -6.40
CA ALA E 109 -7.73 41.52 -6.91
C ALA E 109 -7.74 41.07 -8.36
N ALA E 110 -7.36 41.96 -9.26
CA ALA E 110 -7.26 41.59 -10.66
C ALA E 110 -6.13 40.57 -10.84
N PRO E 111 -6.29 39.64 -11.77
CA PRO E 111 -5.20 38.72 -12.08
C PRO E 111 -4.03 39.40 -12.77
N SER E 112 -2.82 38.95 -12.45
CA SER E 112 -1.69 39.19 -13.34
C SER E 112 -1.71 38.14 -14.44
N VAL E 113 -1.56 38.57 -15.70
CA VAL E 113 -1.75 37.70 -16.84
C VAL E 113 -0.41 37.51 -17.56
N PHE E 114 -0.02 36.27 -17.76
CA PHE E 114 1.24 35.92 -18.42
C PHE E 114 0.92 34.94 -19.53
N ILE E 115 1.69 34.99 -20.62
CA ILE E 115 1.49 34.06 -21.71
C ILE E 115 2.80 33.34 -22.05
N PHE E 116 2.69 32.11 -22.54
CA PHE E 116 3.84 31.25 -22.83
C PHE E 116 3.65 30.68 -24.23
N PRO E 117 4.60 30.88 -25.15
CA PRO E 117 4.51 30.21 -26.45
C PRO E 117 4.88 28.74 -26.33
N PRO E 118 4.58 27.95 -27.35
CA PRO E 118 5.04 26.56 -27.35
C PRO E 118 6.55 26.48 -27.42
N SER E 119 7.06 25.42 -26.82
CA SER E 119 8.50 25.15 -26.85
C SER E 119 8.87 24.52 -28.19
N ASP E 120 10.11 24.76 -28.61
CA ASP E 120 10.66 24.05 -29.79
C ASP E 120 10.56 22.54 -29.64
N GLU E 121 10.85 22.01 -28.45
CA GLU E 121 10.72 20.56 -28.19
C GLU E 121 9.32 20.06 -28.55
N GLN E 122 8.27 20.75 -28.09
CA GLN E 122 6.93 20.28 -28.42
C GLN E 122 6.67 20.43 -29.92
N LEU E 123 7.08 21.55 -30.52
CA LEU E 123 6.87 21.73 -31.95
C LEU E 123 7.53 20.60 -32.74
N LYS E 124 8.75 20.19 -32.34
CA LYS E 124 9.40 19.04 -32.99
C LYS E 124 8.48 17.82 -33.00
N SER E 125 7.76 17.59 -31.91
CA SER E 125 6.95 16.39 -31.74
C SER E 125 5.61 16.51 -32.46
N GLY E 126 5.31 17.64 -33.09
CA GLY E 126 4.13 17.79 -33.93
C GLY E 126 2.94 18.52 -33.36
N THR E 127 3.08 19.18 -32.20
N THR E 127 3.05 19.15 -32.18
CA THR E 127 1.97 19.85 -31.54
CA THR E 127 1.94 19.89 -31.60
C THR E 127 2.45 21.17 -30.97
C THR E 127 2.45 21.19 -30.99
N ALA E 128 1.49 22.07 -30.70
CA ALA E 128 1.78 23.38 -30.13
C ALA E 128 0.76 23.72 -29.04
N SER E 129 1.23 23.89 -27.82
CA SER E 129 0.43 24.34 -26.70
C SER E 129 0.84 25.77 -26.32
N VAL E 130 -0.17 26.64 -26.23
CA VAL E 130 0.01 28.02 -25.80
C VAL E 130 -0.65 28.13 -24.43
N VAL E 131 0.07 28.70 -23.45
CA VAL E 131 -0.44 28.74 -22.08
C VAL E 131 -0.65 30.18 -21.64
N CYS E 132 -1.78 30.40 -21.01
CA CYS E 132 -2.11 31.67 -20.40
C CYS E 132 -2.30 31.41 -18.91
N LEU E 133 -1.60 32.22 -18.11
CA LEU E 133 -1.63 32.07 -16.67
C LEU E 133 -2.25 33.33 -16.07
N LEU E 134 -3.27 33.13 -15.27
CA LEU E 134 -3.91 34.18 -14.47
C LEU E 134 -3.55 33.96 -13.02
N ASN E 135 -2.77 34.87 -12.44
CA ASN E 135 -2.17 34.64 -11.13
C ASN E 135 -2.77 35.53 -10.05
N ASN E 136 -3.13 34.91 -8.92
CA ASN E 136 -3.46 35.62 -7.69
C ASN E 136 -4.62 36.61 -7.87
N PHE E 137 -5.79 36.09 -8.21
CA PHE E 137 -6.95 36.94 -8.40
C PHE E 137 -8.08 36.53 -7.45
N TYR E 138 -9.04 37.43 -7.30
CA TYR E 138 -10.23 37.22 -6.46
C TYR E 138 -11.26 38.26 -6.89
N PRO E 139 -12.54 37.88 -7.03
CA PRO E 139 -13.10 36.55 -6.74
C PRO E 139 -12.72 35.54 -7.81
N ARG E 140 -13.24 34.33 -7.58
CA ARG E 140 -12.92 33.15 -8.39
C ARG E 140 -13.36 33.29 -9.84
N GLU E 141 -14.48 33.96 -10.10
CA GLU E 141 -15.05 33.99 -11.43
C GLU E 141 -14.13 34.72 -12.39
N ALA E 142 -13.83 34.08 -13.51
CA ALA E 142 -12.93 34.66 -14.51
C ALA E 142 -13.18 33.96 -15.83
N LYS E 143 -13.04 34.71 -16.91
CA LYS E 143 -13.25 34.19 -18.25
C LYS E 143 -12.01 34.42 -19.09
N VAL E 144 -11.49 33.37 -19.72
CA VAL E 144 -10.41 33.53 -20.68
C VAL E 144 -10.88 32.99 -22.02
N GLN E 145 -10.57 33.76 -23.01
CA GLN E 145 -10.94 33.48 -24.38
C GLN E 145 -9.72 33.53 -25.30
N TRP E 146 -9.53 32.50 -26.07
CA TRP E 146 -8.41 32.46 -26.99
C TRP E 146 -8.81 33.05 -28.33
N LYS E 147 -7.92 33.83 -28.90
CA LYS E 147 -8.09 34.36 -30.24
C LYS E 147 -6.84 34.08 -31.07
N VAL E 148 -7.03 33.60 -32.29
CA VAL E 148 -5.94 33.29 -33.22
C VAL E 148 -6.20 34.10 -34.49
N ASP E 149 -5.26 34.99 -34.83
CA ASP E 149 -5.51 36.01 -35.85
C ASP E 149 -6.92 36.56 -35.71
N ASN E 150 -7.32 36.87 -34.47
CA ASN E 150 -8.60 37.47 -34.09
C ASN E 150 -9.78 36.53 -34.17
N ALA E 151 -9.60 35.27 -34.56
CA ALA E 151 -10.69 34.31 -34.62
C ALA E 151 -10.89 33.67 -33.24
N LEU E 152 -12.11 33.76 -32.73
CA LEU E 152 -12.39 33.16 -31.44
C LEU E 152 -12.26 31.66 -31.55
N GLN E 153 -11.57 31.06 -30.58
CA GLN E 153 -11.37 29.62 -30.54
C GLN E 153 -12.43 28.92 -29.68
N SER E 154 -12.71 27.66 -30.02
CA SER E 154 -13.55 26.79 -29.20
C SER E 154 -13.11 25.35 -29.28
N GLY E 155 -13.23 24.64 -28.15
CA GLY E 155 -13.06 23.21 -28.17
C GLY E 155 -11.62 22.74 -28.22
N ASN E 156 -10.67 23.68 -28.26
CA ASN E 156 -9.26 23.34 -28.31
C ASN E 156 -8.51 23.94 -27.13
N SER E 157 -9.21 24.25 -26.03
CA SER E 157 -8.55 24.70 -24.82
C SER E 157 -9.11 24.01 -23.59
N GLN E 158 -8.31 23.99 -22.55
CA GLN E 158 -8.74 23.50 -21.25
C GLN E 158 -8.10 24.34 -20.15
N GLU E 159 -8.85 24.51 -19.07
CA GLU E 159 -8.38 25.27 -17.93
C GLU E 159 -8.53 24.49 -16.63
N SER E 160 -7.74 24.95 -15.67
CA SER E 160 -7.64 24.38 -14.35
C SER E 160 -7.37 25.53 -13.37
N VAL E 161 -7.90 25.39 -12.15
CA VAL E 161 -7.83 26.43 -11.13
C VAL E 161 -7.30 25.84 -9.83
N THR E 162 -6.50 26.62 -9.11
CA THR E 162 -6.02 26.20 -7.81
C THR E 162 -7.09 26.38 -6.73
N GLU E 163 -6.92 25.68 -5.61
CA GLU E 163 -7.74 26.00 -4.45
C GLU E 163 -7.33 27.36 -3.90
N GLN E 164 -8.24 27.97 -3.16
CA GLN E 164 -8.00 29.29 -2.60
C GLN E 164 -6.77 29.26 -1.71
N ASP E 165 -5.86 30.19 -1.94
CA ASP E 165 -4.61 30.24 -1.20
C ASP E 165 -4.85 30.54 0.27
N SER E 166 -4.15 29.80 1.13
CA SER E 166 -4.35 29.92 2.58
C SER E 166 -3.77 31.20 3.17
N LYS E 167 -2.84 31.82 2.47
CA LYS E 167 -2.25 33.06 2.99
C LYS E 167 -2.94 34.35 2.42
N ASP E 168 -3.09 34.45 1.11
CA ASP E 168 -3.64 35.67 0.55
C ASP E 168 -5.06 35.52 0.02
N SER E 169 -5.65 34.32 0.13
CA SER E 169 -7.04 34.04 -0.24
C SER E 169 -7.33 34.28 -1.73
N THR E 170 -6.33 34.20 -2.61
CA THR E 170 -6.55 34.33 -4.04
C THR E 170 -6.64 32.98 -4.74
N TYR E 171 -7.01 33.05 -6.02
CA TYR E 171 -6.98 31.91 -6.91
C TYR E 171 -5.97 32.17 -8.02
N SER E 172 -5.53 31.09 -8.67
CA SER E 172 -4.80 31.20 -9.93
C SER E 172 -5.40 30.20 -10.91
N LEU E 173 -5.24 30.50 -12.19
CA LEU E 173 -5.87 29.71 -13.25
C LEU E 173 -4.92 29.63 -14.43
N SER E 174 -4.78 28.43 -15.00
CA SER E 174 -4.07 28.25 -16.27
C SER E 174 -5.05 27.77 -17.33
N SER E 175 -4.88 28.28 -18.54
CA SER E 175 -5.63 27.87 -19.73
C SER E 175 -4.64 27.51 -20.83
N THR E 176 -4.87 26.36 -21.46
CA THR E 176 -3.95 25.82 -22.45
C THR E 176 -4.70 25.66 -23.75
N LEU E 177 -4.17 26.29 -24.80
CA LEU E 177 -4.65 26.17 -26.18
C LEU E 177 -3.72 25.22 -26.90
N THR E 178 -4.25 24.10 -27.39
CA THR E 178 -3.42 23.10 -28.06
C THR E 178 -3.87 22.99 -29.52
N LEU E 179 -2.90 23.14 -30.41
CA LEU E 179 -3.07 23.00 -31.84
C LEU E 179 -2.05 22.03 -32.38
N SER E 180 -2.33 21.52 -33.58
CA SER E 180 -1.30 20.82 -34.32
C SER E 180 -0.23 21.83 -34.75
N LYS E 181 1.00 21.34 -34.93
CA LYS E 181 2.06 22.20 -35.43
C LYS E 181 1.63 22.86 -36.71
N ALA E 182 1.03 22.10 -37.64
CA ALA E 182 0.61 22.65 -38.92
C ALA E 182 -0.43 23.77 -38.75
N ASP E 183 -1.41 23.59 -37.85
CA ASP E 183 -2.35 24.68 -37.60
C ASP E 183 -1.67 25.88 -36.95
N TYR E 184 -0.72 25.63 -36.05
CA TYR E 184 -0.02 26.72 -35.40
C TYR E 184 0.70 27.59 -36.41
N GLU E 185 1.30 26.97 -37.43
CA GLU E 185 2.08 27.67 -38.44
C GLU E 185 1.22 28.41 -39.46
N LYS E 186 -0.10 28.19 -39.47
CA LYS E 186 -1.00 28.90 -40.37
C LYS E 186 -1.34 30.30 -39.89
N HIS E 187 -1.02 30.64 -38.64
CA HIS E 187 -1.47 31.88 -38.05
C HIS E 187 -0.31 32.63 -37.42
N LYS E 188 -0.49 33.94 -37.26
CA LYS E 188 0.54 34.79 -36.68
C LYS E 188 0.27 35.16 -35.22
N VAL E 189 -0.94 35.64 -34.91
CA VAL E 189 -1.22 36.29 -33.64
C VAL E 189 -1.98 35.32 -32.74
N TYR E 190 -1.39 35.04 -31.57
CA TYR E 190 -1.96 34.18 -30.53
C TYR E 190 -2.25 35.06 -29.31
N ALA E 191 -3.52 35.09 -28.88
CA ALA E 191 -3.95 36.06 -27.88
C ALA E 191 -4.84 35.42 -26.82
N CYS E 192 -4.56 35.78 -25.57
CA CYS E 192 -5.34 35.41 -24.40
C CYS E 192 -6.08 36.66 -23.93
N GLU E 193 -7.41 36.64 -24.01
CA GLU E 193 -8.26 37.74 -23.53
C GLU E 193 -8.90 37.33 -22.21
N VAL E 194 -8.70 38.14 -21.17
CA VAL E 194 -9.15 37.81 -19.81
C VAL E 194 -10.20 38.83 -19.35
N THR E 195 -11.31 38.32 -18.81
CA THR E 195 -12.36 39.14 -18.21
C THR E 195 -12.44 38.82 -16.73
N HIS E 196 -12.46 39.87 -15.91
CA HIS E 196 -12.49 39.69 -14.47
C HIS E 196 -12.96 40.96 -13.80
N GLN E 197 -13.66 40.78 -12.67
CA GLN E 197 -14.26 41.90 -11.96
C GLN E 197 -13.23 42.96 -11.59
N GLY E 198 -11.99 42.58 -11.36
CA GLY E 198 -10.93 43.54 -11.02
C GLY E 198 -10.37 44.32 -12.19
N LEU E 199 -10.81 44.00 -13.41
CA LEU E 199 -10.36 44.69 -14.61
C LEU E 199 -11.52 45.51 -15.18
N SER E 200 -11.26 46.80 -15.43
CA SER E 200 -12.33 47.65 -15.92
C SER E 200 -12.72 47.29 -17.35
N SER E 201 -11.78 46.76 -18.11
CA SER E 201 -11.98 46.28 -19.45
C SER E 201 -11.20 44.99 -19.56
N PRO E 202 -11.61 44.07 -20.43
CA PRO E 202 -10.84 42.83 -20.61
C PRO E 202 -9.41 43.12 -21.06
N VAL E 203 -8.48 42.33 -20.53
CA VAL E 203 -7.05 42.43 -20.78
C VAL E 203 -6.65 41.36 -21.79
N THR E 204 -5.81 41.73 -22.76
CA THR E 204 -5.30 40.78 -23.75
C THR E 204 -3.78 40.66 -23.62
N LYS E 205 -3.29 39.43 -23.53
CA LYS E 205 -1.87 39.14 -23.65
C LYS E 205 -1.69 38.39 -24.96
N SER E 206 -0.75 38.82 -25.78
CA SER E 206 -0.62 38.17 -27.07
C SER E 206 0.81 38.24 -27.58
N PHE E 207 1.11 37.38 -28.56
CA PHE E 207 2.40 37.41 -29.25
C PHE E 207 2.17 37.07 -30.72
N ASN E 208 3.16 37.45 -31.55
CA ASN E 208 3.23 37.09 -32.96
C ASN E 208 4.20 35.94 -33.09
N ARG E 209 3.76 34.88 -33.76
CA ARG E 209 4.55 33.66 -33.85
C ARG E 209 5.96 33.91 -34.38
N GLY E 210 6.12 34.87 -35.30
CA GLY E 210 7.44 35.11 -35.88
C GLY E 210 8.39 35.85 -34.96
N GLU E 211 7.85 36.54 -34.00
CA GLU E 211 8.68 37.31 -33.06
C GLU E 211 8.91 36.51 -31.80
N CYS E 212 8.49 35.29 -31.80
CA CYS E 212 8.46 34.55 -30.56
C CYS E 212 8.68 33.07 -30.78
N ASP F 1 -35.45 -20.03 11.00
CA ASP F 1 -36.01 -19.20 12.03
C ASP F 1 -34.93 -18.98 13.08
N ILE F 2 -34.07 -19.96 13.25
CA ILE F 2 -32.99 -19.80 14.21
C ILE F 2 -31.66 -19.86 13.44
N GLN F 3 -30.91 -18.77 13.50
CA GLN F 3 -29.60 -18.68 12.86
C GLN F 3 -28.50 -19.01 13.86
N MET F 4 -27.63 -19.92 13.48
CA MET F 4 -26.47 -20.28 14.29
C MET F 4 -25.24 -19.60 13.71
N THR F 5 -24.50 -18.90 14.56
CA THR F 5 -23.21 -18.34 14.18
C THR F 5 -22.11 -19.02 14.99
N GLN F 6 -20.88 -18.90 14.47
CA GLN F 6 -19.70 -19.51 15.06
C GLN F 6 -18.54 -18.53 14.94
N SER F 7 -17.70 -18.49 15.97
CA SER F 7 -16.47 -17.70 15.88
C SER F 7 -15.38 -18.39 16.70
N PRO F 8 -14.11 -18.26 16.27
CA PRO F 8 -13.74 -17.62 14.99
C PRO F 8 -14.12 -18.48 13.80
N SER F 9 -14.14 -17.93 12.58
CA SER F 9 -14.39 -18.79 11.42
C SER F 9 -13.19 -19.69 11.13
N THR F 10 -11.99 -19.22 11.41
CA THR F 10 -10.81 -20.06 11.24
C THR F 10 -9.92 -19.87 12.44
N LEU F 11 -9.13 -20.89 12.74
CA LEU F 11 -8.20 -20.82 13.86
C LEU F 11 -6.95 -21.60 13.49
N SER F 12 -5.79 -21.01 13.73
CA SER F 12 -4.51 -21.67 13.54
C SER F 12 -3.95 -22.04 14.91
N ALA F 13 -3.70 -23.32 15.14
CA ALA F 13 -3.32 -23.76 16.47
C ALA F 13 -2.19 -24.78 16.40
N SER F 14 -1.63 -25.04 17.58
CA SER F 14 -0.53 -25.98 17.77
C SER F 14 -0.92 -27.08 18.73
N VAL F 15 -0.36 -28.27 18.50
CA VAL F 15 -0.52 -29.37 19.44
C VAL F 15 -0.21 -28.90 20.84
N GLY F 16 -1.12 -29.20 21.77
CA GLY F 16 -0.94 -28.82 23.15
C GLY F 16 -1.69 -27.56 23.54
N ASP F 17 -2.09 -26.75 22.57
CA ASP F 17 -2.87 -25.55 22.87
C ASP F 17 -4.23 -25.92 23.40
N ARG F 18 -4.76 -25.03 24.24
CA ARG F 18 -6.16 -25.06 24.60
C ARG F 18 -6.92 -24.17 23.63
N VAL F 19 -7.90 -24.74 22.92
CA VAL F 19 -8.68 -23.97 21.95
C VAL F 19 -10.13 -23.99 22.41
N THR F 20 -10.78 -22.84 22.31
CA THR F 20 -12.20 -22.74 22.64
C THR F 20 -12.89 -22.06 21.47
N ILE F 21 -13.95 -22.68 20.96
CA ILE F 21 -14.67 -22.11 19.84
C ILE F 21 -16.11 -21.89 20.25
N THR F 22 -16.71 -20.86 19.69
CA THR F 22 -17.98 -20.33 20.18
C THR F 22 -19.07 -20.52 19.12
N CYS F 23 -20.27 -20.77 19.63
CA CYS F 23 -21.47 -20.94 18.80
C CYS F 23 -22.59 -20.16 19.46
N ARG F 24 -23.32 -19.35 18.67
CA ARG F 24 -24.41 -18.54 19.20
C ARG F 24 -25.70 -18.76 18.38
N ALA F 25 -26.82 -18.73 19.08
CA ALA F 25 -28.15 -18.87 18.48
C ALA F 25 -28.87 -17.52 18.49
N SER F 26 -29.65 -17.25 17.44
CA SER F 26 -30.32 -15.96 17.37
C SER F 26 -31.45 -15.83 18.39
N GLN F 27 -31.94 -16.96 18.92
CA GLN F 27 -32.85 -16.94 20.05
C GLN F 27 -32.56 -18.20 20.87
N SER F 28 -33.15 -18.26 22.07
CA SER F 28 -32.81 -19.31 23.01
C SER F 28 -33.14 -20.70 22.47
N ILE F 29 -32.19 -21.61 22.61
CA ILE F 29 -32.39 -23.02 22.28
C ILE F 29 -32.15 -23.91 23.50
N SER F 30 -32.21 -23.33 24.70
CA SER F 30 -31.98 -24.09 25.93
C SER F 30 -30.64 -24.81 25.82
N ARG F 31 -30.60 -26.13 26.05
CA ARG F 31 -29.41 -26.95 25.95
C ARG F 31 -29.42 -27.86 24.71
N TRP F 32 -30.30 -27.63 23.75
CA TRP F 32 -30.46 -28.55 22.63
C TRP F 32 -29.49 -28.19 21.50
N LEU F 33 -28.22 -28.48 21.74
CA LEU F 33 -27.12 -28.09 20.88
C LEU F 33 -26.07 -29.20 20.89
N ALA F 34 -25.56 -29.52 19.72
CA ALA F 34 -24.52 -30.54 19.57
C ALA F 34 -23.37 -29.99 18.72
N TRP F 35 -22.20 -30.61 18.89
CA TRP F 35 -20.98 -30.25 18.19
C TRP F 35 -20.52 -31.46 17.37
N TYR F 36 -20.04 -31.18 16.15
CA TYR F 36 -19.55 -32.16 15.20
C TYR F 36 -18.16 -31.80 14.67
N GLN F 37 -17.32 -32.82 14.45
CA GLN F 37 -16.04 -32.69 13.75
C GLN F 37 -16.15 -33.23 12.32
N GLN F 38 -15.50 -32.58 11.37
CA GLN F 38 -15.45 -33.14 10.02
C GLN F 38 -14.09 -32.87 9.40
N LYS F 39 -13.54 -33.89 8.74
CA LYS F 39 -12.31 -33.80 7.97
C LYS F 39 -12.57 -34.01 6.50
N PRO F 40 -11.69 -33.50 5.62
CA PRO F 40 -11.93 -33.62 4.18
C PRO F 40 -12.23 -35.06 3.80
N GLY F 41 -13.28 -35.25 3.00
CA GLY F 41 -13.58 -36.59 2.52
C GLY F 41 -14.08 -37.58 3.56
N LYS F 42 -14.41 -37.14 4.78
CA LYS F 42 -14.94 -38.03 5.80
C LYS F 42 -16.27 -37.47 6.29
N VAL F 43 -17.07 -38.33 6.94
CA VAL F 43 -18.39 -37.93 7.42
C VAL F 43 -18.22 -37.18 8.74
N PRO F 44 -19.17 -36.33 9.10
CA PRO F 44 -19.14 -35.69 10.41
C PRO F 44 -19.20 -36.72 11.53
N LYS F 45 -18.60 -36.34 12.65
CA LYS F 45 -18.43 -37.18 13.82
C LYS F 45 -19.03 -36.44 15.02
N LEU F 46 -19.94 -37.11 15.72
CA LEU F 46 -20.57 -36.49 16.87
C LEU F 46 -19.59 -36.40 18.03
N LEU F 47 -19.51 -35.22 18.64
CA LEU F 47 -18.63 -34.99 19.78
C LEU F 47 -19.39 -34.79 21.08
N ILE F 48 -20.34 -33.86 21.06
CA ILE F 48 -21.03 -33.36 22.24
C ILE F 48 -22.49 -33.21 21.87
N TYR F 49 -23.39 -33.50 22.82
CA TYR F 49 -24.81 -33.19 22.59
C TYR F 49 -25.45 -32.79 23.91
N LYS F 50 -26.68 -32.29 23.82
CA LYS F 50 -27.33 -31.63 24.95
C LYS F 50 -26.37 -30.61 25.58
N ALA F 51 -25.61 -29.93 24.71
CA ALA F 51 -24.73 -28.84 25.05
C ALA F 51 -23.46 -29.31 25.76
N SER F 52 -23.57 -30.31 26.64
CA SER F 52 -22.42 -30.65 27.49
C SER F 52 -22.14 -32.13 27.65
N SER F 53 -22.95 -33.02 27.07
CA SER F 53 -22.72 -34.45 27.22
C SER F 53 -21.71 -34.94 26.18
N LEU F 54 -20.66 -35.60 26.67
CA LEU F 54 -19.62 -36.11 25.79
C LEU F 54 -20.08 -37.43 25.18
N GLU F 55 -20.04 -37.53 23.86
CA GLU F 55 -20.43 -38.77 23.20
C GLU F 55 -19.47 -39.89 23.58
N SER F 56 -20.01 -41.09 23.79
CA SER F 56 -19.17 -42.24 24.12
C SER F 56 -18.05 -42.42 23.11
N GLY F 57 -16.85 -42.67 23.62
CA GLY F 57 -15.68 -42.89 22.80
C GLY F 57 -14.92 -41.64 22.43
N VAL F 58 -15.49 -40.46 22.67
CA VAL F 58 -14.82 -39.22 22.32
C VAL F 58 -13.85 -38.88 23.44
N PRO F 59 -12.61 -38.49 23.13
CA PRO F 59 -11.63 -38.23 24.18
C PRO F 59 -12.10 -37.13 25.12
N SER F 60 -11.70 -37.25 26.37
CA SER F 60 -12.22 -36.32 27.37
C SER F 60 -11.56 -34.94 27.31
N ARG F 61 -10.51 -34.74 26.48
CA ARG F 61 -10.04 -33.38 26.25
C ARG F 61 -11.14 -32.50 25.65
N PHE F 62 -12.18 -33.10 25.07
CA PHE F 62 -13.32 -32.37 24.51
C PHE F 62 -14.35 -32.08 25.60
N SER F 63 -14.84 -30.84 25.65
CA SER F 63 -15.94 -30.52 26.54
C SER F 63 -16.80 -29.43 25.92
N GLY F 64 -18.07 -29.41 26.31
CA GLY F 64 -19.00 -28.40 25.86
C GLY F 64 -19.71 -27.77 27.04
N SER F 65 -20.02 -26.49 26.88
CA SER F 65 -20.75 -25.76 27.91
C SER F 65 -21.67 -24.74 27.25
N GLY F 66 -22.61 -24.25 28.05
CA GLY F 66 -23.53 -23.23 27.61
C GLY F 66 -24.99 -23.64 27.68
N SER F 67 -25.87 -22.65 27.69
CA SER F 67 -27.30 -22.87 27.66
C SER F 67 -27.94 -21.56 27.23
N GLY F 68 -29.03 -21.67 26.48
CA GLY F 68 -29.70 -20.48 25.99
C GLY F 68 -29.26 -20.08 24.59
N THR F 69 -28.36 -19.07 24.47
CA THR F 69 -27.91 -18.60 23.17
C THR F 69 -26.40 -18.62 22.96
N GLU F 70 -25.59 -18.88 23.98
CA GLU F 70 -24.14 -18.85 23.84
C GLU F 70 -23.54 -20.18 24.28
N PHE F 71 -22.73 -20.78 23.40
CA PHE F 71 -22.19 -22.11 23.59
C PHE F 71 -20.72 -22.17 23.21
N THR F 72 -20.00 -23.08 23.87
CA THR F 72 -18.55 -23.22 23.70
C THR F 72 -18.14 -24.68 23.60
N LEU F 73 -17.27 -24.98 22.63
CA LEU F 73 -16.53 -26.24 22.59
C LEU F 73 -15.09 -25.97 22.99
N THR F 74 -14.59 -26.76 23.95
CA THR F 74 -13.24 -26.56 24.46
C THR F 74 -12.44 -27.85 24.26
N ILE F 75 -11.23 -27.68 23.73
CA ILE F 75 -10.23 -28.75 23.63
C ILE F 75 -9.09 -28.35 24.54
N SER F 76 -8.93 -29.10 25.63
CA SER F 76 -8.03 -28.69 26.69
C SER F 76 -6.58 -28.78 26.24
N SER F 77 -6.25 -29.74 25.37
CA SER F 77 -4.90 -29.91 24.87
C SER F 77 -5.00 -30.51 23.48
N LEU F 78 -4.87 -29.66 22.47
CA LEU F 78 -5.05 -30.07 21.09
C LEU F 78 -4.08 -31.18 20.72
N GLN F 79 -4.58 -32.19 20.03
CA GLN F 79 -3.79 -33.31 19.54
C GLN F 79 -3.83 -33.30 18.02
N PRO F 80 -2.91 -34.00 17.35
CA PRO F 80 -2.90 -33.96 15.87
C PRO F 80 -4.20 -34.44 15.25
N ASP F 81 -4.90 -35.38 15.89
CA ASP F 81 -6.20 -35.86 15.38
C ASP F 81 -7.26 -34.75 15.31
N ASP F 82 -7.04 -33.64 16.01
CA ASP F 82 -8.08 -32.62 16.19
C ASP F 82 -8.08 -31.54 15.12
N PHE F 83 -7.10 -31.50 14.21
CA PHE F 83 -7.16 -30.53 13.13
C PHE F 83 -8.27 -30.91 12.17
N ALA F 84 -9.20 -29.99 11.97
CA ALA F 84 -10.49 -30.34 11.39
C ALA F 84 -11.40 -29.13 11.38
N THR F 85 -12.59 -29.28 10.81
CA THR F 85 -13.64 -28.27 10.92
C THR F 85 -14.68 -28.73 11.93
N TYR F 86 -15.20 -27.78 12.72
CA TYR F 86 -16.13 -28.08 13.81
C TYR F 86 -17.43 -27.31 13.58
N TYR F 87 -18.54 -28.02 13.67
CA TYR F 87 -19.86 -27.44 13.46
C TYR F 87 -20.71 -27.61 14.71
N CYS F 88 -21.53 -26.61 15.02
CA CYS F 88 -22.61 -26.77 15.98
C CYS F 88 -23.95 -26.92 15.25
N GLN F 89 -24.91 -27.54 15.94
CA GLN F 89 -26.25 -27.66 15.39
C GLN F 89 -27.28 -27.49 16.51
N GLN F 90 -28.39 -26.81 16.22
CA GLN F 90 -29.46 -26.68 17.21
C GLN F 90 -30.62 -27.61 16.86
N TYR F 91 -31.30 -28.12 17.89
CA TYR F 91 -32.26 -29.20 17.70
C TYR F 91 -33.73 -28.78 17.90
N ASN F 92 -33.99 -27.48 18.00
CA ASN F 92 -35.38 -27.04 17.85
C ASN F 92 -35.82 -27.17 16.39
N SER F 93 -34.96 -26.75 15.44
CA SER F 93 -35.29 -26.78 14.02
C SER F 93 -34.09 -27.10 13.14
N TYR F 94 -32.98 -27.58 13.72
CA TYR F 94 -31.95 -28.34 13.02
C TYR F 94 -30.99 -27.48 12.20
N SER F 95 -30.98 -26.16 12.36
CA SER F 95 -30.01 -25.35 11.61
C SER F 95 -28.60 -25.54 12.13
N PHE F 96 -27.62 -25.51 11.21
CA PHE F 96 -26.21 -25.64 11.50
C PHE F 96 -25.51 -24.30 11.57
N GLY F 97 -24.47 -24.24 12.40
CA GLY F 97 -23.53 -23.16 12.32
C GLY F 97 -22.66 -23.30 11.08
N PRO F 98 -21.94 -22.24 10.71
CA PRO F 98 -21.14 -22.29 9.47
C PRO F 98 -19.81 -23.01 9.61
N GLY F 99 -19.37 -23.35 10.81
CA GLY F 99 -18.18 -24.15 10.96
C GLY F 99 -16.97 -23.31 11.32
N THR F 100 -16.04 -23.94 12.04
CA THR F 100 -14.76 -23.34 12.39
C THR F 100 -13.65 -24.30 11.96
N LYS F 101 -12.75 -23.85 11.09
CA LYS F 101 -11.66 -24.71 10.63
C LYS F 101 -10.44 -24.42 11.48
N VAL F 102 -9.89 -25.47 12.08
CA VAL F 102 -8.68 -25.40 12.88
C VAL F 102 -7.56 -26.01 12.07
N ASP F 103 -6.54 -25.20 11.68
CA ASP F 103 -5.41 -25.71 10.91
C ASP F 103 -4.14 -25.64 11.76
N ILE F 104 -3.05 -26.12 11.19
CA ILE F 104 -1.80 -26.28 11.93
C ILE F 104 -0.99 -25.01 11.82
N LYS F 105 -0.68 -24.41 12.95
CA LYS F 105 0.16 -23.21 12.96
C LYS F 105 1.60 -23.61 12.62
N ARG F 106 2.24 -22.79 11.80
CA ARG F 106 3.68 -22.89 11.53
C ARG F 106 4.20 -21.49 11.28
N THR F 107 5.52 -21.38 11.05
CA THR F 107 6.12 -20.08 10.74
C THR F 107 5.66 -19.58 9.37
N VAL F 108 5.55 -18.25 9.26
CA VAL F 108 5.19 -17.64 7.98
C VAL F 108 6.17 -18.11 6.93
N ALA F 109 5.64 -18.43 5.75
CA ALA F 109 6.46 -18.79 4.60
C ALA F 109 5.86 -18.10 3.39
N ALA F 110 6.64 -17.22 2.76
CA ALA F 110 6.16 -16.56 1.55
C ALA F 110 5.94 -17.59 0.43
N PRO F 111 4.98 -17.37 -0.45
CA PRO F 111 4.83 -18.24 -1.63
C PRO F 111 5.97 -18.03 -2.61
N SER F 112 6.34 -19.12 -3.28
CA SER F 112 7.08 -19.01 -4.53
C SER F 112 6.08 -18.78 -5.65
N VAL F 113 6.31 -17.76 -6.48
CA VAL F 113 5.34 -17.34 -7.49
C VAL F 113 5.88 -17.64 -8.88
N PHE F 114 5.09 -18.36 -9.68
CA PHE F 114 5.45 -18.75 -11.03
C PHE F 114 4.29 -18.45 -11.96
N ILE F 115 4.61 -18.10 -13.19
CA ILE F 115 3.58 -17.81 -14.18
C ILE F 115 3.81 -18.66 -15.43
N PHE F 116 2.72 -18.98 -16.12
CA PHE F 116 2.74 -19.87 -17.26
C PHE F 116 1.91 -19.21 -18.35
N PRO F 117 2.49 -18.98 -19.53
CA PRO F 117 1.71 -18.44 -20.64
C PRO F 117 0.82 -19.50 -21.23
N PRO F 118 -0.14 -19.10 -22.06
CA PRO F 118 -0.95 -20.08 -22.78
C PRO F 118 -0.13 -20.84 -23.79
N SER F 119 -0.53 -22.09 -24.01
CA SER F 119 0.10 -22.97 -24.98
C SER F 119 -0.40 -22.65 -26.38
N ASP F 120 0.47 -22.94 -27.36
CA ASP F 120 0.07 -22.85 -28.76
C ASP F 120 -1.17 -23.68 -29.04
N GLU F 121 -1.23 -24.89 -28.46
CA GLU F 121 -2.39 -25.76 -28.67
C GLU F 121 -3.68 -25.06 -28.26
N GLN F 122 -3.66 -24.40 -27.11
CA GLN F 122 -4.89 -23.73 -26.68
C GLN F 122 -5.19 -22.55 -27.58
N LEU F 123 -4.18 -21.76 -27.95
CA LEU F 123 -4.44 -20.62 -28.84
C LEU F 123 -5.09 -21.06 -30.14
N LYS F 124 -4.62 -22.16 -30.74
CA LYS F 124 -5.27 -22.73 -31.92
C LYS F 124 -6.77 -22.91 -31.70
N SER F 125 -7.17 -23.33 -30.51
CA SER F 125 -8.56 -23.61 -30.24
C SER F 125 -9.39 -22.36 -29.96
N GLY F 126 -8.79 -21.18 -29.95
CA GLY F 126 -9.52 -19.93 -29.83
C GLY F 126 -9.53 -19.28 -28.45
N THR F 127 -8.70 -19.72 -27.53
CA THR F 127 -8.78 -19.24 -26.15
CA THR F 127 -8.78 -19.32 -26.21
C THR F 127 -7.38 -19.25 -25.56
N ALA F 128 -7.21 -18.50 -24.49
CA ALA F 128 -5.91 -18.30 -23.86
C ALA F 128 -6.08 -18.30 -22.36
N SER F 129 -5.42 -19.23 -21.67
CA SER F 129 -5.40 -19.24 -20.21
C SER F 129 -3.99 -18.91 -19.73
N VAL F 130 -3.89 -18.02 -18.76
CA VAL F 130 -2.63 -17.70 -18.10
C VAL F 130 -2.74 -18.20 -16.66
N VAL F 131 -1.76 -18.97 -16.19
CA VAL F 131 -1.82 -19.56 -14.86
C VAL F 131 -0.71 -18.98 -14.01
N CYS F 132 -1.06 -18.60 -12.79
CA CYS F 132 -0.15 -18.14 -11.75
C CYS F 132 -0.19 -19.13 -10.61
N LEU F 133 0.98 -19.60 -10.17
CA LEU F 133 1.12 -20.62 -9.13
C LEU F 133 1.81 -20.00 -7.92
N LEU F 134 1.14 -20.09 -6.76
CA LEU F 134 1.72 -19.68 -5.48
C LEU F 134 2.04 -20.97 -4.74
N ASN F 135 3.31 -21.26 -4.56
CA ASN F 135 3.69 -22.59 -4.11
C ASN F 135 4.18 -22.56 -2.67
N ASN F 136 3.61 -23.43 -1.84
CA ASN F 136 4.13 -23.80 -0.52
C ASN F 136 4.26 -22.57 0.41
N PHE F 137 3.11 -21.99 0.76
CA PHE F 137 3.09 -20.81 1.61
C PHE F 137 2.26 -21.01 2.87
N TYR F 138 2.44 -20.10 3.83
CA TYR F 138 1.69 -20.10 5.08
C TYR F 138 1.78 -18.69 5.69
N PRO F 139 0.65 -18.14 6.19
CA PRO F 139 -0.69 -18.74 6.30
C PRO F 139 -1.48 -18.82 5.00
N ARG F 140 -2.69 -19.36 5.16
CA ARG F 140 -3.56 -19.66 4.02
C ARG F 140 -3.96 -18.40 3.26
N GLU F 141 -4.15 -17.30 3.98
CA GLU F 141 -4.69 -16.10 3.35
C GLU F 141 -3.68 -15.53 2.35
N ALA F 142 -4.16 -15.27 1.13
CA ALA F 142 -3.34 -14.74 0.05
C ALA F 142 -4.26 -14.09 -0.98
N LYS F 143 -3.75 -13.05 -1.64
CA LYS F 143 -4.51 -12.30 -2.62
C LYS F 143 -3.77 -12.32 -3.95
N VAL F 144 -4.45 -12.69 -5.03
CA VAL F 144 -3.89 -12.66 -6.36
C VAL F 144 -4.71 -11.71 -7.22
N GLN F 145 -4.01 -10.81 -7.92
CA GLN F 145 -4.63 -9.81 -8.77
C GLN F 145 -3.97 -9.93 -10.14
N TRP F 146 -4.79 -10.14 -11.16
CA TRP F 146 -4.34 -10.12 -12.53
C TRP F 146 -4.42 -8.71 -13.09
N LYS F 147 -3.36 -8.32 -13.81
CA LYS F 147 -3.34 -7.08 -14.56
C LYS F 147 -2.85 -7.37 -15.97
N VAL F 148 -3.54 -6.78 -16.94
CA VAL F 148 -3.22 -6.90 -18.35
C VAL F 148 -3.02 -5.50 -18.89
N ASP F 149 -1.81 -5.22 -19.37
CA ASP F 149 -1.35 -3.86 -19.67
C ASP F 149 -1.83 -2.88 -18.61
N ASN F 150 -1.62 -3.27 -17.35
CA ASN F 150 -1.85 -2.53 -16.13
C ASN F 150 -3.31 -2.41 -15.75
N ALA F 151 -4.22 -2.97 -16.52
CA ALA F 151 -5.65 -2.93 -16.23
C ALA F 151 -6.06 -4.12 -15.36
N LEU F 152 -6.74 -3.84 -14.24
CA LEU F 152 -7.19 -4.91 -13.35
C LEU F 152 -8.20 -5.83 -14.03
N GLN F 153 -7.99 -7.12 -13.89
CA GLN F 153 -8.95 -8.12 -14.32
C GLN F 153 -9.86 -8.48 -13.15
N SER F 154 -11.08 -8.82 -13.46
CA SER F 154 -12.00 -9.34 -12.46
C SER F 154 -13.00 -10.24 -13.19
N GLY F 155 -13.42 -11.32 -12.53
CA GLY F 155 -14.50 -12.15 -13.02
C GLY F 155 -14.12 -13.07 -14.17
N ASN F 156 -12.89 -13.01 -14.65
CA ASN F 156 -12.42 -13.89 -15.71
C ASN F 156 -11.27 -14.76 -15.21
N SER F 157 -11.18 -14.93 -13.89
CA SER F 157 -10.19 -15.78 -13.30
C SER F 157 -10.83 -16.65 -12.23
N GLN F 158 -10.16 -17.76 -11.94
CA GLN F 158 -10.59 -18.60 -10.84
C GLN F 158 -9.38 -19.17 -10.13
N GLU F 159 -9.50 -19.31 -8.81
CA GLU F 159 -8.40 -19.86 -8.05
C GLU F 159 -8.85 -21.08 -7.27
N SER F 160 -7.85 -21.87 -6.91
CA SER F 160 -8.10 -23.11 -6.20
C SER F 160 -6.94 -23.28 -5.24
N VAL F 161 -7.21 -23.90 -4.09
CA VAL F 161 -6.20 -24.04 -3.06
C VAL F 161 -6.14 -25.50 -2.64
N THR F 162 -4.93 -25.96 -2.36
CA THR F 162 -4.76 -27.30 -1.83
C THR F 162 -5.07 -27.32 -0.34
N GLU F 163 -5.30 -28.51 0.19
CA GLU F 163 -5.33 -28.68 1.63
C GLU F 163 -3.92 -28.52 2.20
N GLN F 164 -3.86 -28.22 3.48
CA GLN F 164 -2.59 -28.03 4.16
C GLN F 164 -1.71 -29.27 3.99
N ASP F 165 -0.46 -29.06 3.59
CA ASP F 165 0.45 -30.17 3.28
C ASP F 165 0.76 -30.99 4.53
N SER F 166 0.70 -32.32 4.42
CA SER F 166 0.84 -33.19 5.59
C SER F 166 2.25 -33.21 6.15
N LYS F 167 3.21 -32.66 5.44
CA LYS F 167 4.56 -32.72 5.95
C LYS F 167 5.15 -31.35 6.33
N ASP F 168 4.88 -30.34 5.53
CA ASP F 168 5.41 -29.03 5.84
C ASP F 168 4.34 -28.01 6.21
N SER F 169 3.06 -28.40 6.23
CA SER F 169 1.98 -27.56 6.72
C SER F 169 1.78 -26.28 5.89
N THR F 170 2.23 -26.25 4.63
CA THR F 170 2.00 -25.11 3.77
C THR F 170 0.78 -25.35 2.89
N TYR F 171 0.37 -24.30 2.20
CA TYR F 171 -0.65 -24.34 1.17
C TYR F 171 -0.03 -24.00 -0.18
N SER F 172 -0.72 -24.41 -1.26
CA SER F 172 -0.43 -23.91 -2.60
C SER F 172 -1.74 -23.46 -3.25
N LEU F 173 -1.60 -22.57 -4.21
CA LEU F 173 -2.76 -21.94 -4.84
C LEU F 173 -2.46 -21.71 -6.31
N SER F 174 -3.44 -22.02 -7.15
CA SER F 174 -3.38 -21.69 -8.57
C SER F 174 -4.43 -20.64 -8.88
N SER F 175 -4.10 -19.73 -9.77
CA SER F 175 -5.08 -18.78 -10.30
C SER F 175 -5.00 -18.78 -11.82
N THR F 176 -6.14 -18.95 -12.47
CA THR F 176 -6.18 -19.12 -13.93
C THR F 176 -6.99 -17.99 -14.54
N LEU F 177 -6.32 -17.17 -15.36
CA LEU F 177 -6.94 -16.11 -16.16
C LEU F 177 -7.28 -16.65 -17.54
N THR F 178 -8.52 -16.50 -17.97
CA THR F 178 -8.93 -16.97 -19.29
C THR F 178 -9.53 -15.84 -20.11
N LEU F 179 -8.99 -15.66 -21.30
CA LEU F 179 -9.44 -14.67 -22.26
C LEU F 179 -9.64 -15.38 -23.59
N SER F 180 -10.42 -14.78 -24.48
CA SER F 180 -10.45 -15.27 -25.85
C SER F 180 -9.10 -15.02 -26.52
N LYS F 181 -8.77 -15.86 -27.50
CA LYS F 181 -7.54 -15.64 -28.26
C LYS F 181 -7.45 -14.20 -28.73
N ALA F 182 -8.56 -13.66 -29.25
CA ALA F 182 -8.53 -12.31 -29.79
C ALA F 182 -8.22 -11.26 -28.72
N ASP F 183 -8.80 -11.39 -27.53
CA ASP F 183 -8.48 -10.45 -26.46
C ASP F 183 -7.03 -10.60 -26.02
N TYR F 184 -6.53 -11.84 -25.98
CA TYR F 184 -5.15 -12.10 -25.60
C TYR F 184 -4.17 -11.37 -26.51
N GLU F 185 -4.44 -11.38 -27.83
CA GLU F 185 -3.55 -10.79 -28.82
C GLU F 185 -3.61 -9.27 -28.88
N LYS F 186 -4.59 -8.68 -28.24
CA LYS F 186 -4.70 -7.21 -28.26
C LYS F 186 -3.83 -6.54 -27.14
N HIS F 187 -3.22 -7.35 -26.27
CA HIS F 187 -2.48 -6.83 -25.13
C HIS F 187 -1.08 -7.47 -25.10
N LYS F 188 -0.16 -6.85 -24.37
CA LYS F 188 1.24 -7.31 -24.32
C LYS F 188 1.64 -7.90 -22.97
N VAL F 189 1.43 -7.16 -21.88
CA VAL F 189 1.99 -7.52 -20.59
C VAL F 189 0.92 -8.21 -19.76
N TYR F 190 1.21 -9.44 -19.31
CA TYR F 190 0.31 -10.25 -18.47
C TYR F 190 0.96 -10.45 -17.11
N ALA F 191 0.31 -9.98 -16.06
CA ALA F 191 0.95 -9.89 -14.75
C ALA F 191 0.06 -10.45 -13.65
N CYS F 192 0.71 -11.24 -12.79
CA CYS F 192 0.13 -11.83 -11.59
C CYS F 192 0.74 -11.10 -10.40
N GLU F 193 -0.10 -10.37 -9.67
CA GLU F 193 0.34 -9.63 -8.48
C GLU F 193 -0.16 -10.33 -7.21
N VAL F 194 0.76 -10.67 -6.31
CA VAL F 194 0.51 -11.50 -5.14
C VAL F 194 0.73 -10.69 -3.88
N THR F 195 -0.23 -10.77 -2.94
CA THR F 195 -0.10 -10.16 -1.61
C THR F 195 -0.13 -11.29 -0.58
N HIS F 196 0.82 -11.29 0.34
CA HIS F 196 0.89 -12.33 1.36
C HIS F 196 1.73 -11.82 2.50
N GLN F 197 1.35 -12.27 3.72
CA GLN F 197 2.01 -11.84 4.95
C GLN F 197 3.52 -12.08 4.92
N GLY F 198 3.98 -13.07 4.17
CA GLY F 198 5.40 -13.34 4.08
C GLY F 198 6.18 -12.39 3.19
N LEU F 199 5.48 -11.49 2.50
CA LEU F 199 6.08 -10.54 1.56
C LEU F 199 5.88 -9.13 2.09
N SER F 200 6.97 -8.34 2.12
CA SER F 200 6.86 -6.97 2.63
C SER F 200 6.14 -6.05 1.66
N SER F 201 6.17 -6.36 0.37
CA SER F 201 5.41 -5.66 -0.65
C SER F 201 4.89 -6.69 -1.62
N PRO F 202 3.79 -6.41 -2.31
CA PRO F 202 3.28 -7.38 -3.27
C PRO F 202 4.33 -7.73 -4.31
N VAL F 203 4.36 -9.00 -4.68
CA VAL F 203 5.29 -9.47 -5.69
C VAL F 203 4.53 -9.62 -7.01
N THR F 204 5.16 -9.19 -8.09
CA THR F 204 4.58 -9.30 -9.42
C THR F 204 5.41 -10.26 -10.25
N LYS F 205 4.74 -11.26 -10.83
CA LYS F 205 5.30 -12.11 -11.84
C LYS F 205 4.60 -11.78 -13.15
N SER F 206 5.36 -11.47 -14.21
CA SER F 206 4.72 -11.10 -15.45
C SER F 206 5.59 -11.49 -16.64
N PHE F 207 4.99 -11.46 -17.82
CA PHE F 207 5.70 -11.66 -19.06
C PHE F 207 5.07 -10.77 -20.12
N ASN F 208 5.86 -10.51 -21.15
CA ASN F 208 5.44 -9.77 -22.33
C ASN F 208 5.17 -10.77 -23.45
N ARG F 209 3.96 -10.70 -24.02
CA ARG F 209 3.55 -11.68 -25.01
C ARG F 209 4.54 -11.75 -26.17
N GLY F 210 5.21 -10.64 -26.50
CA GLY F 210 6.17 -10.62 -27.58
C GLY F 210 7.50 -11.27 -27.28
N GLU F 211 7.85 -11.39 -26.00
CA GLU F 211 9.03 -12.11 -25.54
C GLU F 211 8.71 -13.53 -25.08
N CYS F 212 7.50 -14.03 -25.35
CA CYS F 212 7.01 -15.21 -24.66
C CYS F 212 5.91 -15.88 -25.50
N GLU G 1 -21.41 -53.86 10.01
CA GLU G 1 -22.67 -54.41 10.39
C GLU G 1 -23.60 -53.17 10.68
N VAL G 2 -23.07 -52.22 11.46
CA VAL G 2 -23.82 -50.97 11.91
C VAL G 2 -23.55 -49.90 10.86
N GLN G 3 -24.55 -49.58 10.07
CA GLN G 3 -24.33 -48.92 8.80
C GLN G 3 -25.61 -48.29 8.27
N LEU G 4 -25.42 -47.20 7.52
CA LEU G 4 -26.43 -46.54 6.71
C LEU G 4 -25.87 -46.36 5.31
N VAL G 5 -26.46 -47.02 4.32
CA VAL G 5 -25.96 -47.03 2.95
C VAL G 5 -26.99 -46.36 2.04
N GLU G 6 -26.62 -45.20 1.50
CA GLU G 6 -27.46 -44.44 0.59
C GLU G 6 -27.32 -44.97 -0.84
N SER G 7 -28.42 -44.88 -1.59
CA SER G 7 -28.40 -45.13 -3.02
C SER G 7 -29.30 -44.11 -3.68
N GLY G 8 -29.25 -44.06 -5.00
CA GLY G 8 -30.18 -43.25 -5.78
C GLY G 8 -29.59 -41.98 -6.36
N GLY G 9 -28.42 -41.55 -5.91
CA GLY G 9 -27.85 -40.35 -6.43
C GLY G 9 -27.38 -40.50 -7.87
N GLY G 10 -27.12 -39.35 -8.47
CA GLY G 10 -26.63 -39.35 -9.82
C GLY G 10 -26.79 -37.98 -10.45
N LEU G 11 -26.56 -37.96 -11.77
CA LEU G 11 -26.59 -36.75 -12.55
C LEU G 11 -27.98 -36.51 -13.12
N VAL G 12 -28.52 -35.32 -12.83
CA VAL G 12 -29.86 -34.94 -13.28
C VAL G 12 -29.89 -33.51 -13.80
N GLN G 13 -30.75 -33.25 -14.78
CA GLN G 13 -30.90 -31.88 -15.29
C GLN G 13 -31.86 -31.09 -14.39
N PRO G 14 -31.73 -29.77 -14.35
CA PRO G 14 -32.66 -28.96 -13.55
C PRO G 14 -34.12 -29.22 -13.95
N GLY G 15 -34.99 -29.26 -12.94
CA GLY G 15 -36.38 -29.54 -13.14
C GLY G 15 -36.78 -31.00 -13.05
N ARG G 16 -35.83 -31.90 -13.13
CA ARG G 16 -36.14 -33.33 -13.08
C ARG G 16 -36.28 -33.85 -11.62
N SER G 17 -36.49 -35.16 -11.45
CA SER G 17 -36.71 -35.79 -10.16
C SER G 17 -35.65 -36.84 -9.89
N LEU G 18 -35.37 -37.06 -8.61
CA LEU G 18 -34.63 -38.22 -8.14
C LEU G 18 -35.27 -38.73 -6.85
N ARG G 19 -35.10 -40.01 -6.60
CA ARG G 19 -35.53 -40.63 -5.35
C ARG G 19 -34.33 -41.28 -4.68
N LEU G 20 -33.95 -40.78 -3.52
CA LEU G 20 -32.87 -41.39 -2.76
C LEU G 20 -33.43 -42.46 -1.82
N SER G 21 -32.62 -43.48 -1.57
CA SER G 21 -32.95 -44.51 -0.58
C SER G 21 -31.78 -44.66 0.38
N CYS G 22 -32.08 -45.25 1.54
CA CYS G 22 -31.07 -45.55 2.54
C CYS G 22 -31.40 -46.88 3.22
N ALA G 23 -30.47 -47.82 3.17
CA ALA G 23 -30.64 -49.10 3.81
C ALA G 23 -29.83 -49.12 5.11
N ALA G 24 -30.53 -49.35 6.22
CA ALA G 24 -29.96 -49.39 7.57
C ALA G 24 -29.73 -50.83 8.02
N SER G 25 -28.65 -51.07 8.74
CA SER G 25 -28.44 -52.37 9.35
C SER G 25 -27.66 -52.18 10.64
N GLY G 26 -27.76 -53.18 11.52
CA GLY G 26 -26.99 -53.20 12.74
C GLY G 26 -27.60 -52.47 13.91
N PHE G 27 -28.75 -51.84 13.73
CA PHE G 27 -29.44 -51.26 14.88
C PHE G 27 -30.92 -51.34 14.63
N THR G 28 -31.68 -51.13 15.70
CA THR G 28 -33.14 -51.25 15.62
C THR G 28 -33.70 -49.97 15.03
N PHE G 29 -33.79 -49.98 13.70
CA PHE G 29 -34.12 -48.80 12.90
C PHE G 29 -35.46 -48.20 13.33
N ASN G 30 -36.43 -49.05 13.66
CA ASN G 30 -37.77 -48.57 13.97
C ASN G 30 -37.79 -47.62 15.16
N ASP G 31 -36.81 -47.69 16.04
CA ASP G 31 -36.91 -46.96 17.30
C ASP G 31 -36.34 -45.55 17.23
N TYR G 32 -35.85 -45.09 16.06
CA TYR G 32 -35.10 -43.85 16.01
C TYR G 32 -35.64 -42.89 14.95
N ALA G 33 -35.68 -41.61 15.29
CA ALA G 33 -35.84 -40.59 14.27
C ALA G 33 -34.76 -40.76 13.23
N MET G 34 -35.09 -40.45 11.98
CA MET G 34 -34.11 -40.53 10.89
C MET G 34 -34.14 -39.25 10.11
N HIS G 35 -32.98 -38.89 9.56
CA HIS G 35 -32.81 -37.56 8.96
C HIS G 35 -31.99 -37.65 7.67
N TRP G 36 -32.14 -36.60 6.85
CA TRP G 36 -31.30 -36.37 5.67
C TRP G 36 -30.55 -35.06 5.87
N VAL G 37 -29.23 -35.09 5.65
CA VAL G 37 -28.37 -33.92 5.71
C VAL G 37 -27.60 -33.85 4.38
N ARG G 38 -27.37 -32.65 3.86
CA ARG G 38 -26.63 -32.51 2.61
C ARG G 38 -25.45 -31.56 2.79
N GLN G 39 -24.49 -31.70 1.86
CA GLN G 39 -23.28 -30.89 1.91
C GLN G 39 -22.82 -30.62 0.48
N ALA G 40 -22.96 -29.38 0.05
CA ALA G 40 -22.52 -29.04 -1.28
C ALA G 40 -20.99 -29.02 -1.32
N PRO G 41 -20.39 -29.36 -2.46
CA PRO G 41 -18.92 -29.44 -2.51
C PRO G 41 -18.24 -28.17 -2.04
N GLY G 42 -17.28 -28.34 -1.13
CA GLY G 42 -16.57 -27.20 -0.57
C GLY G 42 -17.36 -26.40 0.43
N LYS G 43 -18.57 -26.84 0.83
CA LYS G 43 -19.43 -26.02 1.69
C LYS G 43 -19.75 -26.77 2.98
N GLY G 44 -20.59 -26.15 3.81
CA GLY G 44 -20.94 -26.69 5.10
C GLY G 44 -22.08 -27.67 5.06
N LEU G 45 -22.62 -27.92 6.25
CA LEU G 45 -23.67 -28.91 6.43
C LEU G 45 -25.02 -28.21 6.41
N GLU G 46 -26.01 -28.83 5.77
CA GLU G 46 -27.38 -28.31 5.76
C GLU G 46 -28.36 -29.45 6.03
N TRP G 47 -29.18 -29.30 7.06
CA TRP G 47 -30.24 -30.26 7.32
C TRP G 47 -31.34 -30.14 6.26
N VAL G 48 -31.81 -31.27 5.74
CA VAL G 48 -32.79 -31.27 4.65
C VAL G 48 -34.17 -31.65 5.17
N SER G 49 -34.27 -32.72 5.94
CA SER G 49 -35.58 -33.30 6.30
C SER G 49 -35.39 -34.34 7.41
N GLY G 50 -36.46 -34.59 8.16
CA GLY G 50 -36.44 -35.62 9.19
C GLY G 50 -37.81 -36.22 9.43
N ILE G 51 -37.80 -37.40 10.08
CA ILE G 51 -39.02 -38.14 10.38
C ILE G 51 -38.87 -38.84 11.73
N SER G 52 -39.87 -38.68 12.60
CA SER G 52 -39.82 -39.27 13.93
C SER G 52 -39.88 -40.78 13.81
N TRP G 53 -39.51 -41.46 14.91
CA TRP G 53 -39.46 -42.91 14.92
C TRP G 53 -40.77 -43.53 14.50
N ASP G 54 -41.90 -42.92 14.89
CA ASP G 54 -43.22 -43.48 14.66
C ASP G 54 -43.90 -42.88 13.42
N SER G 55 -43.15 -42.13 12.60
CA SER G 55 -43.63 -41.47 11.38
C SER G 55 -44.70 -40.41 11.63
N SER G 56 -45.01 -40.11 12.90
CA SER G 56 -46.09 -39.15 13.14
C SER G 56 -45.69 -37.70 12.91
N SER G 57 -44.39 -37.40 12.92
CA SER G 57 -43.93 -36.02 12.87
C SER G 57 -42.86 -35.94 11.80
N ILE G 58 -43.03 -35.02 10.86
CA ILE G 58 -42.12 -34.83 9.72
C ILE G 58 -41.79 -33.35 9.58
N GLY G 59 -40.54 -33.05 9.21
CA GLY G 59 -40.14 -31.68 8.96
C GLY G 59 -39.25 -31.58 7.74
N TYR G 60 -39.22 -30.35 7.17
CA TYR G 60 -38.43 -29.98 6.00
C TYR G 60 -37.74 -28.64 6.23
N ALA G 61 -36.53 -28.51 5.67
CA ALA G 61 -35.92 -27.22 5.49
C ALA G 61 -36.81 -26.38 4.59
N ASP G 62 -36.90 -25.08 4.88
CA ASP G 62 -37.71 -24.18 4.06
C ASP G 62 -37.35 -24.28 2.56
N SER G 63 -36.06 -24.45 2.23
CA SER G 63 -35.64 -24.41 0.82
C SER G 63 -36.12 -25.61 0.02
N VAL G 64 -36.57 -26.68 0.68
CA VAL G 64 -36.98 -27.89 -0.03
C VAL G 64 -38.45 -28.22 0.20
N LYS G 65 -39.16 -27.55 1.10
CA LYS G 65 -40.49 -28.03 1.39
C LYS G 65 -41.43 -27.72 0.22
N GLY G 66 -42.35 -28.65 -0.03
CA GLY G 66 -43.16 -28.65 -1.23
C GLY G 66 -42.55 -29.39 -2.41
N ARG G 67 -41.25 -29.64 -2.39
CA ARG G 67 -40.57 -30.34 -3.48
C ARG G 67 -40.02 -31.69 -3.05
N PHE G 68 -39.63 -31.81 -1.78
CA PHE G 68 -39.08 -33.05 -1.23
C PHE G 68 -40.09 -33.72 -0.32
N THR G 69 -40.06 -35.06 -0.32
CA THR G 69 -40.90 -35.87 0.55
C THR G 69 -40.06 -36.98 1.19
N ILE G 70 -39.99 -36.98 2.50
CA ILE G 70 -39.30 -38.01 3.27
C ILE G 70 -40.32 -39.09 3.64
N SER G 71 -39.87 -40.33 3.71
CA SER G 71 -40.69 -41.43 4.17
C SER G 71 -39.79 -42.53 4.70
N ARG G 72 -40.38 -43.47 5.43
CA ARG G 72 -39.63 -44.61 5.94
C ARG G 72 -40.47 -45.87 5.85
N ASP G 73 -39.77 -46.98 5.72
CA ASP G 73 -40.37 -48.30 5.72
C ASP G 73 -39.64 -49.12 6.78
N ASN G 74 -40.23 -49.20 7.97
CA ASN G 74 -39.55 -49.87 9.07
C ASN G 74 -39.38 -51.35 8.80
N ALA G 75 -40.38 -51.97 8.14
CA ALA G 75 -40.26 -53.39 7.83
C ALA G 75 -39.03 -53.65 6.96
N LYS G 76 -38.64 -52.67 6.14
CA LYS G 76 -37.48 -52.78 5.26
C LYS G 76 -36.27 -52.01 5.76
N ASN G 77 -36.32 -51.47 6.96
CA ASN G 77 -35.15 -50.75 7.52
C ASN G 77 -34.65 -49.69 6.54
N SER G 78 -35.55 -48.95 5.92
CA SER G 78 -35.16 -48.03 4.86
C SER G 78 -35.77 -46.66 5.07
N LEU G 79 -34.99 -45.65 4.71
CA LEU G 79 -35.39 -44.26 4.65
C LEU G 79 -35.29 -43.82 3.20
N TYR G 80 -36.23 -42.97 2.77
CA TYR G 80 -36.32 -42.52 1.39
C TYR G 80 -36.46 -41.00 1.35
N LEU G 81 -36.05 -40.40 0.21
CA LEU G 81 -36.27 -38.99 -0.08
C LEU G 81 -36.65 -38.83 -1.54
N GLN G 82 -37.89 -38.40 -1.78
CA GLN G 82 -38.32 -38.06 -3.13
C GLN G 82 -38.01 -36.57 -3.36
N MET G 83 -37.21 -36.30 -4.38
CA MET G 83 -36.81 -34.94 -4.69
C MET G 83 -37.36 -34.57 -6.06
N ASN G 84 -38.30 -33.64 -6.09
CA ASN G 84 -38.85 -33.13 -7.34
C ASN G 84 -38.28 -31.75 -7.65
N SER G 85 -38.38 -31.39 -8.94
CA SER G 85 -38.06 -30.04 -9.41
C SER G 85 -36.67 -29.63 -8.94
N LEU G 86 -35.70 -30.50 -9.17
CA LEU G 86 -34.36 -30.25 -8.65
C LEU G 86 -33.78 -29.00 -9.27
N ARG G 87 -33.03 -28.26 -8.47
CA ARG G 87 -32.39 -27.02 -8.85
C ARG G 87 -30.90 -27.20 -8.68
N ALA G 88 -30.11 -26.30 -9.28
CA ALA G 88 -28.66 -26.34 -9.12
C ALA G 88 -28.27 -26.27 -7.65
N GLU G 89 -29.07 -25.51 -6.91
CA GLU G 89 -28.77 -25.30 -5.50
C GLU G 89 -28.98 -26.59 -4.65
N ASP G 90 -29.64 -27.60 -5.19
CA ASP G 90 -29.80 -28.88 -4.50
C ASP G 90 -28.64 -29.83 -4.74
N MET G 91 -27.71 -29.46 -5.61
CA MET G 91 -26.52 -30.29 -5.86
C MET G 91 -25.72 -30.45 -4.57
N ALA G 92 -25.48 -31.71 -4.21
CA ALA G 92 -24.82 -31.96 -2.93
C ALA G 92 -24.63 -33.45 -2.72
N LEU G 93 -23.74 -33.77 -1.78
CA LEU G 93 -23.66 -35.09 -1.19
C LEU G 93 -24.74 -35.20 -0.12
N TYR G 94 -25.58 -36.22 -0.22
CA TYR G 94 -26.73 -36.40 0.68
C TYR G 94 -26.45 -37.55 1.65
N TYR G 95 -26.41 -37.23 2.94
CA TYR G 95 -26.18 -38.22 3.97
C TYR G 95 -27.49 -38.66 4.57
N CYS G 96 -27.65 -39.95 4.68
CA CYS G 96 -28.65 -40.55 5.54
C CYS G 96 -28.10 -40.58 6.97
N VAL G 97 -28.91 -40.18 7.95
CA VAL G 97 -28.43 -39.90 9.31
C VAL G 97 -29.40 -40.45 10.36
N LYS G 98 -28.87 -41.15 11.36
CA LYS G 98 -29.66 -41.68 12.46
C LYS G 98 -29.74 -40.66 13.58
N GLY G 99 -30.94 -40.40 14.07
CA GLY G 99 -31.11 -39.51 15.19
C GLY G 99 -30.96 -40.26 16.51
N ARG G 100 -30.48 -39.55 17.52
CA ARG G 100 -30.61 -39.98 18.90
C ARG G 100 -31.62 -39.04 19.57
N ASP G 101 -32.64 -39.63 20.22
CA ASP G 101 -33.83 -38.91 20.66
C ASP G 101 -33.92 -38.87 22.18
N TYR G 102 -34.76 -37.96 22.69
CA TYR G 102 -34.82 -37.64 24.11
C TYR G 102 -36.20 -37.11 24.48
N TYR G 103 -36.68 -37.47 25.68
CA TYR G 103 -37.99 -37.06 26.17
C TYR G 103 -37.82 -35.90 27.15
N ASP G 104 -38.53 -34.80 26.88
CA ASP G 104 -38.52 -33.61 27.70
C ASP G 104 -39.82 -32.86 27.47
N SER G 105 -40.42 -32.38 28.56
CA SER G 105 -41.61 -31.52 28.49
C SER G 105 -42.68 -32.12 27.57
N GLY G 106 -42.97 -33.40 27.78
CA GLY G 106 -44.08 -34.05 27.10
C GLY G 106 -43.83 -34.43 25.66
N GLY G 107 -42.60 -34.35 25.18
CA GLY G 107 -42.32 -34.62 23.77
C GLY G 107 -40.99 -35.34 23.63
N TYR G 108 -40.93 -36.16 22.59
CA TYR G 108 -39.78 -36.98 22.24
C TYR G 108 -39.20 -36.46 20.94
N PHE G 109 -37.93 -36.04 20.97
CA PHE G 109 -37.34 -35.29 19.87
C PHE G 109 -35.84 -35.58 19.76
N THR G 110 -35.32 -35.37 18.55
CA THR G 110 -33.90 -35.66 18.27
C THR G 110 -33.00 -34.67 18.99
N VAL G 111 -31.94 -35.17 19.62
CA VAL G 111 -30.93 -34.30 20.21
C VAL G 111 -29.54 -34.53 19.63
N ALA G 112 -29.32 -35.54 18.78
CA ALA G 112 -28.01 -35.80 18.20
C ALA G 112 -28.16 -36.59 16.91
N PHE G 113 -27.15 -36.46 16.04
CA PHE G 113 -27.00 -37.28 14.84
C PHE G 113 -25.79 -38.14 15.05
N ASP G 114 -25.99 -39.39 15.51
CA ASP G 114 -24.86 -40.19 15.95
C ASP G 114 -24.32 -41.15 14.90
N ILE G 115 -25.11 -41.54 13.91
CA ILE G 115 -24.57 -42.40 12.85
C ILE G 115 -24.89 -41.75 11.52
N TRP G 116 -23.88 -41.73 10.63
CA TRP G 116 -23.92 -41.06 9.33
C TRP G 116 -23.49 -42.04 8.25
N GLY G 117 -24.26 -42.09 7.16
CA GLY G 117 -23.82 -42.82 6.00
C GLY G 117 -22.71 -42.05 5.29
N GLN G 118 -22.07 -42.71 4.33
CA GLN G 118 -21.01 -42.07 3.55
C GLN G 118 -21.58 -41.06 2.56
N GLY G 119 -22.84 -41.19 2.19
CA GLY G 119 -23.49 -40.23 1.32
C GLY G 119 -23.61 -40.68 -0.12
N THR G 120 -24.64 -40.17 -0.79
CA THR G 120 -24.85 -40.35 -2.21
C THR G 120 -24.91 -38.99 -2.88
N MET G 121 -24.23 -38.89 -4.03
CA MET G 121 -23.96 -37.60 -4.66
C MET G 121 -25.09 -37.22 -5.59
N VAL G 122 -25.63 -36.02 -5.43
CA VAL G 122 -26.65 -35.50 -6.32
C VAL G 122 -26.05 -34.35 -7.09
N THR G 123 -25.97 -34.52 -8.41
CA THR G 123 -25.37 -33.55 -9.33
C THR G 123 -26.47 -33.01 -10.22
N VAL G 124 -26.77 -31.73 -10.09
CA VAL G 124 -27.82 -31.07 -10.85
C VAL G 124 -27.17 -30.03 -11.74
N SER G 125 -27.21 -30.26 -13.05
CA SER G 125 -26.56 -29.38 -14.02
C SER G 125 -27.24 -29.55 -15.38
N SER G 126 -27.29 -28.46 -16.13
CA SER G 126 -27.76 -28.51 -17.52
C SER G 126 -26.64 -28.81 -18.50
N ALA G 127 -25.42 -29.01 -18.00
CA ALA G 127 -24.28 -29.31 -18.86
C ALA G 127 -24.33 -30.75 -19.36
N SER G 128 -23.80 -30.94 -20.57
CA SER G 128 -23.65 -32.27 -21.14
C SER G 128 -22.27 -32.83 -20.82
N THR G 129 -22.22 -34.15 -20.72
CA THR G 129 -20.97 -34.83 -20.41
C THR G 129 -19.93 -34.54 -21.48
N LYS G 130 -18.72 -34.18 -21.04
CA LYS G 130 -17.70 -33.73 -21.99
C LYS G 130 -16.31 -33.98 -21.40
N GLY G 131 -15.43 -34.57 -22.20
CA GLY G 131 -14.06 -34.78 -21.78
C GLY G 131 -13.23 -33.50 -21.83
N PRO G 132 -12.14 -33.44 -21.07
CA PRO G 132 -11.30 -32.23 -21.06
C PRO G 132 -10.40 -32.12 -22.27
N SER G 133 -10.02 -30.89 -22.56
CA SER G 133 -8.81 -30.57 -23.30
C SER G 133 -7.66 -30.40 -22.30
N VAL G 134 -6.48 -30.90 -22.67
CA VAL G 134 -5.33 -30.86 -21.78
C VAL G 134 -4.27 -30.00 -22.44
N PHE G 135 -3.87 -28.91 -21.78
CA PHE G 135 -2.84 -28.05 -22.36
C PHE G 135 -1.59 -27.99 -21.48
N PRO G 136 -0.39 -27.91 -22.06
CA PRO G 136 0.81 -27.85 -21.22
C PRO G 136 0.94 -26.52 -20.50
N LEU G 137 1.47 -26.58 -19.28
CA LEU G 137 1.95 -25.42 -18.52
C LEU G 137 3.47 -25.49 -18.59
N ALA G 138 4.04 -24.78 -19.56
CA ALA G 138 5.42 -25.00 -19.97
C ALA G 138 6.39 -24.36 -18.98
N PRO G 139 7.45 -25.06 -18.62
CA PRO G 139 8.49 -24.47 -17.76
C PRO G 139 9.38 -23.50 -18.53
N SER G 140 9.65 -22.36 -17.90
CA SER G 140 10.39 -21.30 -18.56
C SER G 140 11.16 -20.52 -17.51
N SER G 141 11.89 -19.49 -17.96
CA SER G 141 12.54 -18.62 -17.00
C SER G 141 11.57 -17.90 -16.06
N LYS G 142 10.27 -17.93 -16.35
CA LYS G 142 9.25 -17.36 -15.47
C LYS G 142 8.63 -18.38 -14.50
N SER G 143 9.01 -19.66 -14.55
CA SER G 143 8.45 -20.65 -13.64
C SER G 143 9.56 -21.42 -12.94
N THR G 144 10.66 -20.75 -12.71
CA THR G 144 11.84 -21.36 -12.12
C THR G 144 12.23 -20.62 -10.85
N SER G 145 12.99 -21.31 -10.00
CA SER G 145 13.36 -20.78 -8.69
C SER G 145 14.61 -21.52 -8.26
N GLY G 146 15.74 -20.84 -8.31
CA GLY G 146 17.00 -21.51 -8.02
C GLY G 146 17.15 -22.72 -8.93
N GLY G 147 17.44 -23.85 -8.31
CA GLY G 147 17.57 -25.11 -8.99
C GLY G 147 16.28 -25.86 -9.21
N THR G 148 15.13 -25.23 -9.02
CA THR G 148 13.85 -25.90 -9.18
C THR G 148 13.06 -25.23 -10.29
N ALA G 149 12.35 -26.05 -11.05
CA ALA G 149 11.45 -25.60 -12.10
C ALA G 149 10.05 -26.15 -11.86
N ALA G 150 9.06 -25.32 -12.11
CA ALA G 150 7.66 -25.72 -12.08
C ALA G 150 7.12 -25.91 -13.50
N LEU G 151 6.31 -26.94 -13.68
CA LEU G 151 5.63 -27.22 -14.92
C LEU G 151 4.30 -27.87 -14.55
N GLY G 152 3.42 -28.03 -15.53
CA GLY G 152 2.15 -28.65 -15.22
C GLY G 152 1.30 -28.91 -16.45
N CYS G 153 0.03 -29.21 -16.18
CA CYS G 153 -0.97 -29.41 -17.21
C CYS G 153 -2.25 -28.74 -16.76
N LEU G 154 -2.87 -28.04 -17.70
CA LEU G 154 -4.18 -27.44 -17.52
C LEU G 154 -5.22 -28.37 -18.14
N VAL G 155 -6.12 -28.87 -17.32
CA VAL G 155 -7.16 -29.83 -17.69
C VAL G 155 -8.48 -29.07 -17.77
N LYS G 156 -8.87 -28.65 -18.97
CA LYS G 156 -9.89 -27.62 -19.10
C LYS G 156 -11.17 -28.12 -19.77
N ASP G 157 -12.30 -27.64 -19.23
CA ASP G 157 -13.62 -27.71 -19.84
C ASP G 157 -14.18 -29.14 -19.90
N TYR G 158 -14.33 -29.79 -18.76
CA TYR G 158 -14.92 -31.11 -18.69
C TYR G 158 -16.13 -31.14 -17.77
N PHE G 159 -16.94 -32.18 -17.94
CA PHE G 159 -18.09 -32.42 -17.10
C PHE G 159 -18.55 -33.88 -17.25
N PRO G 160 -18.94 -34.55 -16.15
CA PRO G 160 -18.90 -34.13 -14.74
C PRO G 160 -17.56 -34.45 -14.09
N GLU G 161 -17.42 -34.08 -12.82
CA GLU G 161 -16.33 -34.61 -12.01
C GLU G 161 -16.45 -36.14 -11.95
N PRO G 162 -15.33 -36.84 -11.71
CA PRO G 162 -13.98 -36.34 -11.56
C PRO G 162 -13.09 -36.67 -12.76
N VAL G 163 -11.95 -36.01 -12.78
CA VAL G 163 -10.83 -36.37 -13.63
C VAL G 163 -9.70 -36.86 -12.70
N THR G 164 -8.85 -37.74 -13.21
CA THR G 164 -7.60 -38.10 -12.53
C THR G 164 -6.41 -37.63 -13.35
N VAL G 165 -5.31 -37.34 -12.65
CA VAL G 165 -4.06 -36.88 -13.27
C VAL G 165 -2.89 -37.58 -12.61
N SER G 166 -2.02 -38.19 -13.43
CA SER G 166 -0.73 -38.69 -12.98
C SER G 166 0.37 -38.08 -13.83
N TRP G 167 1.61 -38.29 -13.41
CA TRP G 167 2.77 -37.80 -14.13
C TRP G 167 3.69 -38.97 -14.44
N ASN G 168 4.13 -39.05 -15.69
CA ASN G 168 5.02 -40.12 -16.12
C ASN G 168 4.50 -41.48 -15.63
N SER G 169 3.20 -41.70 -15.86
CA SER G 169 2.52 -42.96 -15.66
C SER G 169 2.54 -43.40 -14.20
N GLY G 170 2.63 -42.41 -13.29
CA GLY G 170 2.73 -42.63 -11.87
C GLY G 170 4.14 -42.57 -11.32
N ALA G 171 5.16 -42.55 -12.19
CA ALA G 171 6.54 -42.58 -11.70
C ALA G 171 6.93 -41.29 -10.98
N LEU G 172 6.26 -40.19 -11.30
CA LEU G 172 6.60 -38.87 -10.75
C LEU G 172 5.45 -38.49 -9.80
N THR G 173 5.75 -38.44 -8.51
CA THR G 173 4.74 -38.12 -7.49
C THR G 173 5.20 -36.99 -6.58
N SER G 174 6.48 -36.94 -6.30
CA SER G 174 7.03 -35.93 -5.41
C SER G 174 6.90 -34.52 -6.01
N GLY G 175 6.39 -33.59 -5.20
CA GLY G 175 6.25 -32.22 -5.66
C GLY G 175 5.03 -31.98 -6.51
N VAL G 176 4.15 -32.95 -6.66
CA VAL G 176 2.94 -32.78 -7.46
C VAL G 176 1.87 -32.10 -6.61
N HIS G 177 1.24 -31.06 -7.18
CA HIS G 177 0.02 -30.49 -6.64
C HIS G 177 -1.04 -30.52 -7.73
N THR G 178 -2.08 -31.34 -7.51
CA THR G 178 -3.25 -31.37 -8.37
C THR G 178 -4.36 -30.63 -7.62
N PHE G 179 -4.77 -29.48 -8.15
CA PHE G 179 -5.65 -28.61 -7.41
C PHE G 179 -7.09 -29.07 -7.51
N PRO G 180 -7.91 -28.72 -6.53
CA PRO G 180 -9.35 -28.93 -6.68
C PRO G 180 -9.87 -28.27 -7.95
N ALA G 181 -10.81 -28.94 -8.60
CA ALA G 181 -11.45 -28.39 -9.78
C ALA G 181 -12.28 -27.17 -9.39
N VAL G 182 -12.47 -26.27 -10.36
CA VAL G 182 -13.38 -25.13 -10.20
C VAL G 182 -14.46 -25.26 -11.25
N LEU G 183 -15.67 -24.88 -10.88
CA LEU G 183 -16.80 -24.87 -11.80
C LEU G 183 -16.85 -23.50 -12.46
N GLN G 184 -16.78 -23.50 -13.78
CA GLN G 184 -16.77 -22.25 -14.54
C GLN G 184 -18.21 -21.83 -14.83
N SER G 185 -18.37 -20.56 -15.21
CA SER G 185 -19.70 -20.05 -15.52
C SER G 185 -20.34 -20.81 -16.66
N SER G 186 -19.54 -21.49 -17.49
CA SER G 186 -20.05 -22.36 -18.53
C SER G 186 -20.76 -23.59 -17.98
N GLY G 187 -20.60 -23.90 -16.69
CA GLY G 187 -21.05 -25.17 -16.18
C GLY G 187 -20.05 -26.30 -16.35
N LEU G 188 -18.91 -26.04 -17.00
CA LEU G 188 -17.83 -27.01 -17.11
C LEU G 188 -16.77 -26.75 -16.04
N TYR G 189 -16.05 -27.79 -15.68
CA TYR G 189 -14.98 -27.72 -14.70
C TYR G 189 -13.63 -27.47 -15.35
N SER G 190 -12.69 -26.97 -14.55
N SER G 190 -12.69 -26.99 -14.54
CA SER G 190 -11.30 -26.89 -14.94
CA SER G 190 -11.30 -26.91 -14.95
C SER G 190 -10.40 -27.16 -13.74
C SER G 190 -10.40 -27.14 -13.75
N LEU G 191 -9.21 -27.69 -14.04
CA LEU G 191 -8.29 -28.15 -13.03
C LEU G 191 -6.86 -28.03 -13.56
N SER G 192 -5.95 -27.63 -12.70
CA SER G 192 -4.52 -27.71 -13.01
C SER G 192 -3.84 -28.69 -12.09
N SER G 193 -2.85 -29.36 -12.67
CA SER G 193 -1.86 -30.16 -11.97
C SER G 193 -0.48 -29.63 -12.34
N VAL G 194 0.33 -29.36 -11.31
CA VAL G 194 1.66 -28.79 -11.44
C VAL G 194 2.64 -29.66 -10.67
N VAL G 195 3.92 -29.53 -11.01
CA VAL G 195 4.95 -30.29 -10.33
C VAL G 195 6.23 -29.51 -10.44
N THR G 196 7.01 -29.55 -9.37
CA THR G 196 8.33 -28.92 -9.31
C THR G 196 9.39 -30.01 -9.45
N VAL G 197 10.40 -29.74 -10.28
CA VAL G 197 11.42 -30.73 -10.62
C VAL G 197 12.79 -30.04 -10.65
N PRO G 198 13.89 -30.78 -10.63
CA PRO G 198 15.18 -30.12 -10.80
C PRO G 198 15.23 -29.43 -12.15
N SER G 199 15.62 -28.16 -12.12
CA SER G 199 15.66 -27.41 -13.35
C SER G 199 16.72 -27.96 -14.30
N SER G 200 17.68 -28.74 -13.80
CA SER G 200 18.69 -29.32 -14.69
C SER G 200 18.14 -30.49 -15.52
N SER G 201 16.94 -30.98 -15.19
CA SER G 201 16.32 -32.07 -15.94
C SER G 201 15.51 -31.57 -17.13
N LEU G 202 15.35 -30.25 -17.27
CA LEU G 202 14.49 -29.72 -18.33
C LEU G 202 15.11 -29.94 -19.70
N GLY G 203 14.34 -30.58 -20.58
CA GLY G 203 14.83 -30.96 -21.89
C GLY G 203 15.59 -32.26 -21.91
N THR G 204 15.95 -32.82 -20.74
CA THR G 204 16.55 -34.14 -20.68
C THR G 204 15.56 -35.22 -20.25
N GLN G 205 14.84 -34.96 -19.18
CA GLN G 205 13.80 -35.86 -18.69
C GLN G 205 12.48 -35.47 -19.32
N THR G 206 11.80 -36.42 -19.92
CA THR G 206 10.46 -36.16 -20.46
C THR G 206 9.44 -36.09 -19.32
N TYR G 207 8.52 -35.13 -19.45
CA TYR G 207 7.40 -34.96 -18.53
C TYR G 207 6.09 -35.01 -19.30
N ILE G 208 5.28 -36.00 -18.95
CA ILE G 208 3.98 -36.28 -19.57
C ILE G 208 2.93 -36.35 -18.45
N CYS G 209 1.83 -35.60 -18.59
CA CYS G 209 0.69 -35.77 -17.69
C CYS G 209 -0.31 -36.71 -18.33
N ASN G 210 -0.76 -37.69 -17.56
CA ASN G 210 -1.74 -38.68 -18.00
C ASN G 210 -3.08 -38.30 -17.35
N VAL G 211 -4.03 -37.87 -18.18
CA VAL G 211 -5.32 -37.37 -17.73
C VAL G 211 -6.38 -38.38 -18.13
N ASN G 212 -7.24 -38.77 -17.18
CA ASN G 212 -8.32 -39.72 -17.45
C ASN G 212 -9.63 -39.11 -16.98
N HIS G 213 -10.64 -39.13 -17.85
CA HIS G 213 -12.00 -38.65 -17.53
C HIS G 213 -12.94 -39.79 -17.86
N LYS G 214 -13.14 -40.61 -16.86
CA LYS G 214 -13.95 -41.81 -17.03
C LYS G 214 -15.37 -41.55 -17.68
N PRO G 215 -16.11 -40.57 -17.19
CA PRO G 215 -17.47 -40.36 -17.70
C PRO G 215 -17.54 -40.18 -19.22
N SER G 216 -16.52 -39.62 -19.85
CA SER G 216 -16.52 -39.43 -21.29
C SER G 216 -15.61 -40.41 -22.01
N ASN G 217 -14.98 -41.33 -21.27
CA ASN G 217 -13.98 -42.24 -21.83
C ASN G 217 -12.89 -41.46 -22.54
N THR G 218 -12.46 -40.36 -21.93
CA THR G 218 -11.39 -39.54 -22.47
C THR G 218 -10.11 -39.81 -21.69
N LYS G 219 -9.07 -40.19 -22.43
CA LYS G 219 -7.74 -40.49 -21.92
C LYS G 219 -6.76 -39.66 -22.75
N VAL G 220 -5.97 -38.83 -22.09
CA VAL G 220 -5.04 -37.96 -22.80
C VAL G 220 -3.69 -38.02 -22.09
N ASP G 221 -2.63 -38.24 -22.87
CA ASP G 221 -1.26 -38.09 -22.40
C ASP G 221 -0.65 -36.89 -23.11
N LYS G 222 -0.21 -35.90 -22.33
CA LYS G 222 0.34 -34.66 -22.85
C LYS G 222 1.78 -34.49 -22.38
N LYS G 223 2.72 -34.43 -23.33
CA LYS G 223 4.12 -34.13 -23.03
C LYS G 223 4.29 -32.63 -22.86
N VAL G 224 4.98 -32.22 -21.81
CA VAL G 224 5.10 -30.81 -21.45
C VAL G 224 6.54 -30.38 -21.73
N GLU G 225 6.71 -29.51 -22.75
CA GLU G 225 8.03 -29.10 -23.19
C GLU G 225 8.39 -27.73 -22.67
N PRO G 226 9.68 -27.42 -22.58
CA PRO G 226 10.09 -26.07 -22.15
C PRO G 226 9.59 -25.01 -23.11
N LYS G 227 9.59 -23.76 -22.64
CA LYS G 227 9.23 -22.62 -23.45
C LYS G 227 10.14 -21.43 -23.15
N SER G 228 10.56 -20.71 -24.20
CA SER G 228 11.28 -19.45 -24.02
C SER G 228 10.29 -18.36 -23.63
N CYS G 229 10.45 -17.80 -22.43
CA CYS G 229 9.54 -16.75 -21.94
C CYS G 229 10.42 -15.72 -21.22
N GLY G 230 10.79 -14.67 -21.95
CA GLY G 230 11.67 -13.63 -21.45
C GLY G 230 13.10 -14.12 -21.33
N ARG G 231 13.90 -13.27 -20.72
CA ARG G 231 15.35 -13.51 -20.54
C ARG G 231 15.69 -14.44 -19.41
N LEU G 232 16.90 -14.94 -19.45
CA LEU G 232 17.40 -15.76 -18.36
C LEU G 232 17.58 -14.93 -17.10
N VAL G 233 17.35 -15.54 -15.95
CA VAL G 233 17.65 -14.87 -14.69
C VAL G 233 19.13 -15.06 -14.36
N PRO G 234 19.89 -13.98 -14.10
CA PRO G 234 21.30 -14.18 -13.79
C PRO G 234 21.55 -14.60 -12.35
N ASP H 1 46.26 -0.15 -6.15
CA ASP H 1 45.35 0.25 -5.02
C ASP H 1 46.13 0.85 -3.88
N ILE H 2 45.79 2.09 -3.55
CA ILE H 2 46.50 2.86 -2.54
C ILE H 2 45.53 3.11 -1.39
N GLN H 3 45.90 2.62 -0.21
CA GLN H 3 45.10 2.78 0.99
C GLN H 3 45.56 4.05 1.69
N MET H 4 44.62 4.94 2.00
CA MET H 4 44.91 6.14 2.78
C MET H 4 44.35 5.93 4.18
N THR H 5 45.19 6.10 5.19
CA THR H 5 44.76 6.05 6.58
C THR H 5 44.91 7.45 7.19
N GLN H 6 44.20 7.68 8.30
CA GLN H 6 44.24 8.96 8.99
C GLN H 6 44.24 8.75 10.49
N SER H 7 45.00 9.56 11.21
CA SER H 7 45.01 9.47 12.67
C SER H 7 45.22 10.82 13.33
N PRO H 8 44.58 11.04 14.50
CA PRO H 8 43.63 10.12 15.13
C PRO H 8 42.32 10.07 14.35
N SER H 9 41.44 9.12 14.68
CA SER H 9 40.13 9.13 14.03
C SER H 9 39.27 10.25 14.57
N THR H 10 39.45 10.63 15.82
CA THR H 10 38.74 11.74 16.44
C THR H 10 39.71 12.50 17.34
N LEU H 11 39.41 13.78 17.54
CA LEU H 11 40.28 14.62 18.36
C LEU H 11 39.40 15.63 19.08
N SER H 12 39.60 15.78 20.39
CA SER H 12 38.95 16.80 21.20
C SER H 12 39.89 17.98 21.31
N ALA H 13 39.40 19.16 20.94
CA ALA H 13 40.28 20.32 20.92
C ALA H 13 39.54 21.52 21.46
N SER H 14 40.35 22.52 21.82
CA SER H 14 39.90 23.79 22.35
C SER H 14 40.43 24.90 21.44
N VAL H 15 39.63 25.97 21.32
CA VAL H 15 40.07 27.19 20.67
C VAL H 15 41.43 27.56 21.24
N GLY H 16 42.38 27.88 20.36
CA GLY H 16 43.71 28.22 20.77
C GLY H 16 44.71 27.08 20.70
N ASP H 17 44.24 25.84 20.67
CA ASP H 17 45.14 24.69 20.57
C ASP H 17 45.83 24.65 19.21
N ARG H 18 47.02 24.09 19.22
CA ARG H 18 47.66 23.68 17.98
C ARG H 18 47.29 22.23 17.75
N VAL H 19 46.65 21.91 16.62
CA VAL H 19 46.26 20.53 16.35
C VAL H 19 46.99 20.07 15.09
N THR H 20 47.52 18.86 15.15
CA THR H 20 48.16 18.25 13.99
C THR H 20 47.52 16.89 13.81
N ILE H 21 47.09 16.61 12.59
CA ILE H 21 46.48 15.34 12.26
C ILE H 21 47.27 14.72 11.11
N THR H 22 47.22 13.40 11.03
CA THR H 22 48.11 12.64 10.17
C THR H 22 47.33 11.91 9.09
N CYS H 23 47.99 11.74 7.95
CA CYS H 23 47.46 10.98 6.84
C CYS H 23 48.61 10.14 6.31
N ARG H 24 48.35 8.90 6.00
CA ARG H 24 49.39 8.01 5.48
C ARG H 24 48.96 7.20 4.29
N ALA H 25 49.84 7.04 3.33
CA ALA H 25 49.58 6.28 2.11
C ALA H 25 50.30 4.94 2.19
N SER H 26 49.65 3.89 1.68
CA SER H 26 50.25 2.56 1.73
C SER H 26 51.43 2.41 0.78
N GLN H 27 51.57 3.28 -0.21
CA GLN H 27 52.76 3.36 -1.03
C GLN H 27 53.03 4.81 -1.37
N SER H 28 54.19 5.06 -1.98
CA SER H 28 54.60 6.45 -2.18
C SER H 28 53.61 7.18 -3.07
N ILE H 29 53.21 8.39 -2.65
CA ILE H 29 52.40 9.25 -3.49
C ILE H 29 53.10 10.59 -3.74
N SER H 30 54.40 10.65 -3.46
CA SER H 30 55.20 11.87 -3.64
C SER H 30 54.48 13.00 -2.90
N ARG H 31 54.19 14.13 -3.56
CA ARG H 31 53.51 15.24 -2.91
C ARG H 31 52.06 15.40 -3.38
N TRP H 32 51.49 14.39 -4.05
CA TRP H 32 50.18 14.55 -4.68
C TRP H 32 49.09 14.20 -3.67
N LEU H 33 48.91 15.10 -2.72
CA LEU H 33 48.02 14.89 -1.58
C LEU H 33 47.35 16.19 -1.25
N ALA H 34 46.04 16.16 -1.03
CA ALA H 34 45.29 17.35 -0.66
C ALA H 34 44.47 17.10 0.59
N TRP H 35 44.13 18.19 1.29
CA TRP H 35 43.35 18.14 2.52
C TRP H 35 42.06 18.93 2.33
N TYR H 36 40.96 18.38 2.83
CA TYR H 36 39.65 19.01 2.72
C TYR H 36 39.02 19.11 4.09
N GLN H 37 38.27 20.19 4.30
CA GLN H 37 37.42 20.35 5.48
C GLN H 37 35.97 20.07 5.11
N GLN H 38 35.24 19.39 6.01
CA GLN H 38 33.79 19.28 5.80
C GLN H 38 33.05 19.31 7.13
N LYS H 39 31.95 20.07 7.15
CA LYS H 39 31.02 20.17 8.26
C LYS H 39 29.67 19.56 7.89
N PRO H 40 28.88 19.15 8.90
CA PRO H 40 27.59 18.51 8.62
C PRO H 40 26.72 19.33 7.69
N GLY H 41 26.16 18.66 6.69
CA GLY H 41 25.27 19.27 5.72
C GLY H 41 25.91 20.24 4.75
N LYS H 42 27.23 20.34 4.74
CA LYS H 42 27.91 21.29 3.87
C LYS H 42 28.90 20.60 2.95
N VAL H 43 29.29 21.33 1.93
CA VAL H 43 30.16 20.82 0.89
C VAL H 43 31.60 20.79 1.39
N PRO H 44 32.42 19.83 0.97
CA PRO H 44 33.83 19.85 1.36
C PRO H 44 34.53 21.09 0.81
N LYS H 45 35.57 21.52 1.50
CA LYS H 45 36.31 22.75 1.19
C LYS H 45 37.79 22.44 1.08
N LEU H 46 38.38 22.79 -0.06
CA LEU H 46 39.80 22.56 -0.27
C LEU H 46 40.61 23.44 0.67
N LEU H 47 41.57 22.85 1.36
CA LEU H 47 42.46 23.61 2.23
C LEU H 47 43.89 23.68 1.72
N ILE H 48 44.45 22.52 1.40
CA ILE H 48 45.86 22.35 1.06
C ILE H 48 45.91 21.41 -0.13
N TYR H 49 46.85 21.64 -1.06
CA TYR H 49 47.07 20.65 -2.11
C TYR H 49 48.56 20.63 -2.45
N LYS H 50 48.96 19.62 -3.23
CA LYS H 50 50.39 19.33 -3.44
C LYS H 50 51.13 19.25 -2.10
N ALA H 51 50.45 18.68 -1.09
CA ALA H 51 50.97 18.39 0.25
C ALA H 51 51.14 19.63 1.12
N SER H 52 51.61 20.75 0.56
CA SER H 52 51.93 21.91 1.37
C SER H 52 51.48 23.25 0.80
N SER H 53 50.87 23.30 -0.38
CA SER H 53 50.40 24.59 -0.89
C SER H 53 49.05 24.93 -0.28
N LEU H 54 48.97 26.10 0.33
CA LEU H 54 47.77 26.63 0.94
C LEU H 54 46.89 27.25 -0.13
N GLU H 55 45.65 26.78 -0.20
CA GLU H 55 44.68 27.28 -1.18
C GLU H 55 44.36 28.75 -0.94
N SER H 56 44.18 29.48 -2.05
CA SER H 56 43.83 30.88 -2.03
C SER H 56 42.62 31.14 -1.13
N GLY H 57 42.74 32.12 -0.25
CA GLY H 57 41.67 32.50 0.63
C GLY H 57 41.59 31.73 1.95
N VAL H 58 42.36 30.65 2.10
CA VAL H 58 42.30 29.84 3.32
C VAL H 58 43.19 30.46 4.39
N PRO H 59 42.74 30.57 5.64
CA PRO H 59 43.56 31.22 6.68
C PRO H 59 44.92 30.55 6.85
N SER H 60 45.92 31.35 7.21
CA SER H 60 47.30 30.85 7.24
C SER H 60 47.62 30.00 8.46
N ARG H 61 46.74 29.92 9.46
CA ARG H 61 46.92 28.93 10.53
C ARG H 61 46.92 27.49 9.99
N PHE H 62 46.39 27.25 8.80
CA PHE H 62 46.44 25.91 8.22
C PHE H 62 47.75 25.73 7.45
N SER H 63 48.43 24.62 7.71
CA SER H 63 49.63 24.26 6.97
C SER H 63 49.68 22.75 6.81
N GLY H 64 50.33 22.32 5.74
CA GLY H 64 50.50 20.92 5.46
C GLY H 64 51.96 20.63 5.16
N SER H 65 52.39 19.42 5.50
CA SER H 65 53.73 19.00 5.16
C SER H 65 53.71 17.50 4.84
N GLY H 66 54.82 17.04 4.29
CA GLY H 66 55.02 15.64 4.03
C GLY H 66 55.24 15.36 2.57
N SER H 67 55.83 14.19 2.31
CA SER H 67 56.06 13.71 0.96
C SER H 67 56.33 12.21 1.07
N GLY H 68 55.85 11.45 0.07
CA GLY H 68 56.02 10.00 0.10
C GLY H 68 54.82 9.27 0.70
N THR H 69 54.92 8.87 1.97
CA THR H 69 53.83 8.17 2.63
C THR H 69 53.30 8.82 3.91
N GLU H 70 53.99 9.75 4.51
CA GLU H 70 53.50 10.34 5.72
C GLU H 70 53.28 11.83 5.60
N PHE H 71 52.06 12.26 5.89
CA PHE H 71 51.62 13.63 5.68
C PHE H 71 50.94 14.16 6.93
N THR H 72 51.04 15.48 7.12
N THR H 72 51.08 15.47 7.18
CA THR H 72 50.50 16.16 8.29
CA THR H 72 50.43 16.09 8.32
C THR H 72 49.72 17.39 7.87
C THR H 72 49.76 17.39 7.94
N LEU H 73 48.62 17.64 8.57
CA LEU H 73 47.90 18.89 8.51
C LEU H 73 47.98 19.52 9.89
N THR H 74 48.35 20.79 9.96
CA THR H 74 48.48 21.50 11.23
C THR H 74 47.64 22.77 11.25
N ILE H 75 46.96 22.97 12.36
CA ILE H 75 46.25 24.22 12.63
C ILE H 75 46.95 24.87 13.80
N SER H 76 47.66 25.96 13.56
CA SER H 76 48.53 26.51 14.58
C SER H 76 47.75 27.02 15.78
N SER H 77 46.52 27.52 15.55
CA SER H 77 45.70 28.03 16.64
C SER H 77 44.24 27.85 16.24
N LEU H 78 43.64 26.77 16.75
CA LEU H 78 42.29 26.37 16.38
C LEU H 78 41.29 27.50 16.67
N GLN H 79 40.43 27.76 15.70
CA GLN H 79 39.38 28.76 15.86
C GLN H 79 38.02 28.08 15.77
N PRO H 80 36.96 28.74 16.22
CA PRO H 80 35.65 28.07 16.21
C PRO H 80 35.22 27.61 14.82
N ASP H 81 35.61 28.33 13.76
CA ASP H 81 35.29 27.89 12.40
C ASP H 81 35.89 26.53 12.06
N ASP H 82 36.88 26.06 12.82
CA ASP H 82 37.66 24.87 12.45
C ASP H 82 37.13 23.54 12.97
N PHE H 83 36.13 23.53 13.86
CA PHE H 83 35.58 22.25 14.29
C PHE H 83 34.81 21.64 13.13
N ALA H 84 35.24 20.46 12.70
CA ALA H 84 34.90 19.87 11.41
C ALA H 84 35.55 18.49 11.33
N THR H 85 35.24 17.75 10.27
CA THR H 85 35.97 16.56 9.87
C THR H 85 36.94 16.91 8.72
N TYR H 86 38.13 16.32 8.76
CA TYR H 86 39.20 16.63 7.82
C TYR H 86 39.57 15.36 7.09
N TYR H 87 39.58 15.45 5.76
CA TYR H 87 39.91 14.33 4.88
C TYR H 87 41.12 14.67 4.05
N CYS H 88 41.99 13.67 3.87
CA CYS H 88 43.04 13.71 2.88
C CYS H 88 42.66 12.87 1.66
N GLN H 89 43.25 13.21 0.51
CA GLN H 89 43.08 12.48 -0.74
C GLN H 89 44.38 12.47 -1.53
N GLN H 90 44.69 11.34 -2.15
CA GLN H 90 45.85 11.21 -3.02
C GLN H 90 45.41 11.24 -4.48
N TYR H 91 46.26 11.78 -5.35
CA TYR H 91 45.87 12.12 -6.72
C TYR H 91 46.53 11.22 -7.76
N ASN H 92 47.24 10.16 -7.32
CA ASN H 92 47.57 9.10 -8.26
C ASN H 92 46.30 8.37 -8.71
N SER H 93 45.42 8.03 -7.78
CA SER H 93 44.21 7.30 -8.13
C SER H 93 42.99 7.65 -7.28
N TYR H 94 43.03 8.75 -6.50
CA TYR H 94 41.89 9.49 -5.98
C TYR H 94 41.27 8.87 -4.74
N SER H 95 41.92 7.91 -4.09
CA SER H 95 41.36 7.37 -2.87
C SER H 95 41.45 8.42 -1.76
N PHE H 96 40.42 8.45 -0.93
CA PHE H 96 40.31 9.32 0.24
C PHE H 96 40.70 8.57 1.51
N GLY H 97 41.24 9.32 2.47
CA GLY H 97 41.36 8.84 3.83
C GLY H 97 39.99 8.80 4.48
N PRO H 98 39.87 8.09 5.61
CA PRO H 98 38.55 7.95 6.24
C PRO H 98 38.09 9.15 7.08
N GLY H 99 38.92 10.16 7.28
CA GLY H 99 38.51 11.38 7.94
C GLY H 99 38.94 11.42 9.40
N THR H 100 39.21 12.64 9.88
CA THR H 100 39.48 12.90 11.29
C THR H 100 38.51 13.97 11.76
N LYS H 101 37.77 13.67 12.79
CA LYS H 101 36.80 14.61 13.32
C LYS H 101 37.36 15.36 14.51
N VAL H 102 37.35 16.66 14.42
CA VAL H 102 37.82 17.54 15.47
C VAL H 102 36.58 18.15 16.10
N ASP H 103 36.30 17.78 17.36
CA ASP H 103 35.14 18.31 18.07
C ASP H 103 35.59 19.15 19.25
N ILE H 104 34.62 19.70 19.95
CA ILE H 104 34.84 20.71 20.98
C ILE H 104 35.07 20.00 22.31
N LYS H 105 36.24 20.24 22.91
CA LYS H 105 36.53 19.64 24.21
C LYS H 105 35.70 20.29 25.31
N ARG H 106 35.18 19.44 26.22
CA ARG H 106 34.52 19.85 27.46
C ARG H 106 34.88 18.83 28.53
N THR H 107 34.44 19.06 29.78
CA THR H 107 34.74 18.09 30.83
C THR H 107 34.06 16.76 30.52
N VAL H 108 34.69 15.66 30.96
CA VAL H 108 34.11 14.35 30.81
C VAL H 108 32.76 14.35 31.52
N ALA H 109 31.74 13.83 30.85
CA ALA H 109 30.40 13.72 31.42
C ALA H 109 29.87 12.33 31.09
N ALA H 110 29.64 11.52 32.11
CA ALA H 110 29.04 10.21 31.90
C ALA H 110 27.60 10.35 31.38
N PRO H 111 27.14 9.42 30.55
CA PRO H 111 25.73 9.47 30.14
C PRO H 111 24.81 9.13 31.28
N SER H 112 23.63 9.76 31.28
CA SER H 112 22.47 9.23 31.99
C SER H 112 21.86 8.15 31.13
N VAL H 113 21.53 6.99 31.73
CA VAL H 113 21.09 5.81 30.99
C VAL H 113 19.65 5.47 31.34
N PHE H 114 18.80 5.31 30.32
CA PHE H 114 17.38 5.03 30.43
C PHE H 114 17.04 3.88 29.50
N ILE H 115 16.10 3.02 29.93
CA ILE H 115 15.65 1.90 29.11
C ILE H 115 14.13 1.93 28.95
N PHE H 116 13.66 1.46 27.79
CA PHE H 116 12.24 1.49 27.43
C PHE H 116 11.82 0.11 26.95
N PRO H 117 10.80 -0.50 27.55
CA PRO H 117 10.27 -1.75 26.99
C PRO H 117 9.46 -1.50 25.75
N PRO H 118 9.18 -2.56 24.98
CA PRO H 118 8.30 -2.40 23.83
C PRO H 118 6.88 -2.06 24.26
N SER H 119 6.17 -1.35 23.38
CA SER H 119 4.77 -1.02 23.59
C SER H 119 3.86 -2.20 23.27
N ASP H 120 2.73 -2.24 23.98
CA ASP H 120 1.67 -3.19 23.64
C ASP H 120 1.24 -3.04 22.18
N GLU H 121 1.15 -1.78 21.69
CA GLU H 121 0.77 -1.57 20.30
C GLU H 121 1.72 -2.29 19.36
N GLN H 122 3.04 -2.16 19.59
CA GLN H 122 4.03 -2.81 18.73
C GLN H 122 3.99 -4.32 18.90
N LEU H 123 3.89 -4.81 20.13
CA LEU H 123 3.85 -6.26 20.33
C LEU H 123 2.69 -6.87 19.56
N LYS H 124 1.58 -6.16 19.54
CA LYS H 124 0.40 -6.64 18.82
C LYS H 124 0.76 -6.89 17.34
N SER H 125 1.67 -6.08 16.77
CA SER H 125 2.05 -6.18 15.37
C SER H 125 3.09 -7.25 15.10
N GLY H 126 3.62 -7.93 16.13
CA GLY H 126 4.52 -9.05 15.94
C GLY H 126 5.99 -8.75 16.13
N THR H 127 6.35 -7.54 16.51
N THR H 127 6.34 -7.54 16.53
CA THR H 127 7.74 -7.21 16.77
CA THR H 127 7.73 -7.17 16.75
C THR H 127 7.87 -6.50 18.10
C THR H 127 7.86 -6.49 18.11
N ALA H 128 9.08 -6.56 18.65
CA ALA H 128 9.43 -5.92 19.92
C ALA H 128 10.71 -5.11 19.75
N SER H 129 10.63 -3.81 19.97
CA SER H 129 11.81 -2.95 19.99
C SER H 129 12.07 -2.55 21.43
N VAL H 130 13.30 -2.77 21.89
CA VAL H 130 13.73 -2.35 23.22
C VAL H 130 14.77 -1.26 23.01
N VAL H 131 14.57 -0.11 23.65
CA VAL H 131 15.40 1.06 23.41
C VAL H 131 16.16 1.43 24.68
N CYS H 132 17.44 1.70 24.50
CA CYS H 132 18.33 2.17 25.53
C CYS H 132 18.85 3.55 25.14
N LEU H 133 18.72 4.52 26.04
CA LEU H 133 19.09 5.89 25.74
C LEU H 133 20.28 6.29 26.59
N LEU H 134 21.33 6.79 25.93
CA LEU H 134 22.49 7.40 26.59
C LEU H 134 22.41 8.90 26.38
N ASN H 135 22.16 9.65 27.45
CA ASN H 135 21.87 11.08 27.30
C ASN H 135 22.99 11.97 27.81
N ASN H 136 23.39 12.92 26.95
CA ASN H 136 24.22 14.09 27.29
C ASN H 136 25.57 13.70 27.88
N PHE H 137 26.38 13.02 27.08
CA PHE H 137 27.69 12.53 27.54
C PHE H 137 28.80 13.10 26.68
N TYR H 138 30.03 12.95 27.18
CA TYR H 138 31.24 13.38 26.49
C TYR H 138 32.45 12.71 27.14
N PRO H 139 33.38 12.18 26.35
CA PRO H 139 33.39 12.25 24.88
C PRO H 139 32.43 11.27 24.19
N ARG H 140 32.48 11.34 22.86
CA ARG H 140 31.57 10.61 22.00
C ARG H 140 31.72 9.10 22.15
N GLU H 141 32.92 8.61 22.43
CA GLU H 141 33.11 7.18 22.44
C GLU H 141 32.26 6.53 23.54
N ALA H 142 31.50 5.51 23.18
CA ALA H 142 30.66 4.82 24.17
C ALA H 142 30.31 3.44 23.65
N LYS H 143 30.24 2.48 24.56
CA LYS H 143 29.93 1.10 24.19
C LYS H 143 28.63 0.67 24.89
N VAL H 144 27.70 0.13 24.10
CA VAL H 144 26.44 -0.37 24.59
C VAL H 144 26.37 -1.84 24.20
N GLN H 145 26.17 -2.72 25.18
CA GLN H 145 25.96 -4.14 24.94
C GLN H 145 24.60 -4.58 25.48
N TRP H 146 23.91 -5.40 24.70
CA TRP H 146 22.63 -5.98 25.09
C TRP H 146 22.81 -7.39 25.60
N LYS H 147 22.09 -7.67 26.65
CA LYS H 147 22.03 -9.00 27.22
C LYS H 147 20.57 -9.41 27.49
N VAL H 148 20.24 -10.63 27.06
CA VAL H 148 18.91 -11.21 27.22
C VAL H 148 19.09 -12.46 28.07
N ASP H 149 18.46 -12.50 29.23
CA ASP H 149 18.74 -13.53 30.22
C ASP H 149 20.24 -13.76 30.32
N ASN H 150 21.01 -12.68 30.34
CA ASN H 150 22.48 -12.65 30.51
C ASN H 150 23.27 -13.19 29.33
N ALA H 151 22.63 -13.61 28.24
CA ALA H 151 23.37 -13.99 27.04
C ALA H 151 23.65 -12.74 26.21
N LEU H 152 24.92 -12.50 25.88
CA LEU H 152 25.29 -11.32 25.10
C LEU H 152 24.67 -11.40 23.71
N GLN H 153 24.04 -10.30 23.30
CA GLN H 153 23.43 -10.25 21.97
C GLN H 153 24.41 -9.72 20.93
N SER H 154 24.23 -10.18 19.69
CA SER H 154 25.00 -9.65 18.57
C SER H 154 24.14 -9.63 17.32
N GLY H 155 24.31 -8.58 16.52
CA GLY H 155 23.69 -8.50 15.21
C GLY H 155 22.22 -8.12 15.19
N ASN H 156 21.57 -7.85 16.34
CA ASN H 156 20.15 -7.48 16.33
C ASN H 156 19.89 -6.13 16.98
N SER H 157 20.89 -5.24 16.98
CA SER H 157 20.70 -3.90 17.53
C SER H 157 21.33 -2.88 16.58
N GLN H 158 20.86 -1.63 16.67
CA GLN H 158 21.39 -0.55 15.86
C GLN H 158 21.43 0.71 16.70
N GLU H 159 22.42 1.55 16.43
CA GLU H 159 22.51 2.77 17.23
C GLU H 159 22.60 4.00 16.35
N SER H 160 22.28 5.13 16.98
CA SER H 160 22.27 6.41 16.29
C SER H 160 22.72 7.45 17.31
N VAL H 161 23.43 8.45 16.83
CA VAL H 161 24.04 9.45 17.69
C VAL H 161 23.70 10.81 17.14
N THR H 162 23.55 11.77 18.04
CA THR H 162 23.33 13.15 17.65
C THR H 162 24.65 13.82 17.35
N GLU H 163 24.56 14.97 16.67
CA GLU H 163 25.72 15.86 16.58
C GLU H 163 25.98 16.49 17.95
N GLN H 164 27.21 16.98 18.13
CA GLN H 164 27.59 17.62 19.39
C GLN H 164 26.68 18.82 19.67
N ASP H 165 26.12 18.87 20.87
CA ASP H 165 25.17 19.94 21.19
C ASP H 165 25.85 21.32 21.20
N SER H 166 25.21 22.30 20.57
CA SER H 166 25.83 23.62 20.41
C SER H 166 25.93 24.40 21.72
N LYS H 167 25.15 24.02 22.73
CA LYS H 167 25.18 24.75 23.98
C LYS H 167 26.02 24.05 25.11
N ASP H 168 25.84 22.74 25.30
CA ASP H 168 26.58 22.06 26.35
C ASP H 168 27.61 21.07 25.82
N SER H 169 27.75 20.95 24.49
CA SER H 169 28.82 20.20 23.84
C SER H 169 28.77 18.70 24.13
N THR H 170 27.62 18.16 24.52
CA THR H 170 27.49 16.73 24.75
C THR H 170 26.90 16.02 23.53
N TYR H 171 26.93 14.70 23.59
CA TYR H 171 26.26 13.82 22.65
C TYR H 171 25.16 13.04 23.38
N SER H 172 24.21 12.53 22.59
CA SER H 172 23.25 11.52 23.04
C SER H 172 23.18 10.43 21.99
N LEU H 173 22.80 9.23 22.44
CA LEU H 173 22.84 8.04 21.61
C LEU H 173 21.69 7.12 22.01
N SER H 174 21.08 6.53 21.00
CA SER H 174 20.10 5.46 21.18
C SER H 174 20.66 4.16 20.65
N SER H 175 20.33 3.08 21.34
CA SER H 175 20.58 1.73 20.86
C SER H 175 19.26 0.99 20.94
N THR H 176 18.87 0.36 19.82
CA THR H 176 17.57 -0.27 19.69
C THR H 176 17.78 -1.75 19.39
N LEU H 177 17.31 -2.60 20.29
CA LEU H 177 17.30 -4.05 20.10
C LEU H 177 15.97 -4.45 19.51
N THR H 178 16.00 -5.17 18.41
CA THR H 178 14.77 -5.53 17.70
C THR H 178 14.65 -7.05 17.65
N LEU H 179 13.52 -7.55 18.12
CA LEU H 179 13.18 -8.97 18.15
C LEU H 179 11.77 -9.20 17.62
N SER H 180 11.52 -10.43 17.16
CA SER H 180 10.16 -10.87 16.94
C SER H 180 9.44 -10.99 18.29
N LYS H 181 8.10 -10.86 18.25
CA LYS H 181 7.30 -11.03 19.47
C LYS H 181 7.59 -12.38 20.12
N ALA H 182 7.64 -13.44 19.32
CA ALA H 182 7.87 -14.77 19.89
C ALA H 182 9.20 -14.85 20.62
N ASP H 183 10.28 -14.27 20.04
CA ASP H 183 11.57 -14.32 20.72
C ASP H 183 11.58 -13.46 21.98
N TYR H 184 10.94 -12.29 21.92
CA TYR H 184 10.81 -11.45 23.12
C TYR H 184 10.11 -12.23 24.23
N GLU H 185 9.08 -13.00 23.88
CA GLU H 185 8.32 -13.76 24.85
C GLU H 185 9.05 -15.01 25.32
N LYS H 186 10.18 -15.32 24.77
CA LYS H 186 10.90 -16.51 25.24
C LYS H 186 11.89 -16.18 26.35
N HIS H 187 12.12 -14.90 26.61
CA HIS H 187 13.12 -14.56 27.62
C HIS H 187 12.48 -13.61 28.62
N LYS H 188 13.16 -13.47 29.74
CA LYS H 188 12.62 -12.66 30.76
C LYS H 188 13.39 -11.31 31.05
N VAL H 189 14.72 -11.36 31.11
CA VAL H 189 15.47 -10.17 31.54
C VAL H 189 16.12 -9.52 30.33
N TYR H 190 15.81 -8.25 30.12
CA TYR H 190 16.36 -7.45 29.03
C TYR H 190 17.22 -6.34 29.64
N ALA H 191 18.51 -6.30 29.27
CA ALA H 191 19.49 -5.42 29.91
C ALA H 191 20.40 -4.76 28.90
N CYS H 192 20.59 -3.46 29.08
CA CYS H 192 21.50 -2.59 28.34
C CYS H 192 22.67 -2.24 29.25
N GLU H 193 23.89 -2.66 28.87
CA GLU H 193 25.10 -2.37 29.65
C GLU H 193 25.98 -1.35 28.92
N VAL H 194 26.29 -0.25 29.62
CA VAL H 194 26.94 0.92 29.04
C VAL H 194 28.32 1.12 29.66
N THR H 195 29.33 1.30 28.80
CA THR H 195 30.70 1.62 29.17
C THR H 195 31.08 2.98 28.60
N HIS H 196 31.72 3.81 29.41
CA HIS H 196 32.04 5.15 29.01
C HIS H 196 33.11 5.69 29.93
N GLN H 197 33.94 6.60 29.39
CA GLN H 197 35.06 7.14 30.16
C GLN H 197 34.59 7.81 31.44
N GLY H 198 33.40 8.39 31.47
CA GLY H 198 32.89 9.06 32.65
C GLY H 198 32.38 8.15 33.74
N LEU H 199 32.34 6.84 33.47
CA LEU H 199 31.82 5.84 34.41
C LEU H 199 32.95 4.96 34.92
N SER H 200 33.02 4.83 36.25
CA SER H 200 34.04 4.01 36.88
C SER H 200 33.75 2.52 36.75
N SER H 201 32.49 2.14 36.56
CA SER H 201 32.02 0.77 36.29
C SER H 201 30.94 0.89 35.23
N PRO H 202 30.72 -0.15 34.43
CA PRO H 202 29.59 -0.15 33.49
C PRO H 202 28.25 0.04 34.19
N VAL H 203 27.35 0.79 33.56
CA VAL H 203 26.01 0.97 34.07
C VAL H 203 25.11 -0.02 33.33
N THR H 204 24.25 -0.72 34.07
CA THR H 204 23.27 -1.62 33.48
C THR H 204 21.87 -1.12 33.81
N LYS H 205 21.06 -0.92 32.79
CA LYS H 205 19.62 -0.73 32.96
C LYS H 205 18.93 -1.99 32.43
N SER H 206 18.03 -2.54 33.24
CA SER H 206 17.38 -3.79 32.87
C SER H 206 15.97 -3.81 33.43
N PHE H 207 15.16 -4.72 32.87
CA PHE H 207 13.82 -4.99 33.37
C PHE H 207 13.50 -6.46 33.16
N ASN H 208 12.53 -6.92 33.94
CA ASN H 208 11.99 -8.26 33.84
C ASN H 208 10.65 -8.16 33.10
N ARG H 209 10.54 -8.87 31.98
CA ARG H 209 9.35 -8.75 31.16
C ARG H 209 8.08 -9.02 31.96
N GLY H 210 8.15 -9.91 32.95
CA GLY H 210 6.99 -10.24 33.75
C GLY H 210 6.62 -9.20 34.76
N GLU H 211 7.51 -8.26 35.04
CA GLU H 211 7.23 -7.13 35.89
C GLU H 211 7.03 -5.85 35.10
N CYS H 212 6.98 -5.95 33.77
CA CYS H 212 7.08 -4.77 32.92
C CYS H 212 6.26 -5.02 31.65
N VAL I 2 30.87 31.71 -9.90
CA VAL I 2 31.33 30.33 -10.18
C VAL I 2 30.44 29.30 -9.49
N GLN I 3 30.01 28.28 -10.24
CA GLN I 3 29.04 27.32 -9.74
C GLN I 3 29.00 26.07 -10.59
N LEU I 4 28.62 24.98 -9.93
CA LEU I 4 28.37 23.69 -10.53
C LEU I 4 27.01 23.24 -10.05
N VAL I 5 26.05 23.06 -10.96
CA VAL I 5 24.67 22.73 -10.58
C VAL I 5 24.35 21.33 -11.09
N GLU I 6 24.21 20.38 -10.17
CA GLU I 6 23.86 19.01 -10.52
C GLU I 6 22.36 18.83 -10.64
N SER I 7 21.96 17.91 -11.53
CA SER I 7 20.59 17.44 -11.57
C SER I 7 20.58 15.99 -12.02
N GLY I 8 19.40 15.40 -11.99
CA GLY I 8 19.22 14.05 -12.48
C GLY I 8 19.04 13.04 -11.37
N GLY I 9 19.32 13.40 -10.12
CA GLY I 9 19.13 12.51 -8.99
C GLY I 9 17.67 12.23 -8.70
N GLY I 10 17.47 11.27 -7.82
CA GLY I 10 16.14 10.87 -7.46
C GLY I 10 16.12 9.45 -6.95
N LEU I 11 14.92 8.91 -6.88
CA LEU I 11 14.69 7.55 -6.40
C LEU I 11 14.66 6.56 -7.56
N VAL I 12 15.44 5.50 -7.46
CA VAL I 12 15.49 4.48 -8.48
C VAL I 12 15.55 3.11 -7.81
N GLN I 13 14.96 2.11 -8.48
CA GLN I 13 15.00 0.75 -8.00
C GLN I 13 16.32 0.08 -8.38
N PRO I 14 16.78 -0.90 -7.60
CA PRO I 14 18.03 -1.59 -7.95
C PRO I 14 17.96 -2.15 -9.37
N GLY I 15 19.07 -2.03 -10.10
CA GLY I 15 19.15 -2.53 -11.46
C GLY I 15 18.75 -1.54 -12.53
N ARG I 16 18.07 -0.46 -12.16
CA ARG I 16 17.69 0.57 -13.10
C ARG I 16 18.80 1.60 -13.22
N SER I 17 18.59 2.59 -14.09
CA SER I 17 19.58 3.57 -14.49
C SER I 17 19.13 4.98 -14.10
N LEU I 18 20.14 5.85 -13.94
CA LEU I 18 19.95 7.27 -13.83
C LEU I 18 21.05 7.94 -14.65
N ARG I 19 20.77 9.14 -15.14
CA ARG I 19 21.77 9.98 -15.79
C ARG I 19 21.86 11.29 -15.02
N LEU I 20 23.03 11.56 -14.46
CA LEU I 20 23.26 12.82 -13.78
C LEU I 20 23.84 13.85 -14.74
N SER I 21 23.45 15.12 -14.52
CA SER I 21 23.96 16.26 -15.26
C SER I 21 24.61 17.24 -14.29
N CYS I 22 25.56 18.02 -14.81
CA CYS I 22 26.17 19.12 -14.05
C CYS I 22 26.40 20.28 -15.01
N ALA I 23 25.82 21.44 -14.72
CA ALA I 23 26.00 22.63 -15.54
C ALA I 23 26.95 23.59 -14.82
N ALA I 24 28.03 23.95 -15.49
CA ALA I 24 29.09 24.79 -14.94
C ALA I 24 28.97 26.22 -15.43
N SER I 25 29.29 27.16 -14.55
CA SER I 25 29.34 28.55 -14.98
C SER I 25 30.41 29.28 -14.18
N GLY I 26 30.88 30.40 -14.74
CA GLY I 26 31.81 31.27 -14.05
C GLY I 26 33.28 30.92 -14.18
N PHE I 27 33.62 29.86 -14.92
CA PHE I 27 34.99 29.55 -15.27
C PHE I 27 35.00 28.88 -16.65
N THR I 28 36.20 28.81 -17.25
CA THR I 28 36.39 28.22 -18.57
C THR I 28 36.40 26.71 -18.40
N PHE I 29 35.21 26.13 -18.57
CA PHE I 29 34.97 24.72 -18.24
C PHE I 29 35.92 23.79 -18.99
N ASN I 30 36.11 24.05 -20.28
CA ASN I 30 36.94 23.26 -21.17
C ASN I 30 38.40 23.21 -20.70
N ASP I 31 38.83 24.12 -19.86
CA ASP I 31 40.23 24.14 -19.48
C ASP I 31 40.59 23.22 -18.32
N TYR I 32 39.62 22.50 -17.74
CA TYR I 32 39.82 21.81 -16.47
C TYR I 32 39.35 20.35 -16.52
N ALA I 33 40.12 19.49 -15.88
CA ALA I 33 39.57 18.17 -15.55
C ALA I 33 38.30 18.36 -14.72
N MET I 34 37.36 17.42 -14.87
CA MET I 34 36.11 17.45 -14.11
C MET I 34 35.87 16.07 -13.54
N HIS I 35 35.26 16.03 -12.35
CA HIS I 35 35.16 14.80 -11.56
C HIS I 35 33.77 14.71 -10.89
N TRP I 36 33.43 13.48 -10.48
CA TRP I 36 32.28 13.17 -9.62
C TRP I 36 32.77 12.52 -8.34
N VAL I 37 32.25 13.00 -7.21
CA VAL I 37 32.56 12.46 -5.88
C VAL I 37 31.23 12.16 -5.22
N ARG I 38 31.13 11.07 -4.46
CA ARG I 38 29.88 10.73 -3.78
C ARG I 38 30.10 10.54 -2.28
N GLN I 39 29.02 10.65 -1.53
CA GLN I 39 29.06 10.53 -0.08
C GLN I 39 27.77 9.83 0.36
N ALA I 40 27.90 8.59 0.82
CA ALA I 40 26.75 7.88 1.33
C ALA I 40 26.31 8.52 2.65
N PRO I 41 25.03 8.43 2.99
CA PRO I 41 24.55 9.10 4.20
C PRO I 41 25.37 8.72 5.43
N GLY I 42 25.85 9.74 6.13
CA GLY I 42 26.62 9.51 7.35
C GLY I 42 28.03 8.99 7.16
N LYS I 43 28.53 8.91 5.94
CA LYS I 43 29.81 8.27 5.67
C LYS I 43 30.78 9.27 5.06
N GLY I 44 31.95 8.78 4.67
CA GLY I 44 33.00 9.63 4.13
C GLY I 44 32.85 9.86 2.64
N LEU I 45 33.92 10.38 2.03
CA LEU I 45 33.93 10.73 0.62
C LEU I 45 34.51 9.58 -0.20
N GLU I 46 33.92 9.36 -1.37
CA GLU I 46 34.43 8.38 -2.33
C GLU I 46 34.46 9.01 -3.72
N TRP I 47 35.65 9.07 -4.33
CA TRP I 47 35.75 9.50 -5.71
C TRP I 47 35.13 8.44 -6.63
N VAL I 48 34.38 8.90 -7.61
CA VAL I 48 33.62 8.04 -8.49
C VAL I 48 34.23 7.97 -9.90
N SER I 49 34.53 9.11 -10.51
CA SER I 49 34.93 9.11 -11.92
C SER I 49 35.52 10.47 -12.26
N GLY I 50 36.36 10.50 -13.29
CA GLY I 50 36.95 11.75 -13.71
C GLY I 50 37.29 11.75 -15.19
N ILE I 51 37.51 12.95 -15.73
CA ILE I 51 37.82 13.12 -17.15
C ILE I 51 38.72 14.33 -17.33
N SER I 52 39.80 14.17 -18.10
CA SER I 52 40.77 15.23 -18.29
C SER I 52 40.16 16.41 -19.06
N TRP I 53 40.84 17.57 -19.00
CA TRP I 53 40.31 18.75 -19.70
C TRP I 53 40.07 18.46 -21.18
N ASP I 54 40.92 17.64 -21.81
CA ASP I 54 40.81 17.39 -23.24
C ASP I 54 40.06 16.12 -23.57
N SER I 55 39.42 15.51 -22.58
CA SER I 55 38.63 14.29 -22.73
C SER I 55 39.42 13.07 -23.15
N SER I 56 40.76 13.18 -23.24
CA SER I 56 41.55 12.04 -23.73
C SER I 56 41.72 10.95 -22.68
N SER I 57 41.53 11.25 -21.41
CA SER I 57 41.81 10.31 -20.33
C SER I 57 40.60 10.27 -19.40
N ILE I 58 40.12 9.07 -19.12
CA ILE I 58 38.96 8.81 -18.26
C ILE I 58 39.33 7.76 -17.23
N GLY I 59 38.78 7.89 -16.01
CA GLY I 59 38.99 6.91 -14.97
C GLY I 59 37.73 6.69 -14.15
N TYR I 60 37.68 5.52 -13.52
CA TYR I 60 36.54 5.12 -12.69
C TYR I 60 37.07 4.45 -11.43
N ALA I 61 36.35 4.65 -10.33
CA ALA I 61 36.54 3.81 -9.17
C ALA I 61 36.24 2.35 -9.53
N ASP I 62 37.02 1.42 -8.96
CA ASP I 62 36.76 0.00 -9.18
C ASP I 62 35.32 -0.37 -8.90
N SER I 63 34.71 0.24 -7.87
CA SER I 63 33.37 -0.11 -7.43
C SER I 63 32.29 0.23 -8.45
N VAL I 64 32.56 1.12 -9.40
CA VAL I 64 31.57 1.51 -10.39
C VAL I 64 31.97 1.17 -11.82
N LYS I 65 33.21 0.77 -12.08
CA LYS I 65 33.63 0.66 -13.47
C LYS I 65 32.90 -0.50 -14.15
N GLY I 66 32.59 -0.31 -15.45
CA GLY I 66 31.72 -1.19 -16.19
C GLY I 66 30.25 -0.85 -16.07
N ARG I 67 29.87 -0.04 -15.09
CA ARG I 67 28.49 0.35 -14.87
C ARG I 67 28.26 1.84 -15.08
N PHE I 68 29.24 2.69 -14.77
CA PHE I 68 29.12 4.13 -14.92
C PHE I 68 29.93 4.59 -16.12
N THR I 69 29.45 5.65 -16.79
CA THR I 69 30.16 6.28 -17.90
C THR I 69 30.19 7.78 -17.68
N ILE I 70 31.38 8.36 -17.58
CA ILE I 70 31.53 9.81 -17.50
C ILE I 70 31.70 10.36 -18.92
N SER I 71 31.20 11.57 -19.13
CA SER I 71 31.38 12.28 -20.39
C SER I 71 31.22 13.77 -20.12
N ARG I 72 31.64 14.58 -21.09
CA ARG I 72 31.44 16.03 -21.02
C ARG I 72 31.04 16.56 -22.40
N ASP I 73 30.26 17.64 -22.37
CA ASP I 73 29.84 18.39 -23.55
C ASP I 73 30.34 19.81 -23.35
N ASN I 74 31.50 20.13 -23.90
CA ASN I 74 32.07 21.45 -23.66
C ASN I 74 31.19 22.54 -24.24
N ALA I 75 30.54 22.28 -25.37
CA ALA I 75 29.70 23.31 -25.96
C ALA I 75 28.58 23.72 -25.00
N LYS I 76 28.13 22.81 -24.15
CA LYS I 76 27.06 23.10 -23.22
C LYS I 76 27.58 23.32 -21.81
N ASN I 77 28.89 23.39 -21.63
CA ASN I 77 29.51 23.60 -20.32
C ASN I 77 28.96 22.61 -19.29
N SER I 78 28.82 21.34 -19.71
CA SER I 78 28.15 20.33 -18.92
C SER I 78 29.00 19.07 -18.79
N LEU I 79 28.87 18.44 -17.62
CA LEU I 79 29.43 17.16 -17.28
C LEU I 79 28.31 16.16 -16.98
N TYR I 80 28.51 14.90 -17.35
CA TYR I 80 27.48 13.89 -17.16
C TYR I 80 28.04 12.61 -16.53
N LEU I 81 27.14 11.88 -15.88
CA LEU I 81 27.43 10.53 -15.37
C LEU I 81 26.24 9.63 -15.66
N GLN I 82 26.45 8.66 -16.54
CA GLN I 82 25.44 7.66 -16.83
C GLN I 82 25.63 6.48 -15.87
N MET I 83 24.63 6.20 -15.04
CA MET I 83 24.79 5.17 -14.02
C MET I 83 23.83 4.01 -14.33
N ASN I 84 24.39 2.87 -14.70
CA ASN I 84 23.59 1.67 -14.95
C ASN I 84 23.66 0.68 -13.79
N SER I 85 22.71 -0.25 -13.80
CA SER I 85 22.73 -1.40 -12.88
C SER I 85 22.94 -0.93 -11.45
N LEU I 86 22.17 0.06 -11.06
CA LEU I 86 22.37 0.69 -9.76
C LEU I 86 22.08 -0.29 -8.63
N ARG I 87 22.85 -0.15 -7.55
CA ARG I 87 22.72 -0.98 -6.35
C ARG I 87 22.43 -0.09 -5.16
N ALA I 88 22.01 -0.73 -4.07
CA ALA I 88 21.81 -0.02 -2.82
C ALA I 88 23.09 0.70 -2.37
N GLU I 89 24.26 0.10 -2.61
CA GLU I 89 25.51 0.71 -2.18
C GLU I 89 25.87 1.95 -2.97
N ASP I 90 25.18 2.24 -4.07
CA ASP I 90 25.41 3.46 -4.83
C ASP I 90 24.59 4.62 -4.31
N MET I 91 23.72 4.37 -3.33
CA MET I 91 22.97 5.45 -2.71
C MET I 91 23.93 6.45 -2.05
N ALA I 92 23.77 7.71 -2.44
CA ALA I 92 24.70 8.75 -2.01
C ALA I 92 24.26 10.08 -2.60
N LEU I 93 24.74 11.14 -1.97
CA LEU I 93 24.74 12.46 -2.56
C LEU I 93 25.90 12.50 -3.54
N TYR I 94 25.63 12.88 -4.80
CA TYR I 94 26.67 12.93 -5.84
C TYR I 94 27.03 14.39 -6.12
N TYR I 95 28.30 14.75 -5.90
CA TYR I 95 28.81 16.10 -6.16
C TYR I 95 29.51 16.15 -7.50
N CYS I 96 29.20 17.16 -8.27
CA CYS I 96 30.03 17.55 -9.41
C CYS I 96 31.17 18.45 -8.93
N VAL I 97 32.37 18.17 -9.41
CA VAL I 97 33.59 18.75 -8.85
C VAL I 97 34.54 19.18 -9.96
N LYS I 98 35.05 20.41 -9.85
CA LYS I 98 36.04 20.95 -10.78
C LYS I 98 37.44 20.61 -10.29
N GLY I 99 38.25 20.07 -11.19
CA GLY I 99 39.64 19.80 -10.87
C GLY I 99 40.53 21.01 -11.08
N ARG I 100 41.60 21.06 -10.32
CA ARG I 100 42.76 21.91 -10.61
C ARG I 100 43.94 21.01 -10.92
N ASP I 101 44.61 21.27 -12.05
CA ASP I 101 45.56 20.36 -12.65
C ASP I 101 46.98 20.92 -12.61
N TYR I 102 47.95 20.03 -12.81
CA TYR I 102 49.36 20.35 -12.62
C TYR I 102 50.19 19.45 -13.53
N TYR I 103 51.28 20.01 -14.09
CA TYR I 103 52.14 19.27 -14.99
C TYR I 103 53.37 18.76 -14.25
N ASP I 104 53.64 17.45 -14.33
CA ASP I 104 54.83 16.89 -13.69
C ASP I 104 55.21 15.60 -14.38
N SER I 105 56.52 15.42 -14.60
CA SER I 105 57.04 14.18 -15.15
C SER I 105 56.29 13.77 -16.42
N GLY I 106 56.12 14.73 -17.32
CA GLY I 106 55.59 14.45 -18.64
C GLY I 106 54.09 14.29 -18.72
N GLY I 107 53.37 14.66 -17.68
CA GLY I 107 51.93 14.47 -17.65
C GLY I 107 51.22 15.59 -16.93
N TYR I 108 49.98 15.82 -17.35
CA TYR I 108 49.11 16.86 -16.80
C TYR I 108 47.97 16.15 -16.05
N PHE I 109 47.83 16.42 -14.75
CA PHE I 109 46.91 15.62 -13.94
C PHE I 109 46.35 16.46 -12.80
N THR I 110 45.17 16.04 -12.31
CA THR I 110 44.50 16.78 -11.25
C THR I 110 45.26 16.66 -9.94
N VAL I 111 45.38 17.80 -9.23
CA VAL I 111 46.00 17.80 -7.90
C VAL I 111 45.06 18.34 -6.82
N ALA I 112 43.89 18.87 -7.19
CA ALA I 112 42.96 19.36 -6.19
C ALA I 112 41.56 19.43 -6.80
N PHE I 113 40.57 19.38 -5.92
CA PHE I 113 39.16 19.61 -6.26
C PHE I 113 38.80 20.94 -5.61
N ASP I 114 38.82 22.04 -6.39
CA ASP I 114 38.70 23.35 -5.77
C ASP I 114 37.27 23.91 -5.76
N ILE I 115 36.39 23.46 -6.65
CA ILE I 115 34.99 23.88 -6.64
C ILE I 115 34.11 22.63 -6.59
N TRP I 116 33.10 22.65 -5.72
CA TRP I 116 32.20 21.52 -5.52
C TRP I 116 30.76 22.02 -5.66
N GLY I 117 29.93 21.28 -6.37
CA GLY I 117 28.51 21.56 -6.36
C GLY I 117 27.88 21.15 -5.03
N GLN I 118 26.61 21.53 -4.85
CA GLN I 118 25.87 21.18 -3.63
C GLN I 118 25.46 19.71 -3.60
N GLY I 119 25.42 19.05 -4.74
CA GLY I 119 25.16 17.64 -4.84
C GLY I 119 23.72 17.35 -5.24
N THR I 120 23.53 16.21 -5.89
CA THR I 120 22.19 15.72 -6.20
C THR I 120 22.05 14.34 -5.55
N MET I 121 20.93 14.13 -4.88
CA MET I 121 20.78 12.95 -4.03
C MET I 121 20.27 11.77 -4.84
N VAL I 122 20.99 10.64 -4.73
CA VAL I 122 20.61 9.41 -5.42
C VAL I 122 20.21 8.37 -4.39
N THR I 123 18.96 7.94 -4.47
CA THR I 123 18.36 6.96 -3.56
C THR I 123 18.05 5.71 -4.35
N VAL I 124 18.69 4.62 -4.00
CA VAL I 124 18.51 3.35 -4.68
C VAL I 124 17.86 2.40 -3.69
N SER I 125 16.61 2.03 -3.96
CA SER I 125 15.88 1.18 -3.04
C SER I 125 14.76 0.45 -3.78
N SER I 126 14.49 -0.77 -3.36
CA SER I 126 13.30 -1.48 -3.83
C SER I 126 12.11 -1.29 -2.91
N ALA I 127 12.25 -0.50 -1.85
CA ALA I 127 11.16 -0.31 -0.90
C ALA I 127 10.07 0.58 -1.49
N SER I 128 8.84 0.30 -1.07
CA SER I 128 7.68 1.09 -1.45
C SER I 128 7.44 2.19 -0.42
N THR I 129 6.87 3.30 -0.88
CA THR I 129 6.59 4.42 0.03
C THR I 129 5.63 3.99 1.12
N LYS I 130 5.97 4.33 2.37
CA LYS I 130 5.22 3.85 3.54
C LYS I 130 5.37 4.84 4.69
N GLY I 131 4.24 5.13 5.34
CA GLY I 131 4.24 5.95 6.53
C GLY I 131 4.70 5.17 7.74
N PRO I 132 5.22 5.83 8.76
CA PRO I 132 5.67 5.13 9.96
C PRO I 132 4.52 4.70 10.85
N SER I 133 4.78 3.64 11.61
CA SER I 133 4.05 3.39 12.84
C SER I 133 4.77 4.13 13.94
N VAL I 134 4.00 4.75 14.85
CA VAL I 134 4.56 5.53 15.94
C VAL I 134 4.24 4.83 17.25
N PHE I 135 5.30 4.43 17.97
CA PHE I 135 5.09 3.72 19.23
C PHE I 135 5.64 4.53 20.41
N PRO I 136 4.96 4.51 21.55
CA PRO I 136 5.43 5.25 22.73
C PRO I 136 6.67 4.61 23.30
N LEU I 137 7.58 5.47 23.78
CA LEU I 137 8.69 5.10 24.64
C LEU I 137 8.26 5.57 26.02
N ALA I 138 7.64 4.67 26.74
CA ALA I 138 6.87 5.06 27.90
C ALA I 138 7.79 5.37 29.08
N PRO I 139 7.52 6.45 29.82
CA PRO I 139 8.32 6.72 31.02
C PRO I 139 7.88 5.81 32.17
N SER I 140 8.87 5.22 32.82
CA SER I 140 8.67 4.21 33.86
C SER I 140 9.76 4.42 34.90
N SER I 141 9.71 3.59 35.95
CA SER I 141 10.76 3.61 36.96
C SER I 141 12.11 3.25 36.40
N LYS I 142 12.17 2.68 35.19
CA LYS I 142 13.42 2.35 34.54
C LYS I 142 13.94 3.47 33.63
N SER I 143 13.22 4.58 33.53
CA SER I 143 13.64 5.70 32.68
C SER I 143 13.66 7.01 33.45
N THR I 144 14.05 6.97 34.72
CA THR I 144 14.23 8.18 35.52
C THR I 144 15.70 8.35 35.89
N SER I 145 16.05 9.59 36.21
CA SER I 145 17.42 10.00 36.54
C SER I 145 17.27 11.27 37.34
N GLY I 146 17.62 11.22 38.62
CA GLY I 146 17.36 12.33 39.51
C GLY I 146 15.87 12.67 39.55
N GLY I 147 15.57 13.93 39.29
CA GLY I 147 14.20 14.42 39.32
C GLY I 147 13.55 14.47 37.95
N THR I 148 14.15 13.79 36.99
CA THR I 148 13.69 13.82 35.61
C THR I 148 13.30 12.42 35.14
N ALA I 149 12.40 12.41 34.19
CA ALA I 149 11.99 11.20 33.49
C ALA I 149 12.28 11.40 32.00
N ALA I 150 12.72 10.35 31.32
CA ALA I 150 12.83 10.35 29.87
C ALA I 150 11.65 9.61 29.27
N LEU I 151 11.18 10.12 28.14
CA LEU I 151 10.12 9.50 27.36
C LEU I 151 10.39 9.84 25.90
N GLY I 152 9.66 9.18 25.00
CA GLY I 152 9.83 9.51 23.59
C GLY I 152 8.85 8.74 22.72
N CYS I 153 9.13 8.76 21.42
CA CYS I 153 8.35 8.08 20.41
C CYS I 153 9.31 7.34 19.49
N LEU I 154 8.96 6.09 19.17
CA LEU I 154 9.69 5.31 18.19
C LEU I 154 8.94 5.43 16.88
N VAL I 155 9.58 6.03 15.89
CA VAL I 155 8.99 6.29 14.57
C VAL I 155 9.56 5.23 13.64
N LYS I 156 8.80 4.17 13.39
CA LYS I 156 9.35 2.94 12.84
C LYS I 156 8.77 2.58 11.47
N ASP I 157 9.65 2.07 10.60
CA ASP I 157 9.28 1.40 9.36
C ASP I 157 8.64 2.33 8.34
N TYR I 158 9.34 3.40 7.97
CA TYR I 158 8.82 4.33 6.98
C TYR I 158 9.80 4.42 5.80
N PHE I 159 9.28 4.93 4.67
CA PHE I 159 10.11 5.19 3.50
C PHE I 159 9.42 6.16 2.53
N PRO I 160 10.19 7.11 1.94
CA PRO I 160 11.61 7.40 2.15
C PRO I 160 11.80 8.40 3.29
N GLU I 161 13.05 8.78 3.53
CA GLU I 161 13.33 9.94 4.36
C GLU I 161 12.68 11.16 3.71
N PRO I 162 12.38 12.20 4.50
CA PRO I 162 12.54 12.32 5.94
C PRO I 162 11.20 12.26 6.68
N VAL I 163 11.26 12.14 8.00
CA VAL I 163 10.12 12.45 8.88
C VAL I 163 10.52 13.65 9.70
N THR I 164 9.53 14.40 10.15
CA THR I 164 9.74 15.40 11.19
C THR I 164 9.02 15.00 12.48
N VAL I 165 9.58 15.40 13.62
CA VAL I 165 8.99 15.15 14.93
C VAL I 165 9.01 16.43 15.73
N SER I 166 7.85 16.82 16.26
CA SER I 166 7.76 17.85 17.30
C SER I 166 7.06 17.26 18.51
N TRP I 167 7.08 18.03 19.60
CA TRP I 167 6.44 17.64 20.86
C TRP I 167 5.46 18.72 21.31
N ASN I 168 4.25 18.30 21.69
CA ASN I 168 3.21 19.25 22.08
C ASN I 168 3.13 20.44 21.11
N SER I 169 3.17 20.13 19.81
CA SER I 169 2.92 21.11 18.74
C SER I 169 3.96 22.24 18.75
N GLY I 170 5.18 21.95 19.19
CA GLY I 170 6.24 22.95 19.24
C GLY I 170 6.43 23.60 20.59
N ALA I 171 5.53 23.35 21.55
CA ALA I 171 5.64 23.96 22.86
C ALA I 171 6.77 23.35 23.67
N LEU I 172 7.15 22.11 23.37
CA LEU I 172 8.19 21.39 24.10
C LEU I 172 9.39 21.21 23.17
N THR I 173 10.50 21.89 23.46
CA THR I 173 11.71 21.84 22.62
C THR I 173 12.96 21.57 23.48
N SER I 174 12.98 22.13 24.69
CA SER I 174 14.13 21.93 25.58
C SER I 174 14.23 20.45 25.98
N GLY I 175 15.42 19.89 25.85
CA GLY I 175 15.69 18.51 26.19
C GLY I 175 15.30 17.49 25.14
N VAL I 176 14.79 17.93 23.99
CA VAL I 176 14.41 17.00 22.92
C VAL I 176 15.65 16.61 22.12
N HIS I 177 15.83 15.31 21.91
CA HIS I 177 16.81 14.78 20.96
C HIS I 177 16.07 13.87 19.99
N THR I 178 16.06 14.26 18.71
CA THR I 178 15.52 13.43 17.65
C THR I 178 16.69 12.85 16.85
N PHE I 179 16.83 11.55 16.90
CA PHE I 179 18.03 10.90 16.38
C PHE I 179 18.01 10.78 14.85
N PRO I 180 19.16 10.72 14.21
CA PRO I 180 19.20 10.37 12.78
C PRO I 180 18.52 9.03 12.56
N ALA I 181 17.83 8.91 11.43
CA ALA I 181 17.19 7.65 11.08
C ALA I 181 18.26 6.59 10.82
N VAL I 182 17.89 5.33 11.01
CA VAL I 182 18.73 4.21 10.63
C VAL I 182 17.98 3.44 9.56
N LEU I 183 18.73 2.91 8.59
CA LEU I 183 18.14 2.07 7.55
C LEU I 183 18.21 0.64 8.06
N GLN I 184 17.05 0.01 8.19
CA GLN I 184 16.97 -1.35 8.67
C GLN I 184 17.21 -2.32 7.52
N SER I 185 17.45 -3.59 7.87
CA SER I 185 17.66 -4.61 6.85
C SER I 185 16.43 -4.80 5.97
N SER I 186 15.24 -4.47 6.47
CA SER I 186 14.01 -4.50 5.68
C SER I 186 13.95 -3.46 4.57
N GLY I 187 14.87 -2.48 4.55
CA GLY I 187 14.79 -1.38 3.63
C GLY I 187 13.98 -0.20 4.12
N LEU I 188 13.32 -0.32 5.27
CA LEU I 188 12.59 0.80 5.85
C LEU I 188 13.45 1.48 6.90
N TYR I 189 13.16 2.74 7.15
CA TYR I 189 13.88 3.53 8.13
C TYR I 189 13.17 3.49 9.48
N SER I 190 13.95 3.81 10.52
CA SER I 190 13.43 3.91 11.87
C SER I 190 14.20 5.00 12.60
N LEU I 191 13.55 5.60 13.57
CA LEU I 191 14.05 6.77 14.27
C LEU I 191 13.33 6.87 15.60
N SER I 192 14.03 7.29 16.64
CA SER I 192 13.41 7.67 17.90
C SER I 192 13.63 9.15 18.17
N SER I 193 12.63 9.75 18.82
CA SER I 193 12.70 11.07 19.39
C SER I 193 12.43 10.93 20.88
N VAL I 194 13.31 11.51 21.70
CA VAL I 194 13.21 11.40 23.15
C VAL I 194 13.24 12.79 23.76
N VAL I 195 12.77 12.84 25.01
CA VAL I 195 12.80 14.07 25.79
C VAL I 195 12.83 13.73 27.27
N THR I 196 13.51 14.58 28.03
CA THR I 196 13.54 14.49 29.48
C THR I 196 12.63 15.58 30.01
N VAL I 197 11.84 15.24 31.01
CA VAL I 197 10.79 16.10 31.55
C VAL I 197 10.84 15.96 33.05
N PRO I 198 10.19 16.87 33.80
CA PRO I 198 10.12 16.71 35.25
C PRO I 198 9.30 15.47 35.64
N SER I 199 9.87 14.65 36.49
CA SER I 199 9.12 13.46 36.87
C SER I 199 7.95 13.77 37.81
N SER I 200 7.94 14.96 38.44
CA SER I 200 6.92 15.27 39.45
C SER I 200 5.53 15.54 38.89
N SER I 201 5.44 15.86 37.60
CA SER I 201 4.19 16.09 36.91
C SER I 201 3.82 14.92 35.99
N LEU I 202 4.61 13.86 36.02
CA LEU I 202 4.44 12.74 35.10
C LEU I 202 3.08 12.08 35.29
N GLY I 203 2.42 11.82 34.17
CA GLY I 203 1.10 11.25 34.08
C GLY I 203 0.00 12.28 34.19
N THR I 204 0.26 13.38 34.87
CA THR I 204 -0.67 14.49 34.86
C THR I 204 -0.45 15.33 33.62
N GLN I 205 0.80 15.54 33.24
CA GLN I 205 1.16 16.36 32.11
C GLN I 205 1.08 15.54 30.83
N THR I 206 0.39 16.08 29.84
CA THR I 206 0.26 15.44 28.54
C THR I 206 1.52 15.67 27.71
N TYR I 207 2.02 14.60 27.09
CA TYR I 207 3.13 14.64 26.15
C TYR I 207 2.70 13.92 24.89
N ILE I 208 2.66 14.66 23.77
CA ILE I 208 2.22 14.15 22.48
C ILE I 208 3.34 14.44 21.48
N CYS I 209 3.79 13.41 20.76
CA CYS I 209 4.74 13.64 19.67
C CYS I 209 3.96 13.79 18.36
N ASN I 210 4.30 14.82 17.60
CA ASN I 210 3.67 15.09 16.30
C ASN I 210 4.64 14.66 15.21
N VAL I 211 4.29 13.60 14.50
CA VAL I 211 5.14 12.98 13.51
C VAL I 211 4.54 13.26 12.14
N ASN I 212 5.36 13.76 11.21
CA ASN I 212 4.86 14.02 9.86
C ASN I 212 5.76 13.34 8.84
N HIS I 213 5.15 12.61 7.91
CA HIS I 213 5.88 11.94 6.83
C HIS I 213 5.22 12.40 5.52
N LYS I 214 5.76 13.48 5.02
CA LYS I 214 5.23 14.12 3.82
C LYS I 214 5.10 13.12 2.58
N PRO I 215 6.10 12.28 2.32
CA PRO I 215 6.03 11.41 1.13
C PRO I 215 4.81 10.50 1.11
N SER I 216 4.26 10.17 2.27
CA SER I 216 3.05 9.36 2.37
C SER I 216 1.84 10.17 2.82
N ASN I 217 2.01 11.44 2.98
CA ASN I 217 0.96 12.29 3.51
C ASN I 217 0.41 11.69 4.82
N THR I 218 1.32 11.30 5.71
CA THR I 218 1.00 10.73 7.02
C THR I 218 1.31 11.74 8.12
N LYS I 219 0.32 11.96 8.98
CA LYS I 219 0.41 12.84 10.13
C LYS I 219 -0.12 12.07 11.32
N VAL I 220 0.72 11.84 12.33
CA VAL I 220 0.35 11.05 13.50
C VAL I 220 0.70 11.85 14.75
N ASP I 221 -0.27 12.01 15.65
CA ASP I 221 -0.05 12.55 16.98
C ASP I 221 -0.25 11.43 18.00
N LYS I 222 0.80 11.12 18.74
CA LYS I 222 0.82 9.98 19.63
C LYS I 222 1.00 10.48 21.05
N LYS I 223 0.03 10.20 21.90
CA LYS I 223 0.13 10.54 23.32
C LYS I 223 0.95 9.45 24.01
N VAL I 224 1.94 9.86 24.78
CA VAL I 224 2.89 8.96 25.40
C VAL I 224 2.55 8.90 26.89
N GLU I 225 2.07 7.75 27.33
CA GLU I 225 1.59 7.60 28.71
C GLU I 225 2.59 6.82 29.56
N PRO I 226 2.57 6.98 30.87
CA PRO I 226 3.53 6.26 31.72
C PRO I 226 3.30 4.76 31.62
N LYS I 227 4.29 4.00 32.08
CA LYS I 227 4.19 2.55 32.13
C LYS I 227 4.76 2.02 33.44
N SER I 228 4.05 1.03 34.01
CA SER I 228 4.55 0.28 35.16
C SER I 228 5.61 -0.68 34.67
N CYS I 229 6.84 -0.47 35.13
CA CYS I 229 7.96 -1.33 34.72
C CYS I 229 8.79 -1.46 35.99
N GLY I 230 8.59 -2.56 36.71
CA GLY I 230 9.26 -2.76 37.98
C GLY I 230 8.71 -1.87 39.09
N ARG I 231 9.28 -2.12 40.27
CA ARG I 231 8.88 -1.44 41.50
C ARG I 231 9.46 -0.04 41.58
N LEU I 232 8.85 0.77 42.44
CA LEU I 232 9.42 2.07 42.77
C LEU I 232 10.78 1.86 43.45
N VAL I 233 11.65 2.86 43.31
CA VAL I 233 12.98 2.79 43.92
C VAL I 233 13.33 4.11 44.61
#